data_5W8L
#
_entry.id   5W8L
#
_cell.length_a   135.340
_cell.length_b   95.340
_cell.length_c   121.720
_cell.angle_alpha   90.000
_cell.angle_beta   90.000
_cell.angle_gamma   90.000
#
_symmetry.space_group_name_H-M   'P 21 21 2'
#
loop_
_entity.id
_entity.type
_entity.pdbx_description
1 polymer 'L-lactate dehydrogenase A chain'
2 non-polymer '1,4-DIHYDRONICOTINAMIDE ADENINE DINUCLEOTIDE'
3 non-polymer "2-{3-([1,1'-biphenyl]-3-yl)-5-(cyclopropylmethyl)-4-[(4-sulfamoylphenyl)methyl]-1H-pyrazol-1-yl}-1,3-thiazole-4-carboxylic acid"
4 non-polymer 1,2-ETHANEDIOL
5 water water
#
_entity_poly.entity_id   1
_entity_poly.type   'polypeptide(L)'
_entity_poly.pdbx_seq_one_letter_code
;MATLKDQLIYNLLKEEQTPQNKITVVGVGAVGMACAISILMKDLADELALVDVIEDKLKGEMMDLQHGSLFLRTPKIVSG
KDYNVTANSKLVIITAGARQQEGESRLNLVQRNVNIFKFIIPNVVKYSPNCKLLIVSNPVDILTYVAWKISGFPKNRVIG
SGCNLDSARFRYLMGERLGVHPLSCHGWVLGEHGDSSVPVWSGMNVAGVSLKTLHPDLGTDKDKEQWKEVHKQVVESAYE
VIKLKGYTSWAIGLSVADLAESIMKNLRRVHPVSTMIKGLYGIKDDVFLSVPCILGQNGISDLVKVTLTSEEEARLKKSA
DTLWGIQKELQF
;
_entity_poly.pdbx_strand_id   A,B,C,D
#
loop_
_chem_comp.id
_chem_comp.type
_chem_comp.name
_chem_comp.formula
9YA non-polymer '2-{3-([1,1'-biphenyl]-3-yl)-5-(cyclopropylmethyl)-4-[(4-sulfamoylphenyl)methyl]-1H-pyrazol-1-yl}-1,3-thiazole-4-carboxylic acid' 'C30 H26 N4 O4 S2'
EDO non-polymer 1,2-ETHANEDIOL 'C2 H6 O2'
NAI non-polymer '1,4-DIHYDRONICOTINAMIDE ADENINE DINUCLEOTIDE' 'C21 H29 N7 O14 P2'
#
# COMPACT_ATOMS: atom_id res chain seq x y z
N ALA A 2 -23.94 43.08 17.11
CA ALA A 2 -24.16 41.64 17.11
C ALA A 2 -24.45 41.12 15.70
N THR A 3 -23.77 40.04 15.33
CA THR A 3 -24.03 39.42 14.03
C THR A 3 -25.43 38.82 13.98
N LEU A 4 -25.89 38.57 12.76
CA LEU A 4 -27.14 37.86 12.58
C LEU A 4 -27.10 36.50 13.28
N LYS A 5 -25.98 35.77 13.17
CA LYS A 5 -25.88 34.48 13.84
C LYS A 5 -26.10 34.63 15.35
N ASP A 6 -25.49 35.64 15.96
CA ASP A 6 -25.66 35.84 17.39
C ASP A 6 -27.02 36.41 17.73
N GLN A 7 -27.64 37.18 16.82
CA GLN A 7 -29.03 37.61 17.01
C GLN A 7 -29.98 36.43 17.03
N LEU A 8 -29.71 35.43 16.20
CA LEU A 8 -30.61 34.29 16.05
C LEU A 8 -30.35 33.22 17.09
N ILE A 9 -29.09 33.01 17.46
CA ILE A 9 -28.66 31.81 18.18
C ILE A 9 -27.89 32.21 19.43
N TYR A 10 -28.36 31.76 20.58
CA TYR A 10 -27.66 31.87 21.85
C TYR A 10 -26.81 30.63 22.08
N ASN A 11 -25.52 30.82 22.32
CA ASN A 11 -24.57 29.72 22.47
C ASN A 11 -24.44 29.30 23.94
N LEU A 12 -24.64 28.00 24.21
CA LEU A 12 -24.42 27.45 25.55
C LEU A 12 -23.02 26.93 25.76
N LEU A 13 -22.42 26.36 24.72
CA LEU A 13 -21.20 25.58 24.84
C LEU A 13 -20.17 26.09 23.84
N LYS A 14 -19.00 26.49 24.34
CA LYS A 14 -17.80 26.47 23.53
C LYS A 14 -17.30 25.03 23.61
N GLU A 15 -17.55 24.26 22.58
CA GLU A 15 -17.44 22.82 22.67
C GLU A 15 -16.14 22.31 22.06
N GLU A 16 -15.75 21.11 22.49
CA GLU A 16 -14.66 20.37 21.88
C GLU A 16 -15.21 19.63 20.67
N GLN A 17 -14.96 20.18 19.48
CA GLN A 17 -15.28 19.47 18.24
C GLN A 17 -14.43 18.21 18.14
N THR A 18 -14.88 17.14 18.79
CA THR A 18 -14.08 15.93 18.96
C THR A 18 -14.76 14.76 18.25
N PRO A 19 -14.15 14.15 17.25
CA PRO A 19 -14.88 13.22 16.37
C PRO A 19 -15.03 11.84 17.01
N GLN A 20 -16.23 11.28 16.93
CA GLN A 20 -16.53 10.04 17.63
C GLN A 20 -16.61 8.82 16.73
N ASN A 21 -17.02 8.99 15.47
CA ASN A 21 -17.21 7.87 14.57
C ASN A 21 -16.66 8.28 13.21
N LYS A 22 -15.37 8.59 13.18
CA LYS A 22 -14.75 9.19 12.01
C LYS A 22 -14.12 8.14 11.11
N ILE A 23 -14.26 8.33 9.80
CA ILE A 23 -13.63 7.50 8.79
C ILE A 23 -12.83 8.40 7.87
N THR A 24 -11.66 7.93 7.44
CA THR A 24 -10.85 8.59 6.41
C THR A 24 -10.73 7.68 5.20
N VAL A 25 -10.86 8.25 4.01
CA VAL A 25 -10.52 7.60 2.75
C VAL A 25 -9.32 8.32 2.16
N VAL A 26 -8.24 7.58 1.88
CA VAL A 26 -7.05 8.12 1.23
C VAL A 26 -7.03 7.64 -0.22
N GLY A 27 -7.00 8.60 -1.15
CA GLY A 27 -7.06 8.33 -2.57
C GLY A 27 -8.48 8.56 -3.05
N VAL A 28 -8.72 9.61 -3.83
CA VAL A 28 -10.09 9.91 -4.25
C VAL A 28 -10.23 9.66 -5.74
N GLY A 29 -9.68 8.55 -6.22
CA GLY A 29 -10.03 8.05 -7.53
C GLY A 29 -11.45 7.50 -7.53
N ALA A 30 -11.81 6.80 -8.61
CA ALA A 30 -13.15 6.25 -8.70
C ALA A 30 -13.45 5.32 -7.52
N VAL A 31 -12.46 4.53 -7.12
CA VAL A 31 -12.67 3.60 -6.00
C VAL A 31 -12.86 4.34 -4.69
N GLY A 32 -11.93 5.26 -4.37
CA GLY A 32 -12.07 6.01 -3.13
C GLY A 32 -13.41 6.72 -3.03
N MET A 33 -13.86 7.35 -4.12
CA MET A 33 -15.10 8.10 -4.06
C MET A 33 -16.32 7.17 -4.00
N ALA A 34 -16.23 6.00 -4.62
CA ALA A 34 -17.31 5.02 -4.46
C ALA A 34 -17.39 4.53 -3.02
N CYS A 35 -16.24 4.31 -2.37
CA CYS A 35 -16.27 3.98 -0.96
C CYS A 35 -16.89 5.13 -0.16
N ALA A 36 -16.53 6.36 -0.50
CA ALA A 36 -17.03 7.53 0.23
C ALA A 36 -18.53 7.65 0.11
N ILE A 37 -19.06 7.62 -1.11
CA ILE A 37 -20.51 7.79 -1.27
C ILE A 37 -21.24 6.63 -0.61
N SER A 38 -20.66 5.41 -0.66
CA SER A 38 -21.33 4.26 -0.07
C SER A 38 -21.37 4.37 1.44
N ILE A 39 -20.27 4.83 2.04
CA ILE A 39 -20.23 5.04 3.49
C ILE A 39 -21.20 6.15 3.90
N LEU A 40 -21.27 7.22 3.09
CA LEU A 40 -22.18 8.31 3.38
C LEU A 40 -23.63 7.88 3.31
N MET A 41 -23.99 7.08 2.30
CA MET A 41 -25.37 6.69 2.18
C MET A 41 -25.76 5.61 3.18
N LYS A 42 -24.80 4.96 3.84
CA LYS A 42 -25.12 4.01 4.89
C LYS A 42 -25.02 4.60 6.29
N ASP A 43 -24.74 5.90 6.42
CA ASP A 43 -24.75 6.60 7.71
C ASP A 43 -23.77 5.97 8.71
N LEU A 44 -22.57 5.64 8.25
CA LEU A 44 -21.64 4.91 9.10
C LEU A 44 -20.72 5.81 9.90
N ALA A 45 -20.56 7.07 9.49
CA ALA A 45 -19.57 7.95 10.11
C ALA A 45 -20.24 9.26 10.51
N ASP A 46 -19.75 9.88 11.58
CA ASP A 46 -20.17 11.24 11.87
C ASP A 46 -19.20 12.28 11.31
N GLU A 47 -18.08 11.84 10.77
CA GLU A 47 -17.13 12.72 10.11
C GLU A 47 -16.40 11.89 9.06
N LEU A 48 -16.26 12.45 7.86
CA LEU A 48 -15.55 11.81 6.76
C LEU A 48 -14.42 12.71 6.31
N ALA A 49 -13.20 12.18 6.27
CA ALA A 49 -12.04 12.91 5.79
C ALA A 49 -11.52 12.25 4.52
N LEU A 50 -11.18 13.08 3.53
CA LEU A 50 -10.62 12.64 2.26
C LEU A 50 -9.20 13.18 2.14
N VAL A 51 -8.27 12.33 1.65
CA VAL A 51 -6.88 12.75 1.42
C VAL A 51 -6.47 12.29 0.03
N ASP A 52 -5.69 13.12 -0.66
CA ASP A 52 -5.08 12.76 -1.94
C ASP A 52 -3.87 13.67 -2.11
N VAL A 53 -3.10 13.42 -3.18
CA VAL A 53 -2.01 14.32 -3.53
C VAL A 53 -2.41 15.29 -4.64
N ILE A 54 -3.48 15.01 -5.36
CA ILE A 54 -3.96 15.90 -6.43
C ILE A 54 -4.90 16.91 -5.76
N GLU A 55 -4.44 18.15 -5.61
CA GLU A 55 -5.14 19.08 -4.72
C GLU A 55 -6.46 19.57 -5.29
N ASP A 56 -6.52 19.89 -6.58
CA ASP A 56 -7.77 20.41 -7.14
CA ASP A 56 -7.77 20.40 -7.15
C ASP A 56 -8.85 19.33 -7.15
N LYS A 57 -8.50 18.13 -7.61
CA LYS A 57 -9.46 17.03 -7.63
C LYS A 57 -10.00 16.76 -6.23
N LEU A 58 -9.12 16.76 -5.22
CA LEU A 58 -9.51 16.51 -3.85
C LEU A 58 -10.54 17.53 -3.36
N LYS A 59 -10.24 18.81 -3.55
CA LYS A 59 -11.16 19.86 -3.10
C LYS A 59 -12.48 19.77 -3.84
N GLY A 60 -12.43 19.51 -5.15
CA GLY A 60 -13.65 19.40 -5.93
C GLY A 60 -14.55 18.27 -5.46
N GLU A 61 -13.94 17.11 -5.18
CA GLU A 61 -14.75 15.98 -4.70
C GLU A 61 -15.33 16.29 -3.33
N MET A 62 -14.53 16.86 -2.44
CA MET A 62 -15.06 17.25 -1.14
C MET A 62 -16.25 18.20 -1.30
N MET A 63 -16.10 19.23 -2.13
CA MET A 63 -17.18 20.20 -2.30
C MET A 63 -18.43 19.55 -2.88
N ASP A 64 -18.24 18.64 -3.84
CA ASP A 64 -19.39 17.98 -4.45
C ASP A 64 -20.15 17.18 -3.40
N LEU A 65 -19.44 16.46 -2.52
CA LEU A 65 -20.10 15.78 -1.41
C LEU A 65 -20.80 16.77 -0.49
N GLN A 66 -20.10 17.86 -0.11
CA GLN A 66 -20.68 18.84 0.81
C GLN A 66 -21.99 19.41 0.26
N HIS A 67 -22.06 19.65 -1.04
CA HIS A 67 -23.27 20.20 -1.62
C HIS A 67 -24.45 19.25 -1.51
N GLY A 68 -24.18 17.97 -1.26
CA GLY A 68 -25.24 17.02 -0.99
C GLY A 68 -25.58 16.83 0.47
N SER A 69 -25.01 17.64 1.38
CA SER A 69 -25.19 17.45 2.81
C SER A 69 -26.64 17.41 3.24
N LEU A 70 -27.50 18.17 2.54
CA LEU A 70 -28.92 18.19 2.88
C LEU A 70 -29.51 16.79 2.83
N PHE A 71 -28.98 15.93 1.96
CA PHE A 71 -29.53 14.60 1.71
C PHE A 71 -28.80 13.50 2.48
N LEU A 72 -27.91 13.87 3.39
CA LEU A 72 -27.08 12.93 4.13
C LEU A 72 -27.25 13.16 5.63
N ARG A 73 -26.63 12.28 6.41
CA ARG A 73 -26.65 12.36 7.87
C ARG A 73 -25.23 12.27 8.41
N THR A 74 -24.26 12.79 7.65
CA THR A 74 -22.86 12.85 8.07
C THR A 74 -22.49 14.31 8.10
N PRO A 75 -22.46 14.93 9.28
CA PRO A 75 -22.50 16.40 9.35
C PRO A 75 -21.17 17.07 9.03
N LYS A 76 -20.06 16.35 8.94
CA LYS A 76 -18.77 16.98 8.72
C LYS A 76 -18.00 16.21 7.65
N ILE A 77 -17.68 16.88 6.56
CA ILE A 77 -16.88 16.30 5.49
C ILE A 77 -15.70 17.23 5.29
N VAL A 78 -14.49 16.69 5.43
CA VAL A 78 -13.28 17.50 5.31
C VAL A 78 -12.33 16.82 4.33
N SER A 79 -11.33 17.58 3.88
CA SER A 79 -10.29 17.03 3.02
C SER A 79 -9.03 17.87 3.15
N GLY A 80 -7.91 17.29 2.75
CA GLY A 80 -6.67 18.02 2.68
C GLY A 80 -5.52 17.10 2.32
N LYS A 81 -4.40 17.67 1.88
CA LYS A 81 -3.21 16.84 1.69
C LYS A 81 -2.48 16.59 3.00
N ASP A 82 -2.74 17.43 4.00
CA ASP A 82 -2.14 17.28 5.32
C ASP A 82 -2.96 16.27 6.10
N TYR A 83 -2.28 15.35 6.77
CA TYR A 83 -3.00 14.29 7.49
C TYR A 83 -3.60 14.77 8.80
N ASN A 84 -3.38 16.03 9.21
CA ASN A 84 -4.08 16.48 10.39
C ASN A 84 -5.58 16.45 10.20
N VAL A 85 -6.06 16.46 8.95
CA VAL A 85 -7.50 16.34 8.72
C VAL A 85 -7.99 14.95 9.09
N THR A 86 -7.09 13.97 9.20
CA THR A 86 -7.49 12.59 9.47
C THR A 86 -7.47 12.23 10.94
N ALA A 87 -7.12 13.17 11.82
CA ALA A 87 -6.87 12.85 13.22
C ALA A 87 -8.06 12.14 13.85
N ASN A 88 -7.75 11.11 14.65
CA ASN A 88 -8.74 10.41 15.47
C ASN A 88 -9.75 9.64 14.63
N SER A 89 -9.33 9.12 13.49
CA SER A 89 -10.21 8.25 12.71
C SER A 89 -10.30 6.88 13.38
N LYS A 90 -11.52 6.35 13.42
CA LYS A 90 -11.69 4.95 13.84
C LYS A 90 -11.21 4.00 12.76
N LEU A 91 -11.39 4.38 11.50
CA LEU A 91 -11.16 3.50 10.36
C LEU A 91 -10.58 4.32 9.23
N VAL A 92 -9.46 3.86 8.68
CA VAL A 92 -8.78 4.55 7.60
C VAL A 92 -8.68 3.58 6.44
N ILE A 93 -9.22 3.99 5.30
CA ILE A 93 -9.36 3.16 4.12
C ILE A 93 -8.36 3.66 3.09
N ILE A 94 -7.49 2.78 2.62
CA ILE A 94 -6.45 3.17 1.66
C ILE A 94 -6.86 2.67 0.28
N THR A 95 -7.15 3.61 -0.62
CA THR A 95 -7.46 3.31 -2.02
C THR A 95 -6.51 4.06 -2.94
N ALA A 96 -5.35 4.50 -2.44
CA ALA A 96 -4.43 5.26 -3.26
C ALA A 96 -3.56 4.32 -4.10
N GLY A 97 -3.13 4.82 -5.25
CA GLY A 97 -2.20 4.05 -6.07
C GLY A 97 -1.76 4.86 -7.27
N ALA A 98 -0.74 4.33 -7.94
CA ALA A 98 -0.16 4.93 -9.13
C ALA A 98 -0.93 4.50 -10.38
N ARG A 99 -0.84 5.31 -11.42
CA ARG A 99 -1.45 4.98 -12.71
C ARG A 99 -0.49 4.11 -13.52
N GLN A 100 -0.95 2.92 -13.90
CA GLN A 100 -0.17 2.07 -14.78
C GLN A 100 -0.01 2.75 -16.13
N GLN A 101 1.23 2.87 -16.59
CA GLN A 101 1.48 3.53 -17.85
CA GLN A 101 1.49 3.53 -17.86
C GLN A 101 1.25 2.57 -19.02
N GLU A 102 0.97 3.15 -20.19
CA GLU A 102 0.65 2.33 -21.36
C GLU A 102 1.85 1.47 -21.75
N GLY A 103 1.58 0.20 -22.04
CA GLY A 103 2.61 -0.77 -22.40
C GLY A 103 3.34 -1.46 -21.26
N GLU A 104 3.55 -0.76 -20.15
CA GLU A 104 4.32 -1.33 -19.06
C GLU A 104 3.54 -2.46 -18.39
N SER A 105 4.28 -3.30 -17.65
CA SER A 105 3.68 -4.41 -16.94
C SER A 105 3.21 -3.95 -15.57
N ARG A 106 2.09 -4.51 -15.12
CA ARG A 106 1.58 -4.16 -13.81
C ARG A 106 2.52 -4.53 -12.68
N LEU A 107 3.50 -5.41 -12.93
CA LEU A 107 4.52 -5.69 -11.92
C LEU A 107 5.29 -4.45 -11.54
N ASN A 108 5.43 -3.49 -12.47
CA ASN A 108 6.11 -2.24 -12.12
C ASN A 108 5.33 -1.44 -11.09
N LEU A 109 4.03 -1.71 -10.95
CA LEU A 109 3.21 -0.92 -10.04
C LEU A 109 3.45 -1.27 -8.59
N VAL A 110 3.92 -2.48 -8.29
CA VAL A 110 4.01 -2.90 -6.89
C VAL A 110 4.90 -1.94 -6.12
N GLN A 111 6.14 -1.76 -6.59
CA GLN A 111 7.05 -0.91 -5.86
C GLN A 111 6.62 0.54 -5.90
N ARG A 112 6.02 0.99 -7.02
CA ARG A 112 5.47 2.35 -7.02
CA ARG A 112 5.47 2.35 -7.03
C ARG A 112 4.43 2.53 -5.93
N ASN A 113 3.55 1.54 -5.75
CA ASN A 113 2.54 1.66 -4.71
C ASN A 113 3.13 1.45 -3.32
N VAL A 114 4.20 0.65 -3.22
CA VAL A 114 4.93 0.58 -1.95
C VAL A 114 5.46 1.96 -1.56
N ASN A 115 6.07 2.65 -2.54
CA ASN A 115 6.60 3.99 -2.27
C ASN A 115 5.50 4.96 -1.86
N ILE A 116 4.34 4.85 -2.49
CA ILE A 116 3.17 5.63 -2.05
C ILE A 116 2.83 5.31 -0.60
N PHE A 117 2.75 4.01 -0.27
CA PHE A 117 2.43 3.61 1.10
C PHE A 117 3.48 4.08 2.09
N LYS A 118 4.75 4.15 1.67
CA LYS A 118 5.80 4.64 2.57
C LYS A 118 5.55 6.09 2.98
N PHE A 119 4.84 6.85 2.15
CA PHE A 119 4.45 8.19 2.56
C PHE A 119 3.15 8.19 3.36
N ILE A 120 2.16 7.40 2.92
CA ILE A 120 0.81 7.46 3.49
C ILE A 120 0.79 6.90 4.91
N ILE A 121 1.27 5.66 5.07
CA ILE A 121 0.98 4.91 6.30
C ILE A 121 1.59 5.55 7.54
N PRO A 122 2.83 6.07 7.53
CA PRO A 122 3.30 6.73 8.76
C PRO A 122 2.48 7.94 9.13
N ASN A 123 1.95 8.65 8.14
CA ASN A 123 1.12 9.82 8.43
C ASN A 123 -0.23 9.42 9.02
N VAL A 124 -0.81 8.33 8.51
CA VAL A 124 -2.03 7.78 9.10
C VAL A 124 -1.81 7.46 10.57
N VAL A 125 -0.73 6.71 10.85
CA VAL A 125 -0.43 6.31 12.23
C VAL A 125 -0.20 7.53 13.10
N LYS A 126 0.51 8.54 12.57
CA LYS A 126 0.84 9.71 13.37
C LYS A 126 -0.42 10.39 13.94
N TYR A 127 -1.50 10.40 13.15
CA TYR A 127 -2.70 11.12 13.56
C TYR A 127 -3.84 10.22 14.06
N SER A 128 -3.81 8.91 13.76
CA SER A 128 -4.78 7.97 14.30
C SER A 128 -4.06 6.70 14.71
N PRO A 129 -3.29 6.75 15.80
CA PRO A 129 -2.49 5.57 16.18
C PRO A 129 -3.33 4.38 16.62
N ASN A 130 -4.62 4.57 16.90
CA ASN A 130 -5.51 3.50 17.33
C ASN A 130 -6.50 3.06 16.26
N CYS A 131 -6.35 3.54 15.02
CA CYS A 131 -7.35 3.22 14.00
C CYS A 131 -7.20 1.77 13.53
N LYS A 132 -8.24 1.31 12.85
CA LYS A 132 -8.14 0.13 12.00
C LYS A 132 -7.82 0.60 10.58
N LEU A 133 -6.90 -0.10 9.93
CA LEU A 133 -6.50 0.16 8.55
C LEU A 133 -7.16 -0.87 7.64
N LEU A 134 -7.87 -0.39 6.63
CA LEU A 134 -8.50 -1.24 5.63
C LEU A 134 -7.85 -0.93 4.28
N ILE A 135 -7.11 -1.89 3.73
CA ILE A 135 -6.34 -1.67 2.51
C ILE A 135 -7.14 -2.20 1.31
N VAL A 136 -7.26 -1.39 0.27
CA VAL A 136 -8.00 -1.75 -0.93
C VAL A 136 -7.10 -1.76 -2.16
N SER A 137 -6.10 -0.87 -2.19
CA SER A 137 -5.18 -0.72 -3.31
C SER A 137 -4.57 -2.05 -3.73
N ASN A 138 -4.44 -2.25 -5.06
CA ASN A 138 -3.88 -3.49 -5.54
C ASN A 138 -2.39 -3.33 -5.89
N PRO A 139 -1.60 -4.42 -5.74
CA PRO A 139 -2.10 -5.75 -5.36
C PRO A 139 -2.38 -5.85 -3.86
N VAL A 140 -3.63 -6.17 -3.50
CA VAL A 140 -4.13 -5.85 -2.17
C VAL A 140 -3.52 -6.75 -1.10
N ASP A 141 -3.27 -8.03 -1.40
CA ASP A 141 -2.70 -8.88 -0.37
C ASP A 141 -1.26 -8.45 -0.06
N ILE A 142 -0.48 -8.14 -1.09
CA ILE A 142 0.87 -7.63 -0.90
C ILE A 142 0.85 -6.29 -0.17
N LEU A 143 0.01 -5.37 -0.62
CA LEU A 143 0.00 -4.03 -0.01
C LEU A 143 -0.57 -4.04 1.39
N THR A 144 -1.42 -5.02 1.72
CA THR A 144 -1.85 -5.13 3.11
C THR A 144 -0.68 -5.53 4.00
N TYR A 145 0.14 -6.48 3.54
CA TYR A 145 1.36 -6.81 4.26
C TYR A 145 2.25 -5.58 4.41
N VAL A 146 2.42 -4.82 3.33
CA VAL A 146 3.24 -3.61 3.37
C VAL A 146 2.68 -2.62 4.38
N ALA A 147 1.37 -2.37 4.35
CA ALA A 147 0.77 -1.45 5.31
C ALA A 147 0.97 -1.95 6.74
N TRP A 148 0.77 -3.25 6.97
CA TRP A 148 0.99 -3.81 8.30
C TRP A 148 2.42 -3.55 8.78
N LYS A 149 3.41 -3.83 7.93
CA LYS A 149 4.81 -3.65 8.31
C LYS A 149 5.13 -2.19 8.64
N ILE A 150 4.69 -1.27 7.79
CA ILE A 150 5.03 0.13 7.99
C ILE A 150 4.30 0.70 9.21
N SER A 151 3.03 0.34 9.39
CA SER A 151 2.23 0.89 10.48
C SER A 151 2.72 0.43 11.85
N GLY A 152 3.26 -0.77 11.96
CA GLY A 152 3.59 -1.35 13.25
C GLY A 152 2.40 -1.90 14.00
N PHE A 153 1.20 -1.81 13.44
CA PHE A 153 -0.02 -2.20 14.13
C PHE A 153 -0.06 -3.71 14.39
N PRO A 154 -0.77 -4.14 15.43
CA PRO A 154 -1.07 -5.56 15.58
C PRO A 154 -1.99 -6.03 14.45
N LYS A 155 -1.93 -7.32 14.15
CA LYS A 155 -2.57 -7.82 12.94
C LYS A 155 -4.09 -7.70 12.98
N ASN A 156 -4.70 -7.56 14.17
CA ASN A 156 -6.14 -7.39 14.20
C ASN A 156 -6.58 -6.07 13.59
N ARG A 157 -5.70 -5.08 13.52
CA ARG A 157 -6.08 -3.73 13.06
C ARG A 157 -5.64 -3.44 11.63
N VAL A 158 -5.14 -4.43 10.90
CA VAL A 158 -4.76 -4.23 9.50
C VAL A 158 -5.52 -5.26 8.69
N ILE A 159 -6.43 -4.80 7.84
CA ILE A 159 -7.38 -5.64 7.12
C ILE A 159 -7.24 -5.36 5.64
N GLY A 160 -7.08 -6.40 4.84
CA GLY A 160 -7.13 -6.26 3.39
C GLY A 160 -8.55 -6.56 2.89
N SER A 161 -9.05 -5.71 1.99
CA SER A 161 -10.39 -5.97 1.46
CA SER A 161 -10.38 -5.96 1.41
C SER A 161 -10.47 -7.36 0.81
N GLY A 162 -9.35 -7.87 0.29
CA GLY A 162 -9.20 -9.27 -0.04
C GLY A 162 -10.29 -9.80 -0.95
N CYS A 163 -10.91 -10.91 -0.53
CA CYS A 163 -11.89 -11.63 -1.34
C CYS A 163 -13.33 -11.34 -0.93
N ASN A 164 -13.57 -10.27 -0.16
CA ASN A 164 -14.94 -9.89 0.11
C ASN A 164 -15.68 -9.59 -1.19
N LEU A 165 -15.06 -8.83 -2.08
CA LEU A 165 -15.65 -8.54 -3.38
C LEU A 165 -15.72 -9.80 -4.25
N ASP A 166 -14.63 -10.60 -4.26
CA ASP A 166 -14.64 -11.83 -5.06
C ASP A 166 -15.79 -12.74 -4.65
N SER A 167 -16.03 -12.84 -3.34
CA SER A 167 -17.12 -13.67 -2.82
C SER A 167 -18.48 -13.07 -3.16
N ALA A 168 -18.59 -11.73 -3.14
CA ALA A 168 -19.85 -11.11 -3.57
C ALA A 168 -20.14 -11.40 -5.03
N ARG A 169 -19.11 -11.34 -5.90
CA ARG A 169 -19.32 -11.69 -7.30
C ARG A 169 -19.72 -13.15 -7.45
N PHE A 170 -19.05 -14.03 -6.69
CA PHE A 170 -19.37 -15.45 -6.69
C PHE A 170 -20.84 -15.68 -6.34
N ARG A 171 -21.34 -14.98 -5.32
CA ARG A 171 -22.71 -15.19 -4.88
C ARG A 171 -23.69 -14.56 -5.86
N TYR A 172 -23.31 -13.44 -6.48
CA TYR A 172 -24.12 -12.89 -7.55
C TYR A 172 -24.27 -13.88 -8.71
N LEU A 173 -23.15 -14.44 -9.19
CA LEU A 173 -23.20 -15.38 -10.31
C LEU A 173 -23.93 -16.66 -9.92
N MET A 174 -23.74 -17.12 -8.69
CA MET A 174 -24.48 -18.28 -8.20
C MET A 174 -25.98 -18.00 -8.18
N GLY A 175 -26.37 -16.80 -7.72
CA GLY A 175 -27.78 -16.44 -7.71
C GLY A 175 -28.37 -16.36 -9.10
N GLU A 176 -27.60 -15.84 -10.07
CA GLU A 176 -28.06 -15.79 -11.45
C GLU A 176 -28.38 -17.18 -11.97
N ARG A 177 -27.55 -18.18 -11.64
CA ARG A 177 -27.79 -19.54 -12.10
C ARG A 177 -29.02 -20.15 -11.44
N LEU A 178 -29.26 -19.83 -10.17
CA LEU A 178 -30.31 -20.50 -9.41
C LEU A 178 -31.63 -19.74 -9.37
N GLY A 179 -31.65 -18.48 -9.80
CA GLY A 179 -32.84 -17.68 -9.63
C GLY A 179 -33.14 -17.32 -8.18
N VAL A 180 -32.09 -17.11 -7.38
CA VAL A 180 -32.20 -16.81 -5.95
C VAL A 180 -31.37 -15.57 -5.66
N HIS A 181 -31.88 -14.68 -4.81
CA HIS A 181 -31.12 -13.49 -4.45
C HIS A 181 -29.75 -13.89 -3.88
N PRO A 182 -28.67 -13.16 -4.21
CA PRO A 182 -27.35 -13.51 -3.65
C PRO A 182 -27.31 -13.57 -2.13
N LEU A 183 -28.17 -12.82 -1.44
CA LEU A 183 -28.20 -12.89 0.02
C LEU A 183 -28.53 -14.29 0.52
N SER A 184 -29.28 -15.08 -0.24
CA SER A 184 -29.62 -16.45 0.13
C SER A 184 -28.72 -17.47 -0.55
N CYS A 185 -27.77 -17.03 -1.37
CA CYS A 185 -26.80 -17.93 -2.02
C CYS A 185 -25.46 -17.80 -1.31
N HIS A 186 -25.01 -18.88 -0.69
CA HIS A 186 -23.80 -18.85 0.12
C HIS A 186 -22.67 -19.61 -0.55
N GLY A 187 -21.48 -19.04 -0.47
CA GLY A 187 -20.30 -19.63 -1.08
C GLY A 187 -19.13 -18.71 -0.83
N TRP A 188 -17.93 -19.29 -0.69
CA TRP A 188 -16.78 -18.56 -0.21
C TRP A 188 -15.63 -18.67 -1.20
N VAL A 189 -15.06 -17.53 -1.56
CA VAL A 189 -13.82 -17.45 -2.34
C VAL A 189 -12.73 -16.94 -1.40
N LEU A 190 -11.64 -17.70 -1.28
CA LEU A 190 -10.61 -17.43 -0.28
C LEU A 190 -9.25 -17.27 -0.97
N GLY A 191 -8.25 -16.91 -0.16
CA GLY A 191 -6.89 -16.82 -0.66
C GLY A 191 -6.58 -15.44 -1.25
N GLU A 192 -5.96 -15.44 -2.42
CA GLU A 192 -5.56 -14.19 -3.05
C GLU A 192 -6.73 -13.56 -3.79
N HIS A 193 -6.81 -12.24 -3.72
CA HIS A 193 -7.79 -11.51 -4.53
C HIS A 193 -7.55 -11.75 -6.02
N GLY A 194 -8.63 -11.98 -6.76
CA GLY A 194 -8.52 -12.02 -8.21
C GLY A 194 -8.00 -13.35 -8.73
N ASP A 195 -6.94 -13.28 -9.55
CA ASP A 195 -6.53 -14.38 -10.42
C ASP A 195 -6.45 -15.72 -9.70
N SER A 196 -5.80 -15.74 -8.54
CA SER A 196 -5.40 -16.99 -7.89
C SER A 196 -6.34 -17.41 -6.78
N SER A 197 -7.51 -16.78 -6.67
CA SER A 197 -8.42 -17.05 -5.57
C SER A 197 -8.93 -18.49 -5.63
N VAL A 198 -9.41 -18.97 -4.48
CA VAL A 198 -9.78 -20.36 -4.30
C VAL A 198 -11.28 -20.45 -3.99
N PRO A 199 -12.10 -21.06 -4.84
CA PRO A 199 -13.52 -21.26 -4.49
C PRO A 199 -13.67 -22.50 -3.61
N VAL A 200 -14.34 -22.36 -2.47
CA VAL A 200 -14.49 -23.49 -1.54
C VAL A 200 -15.83 -24.16 -1.86
N TRP A 201 -15.76 -25.16 -2.77
CA TRP A 201 -16.98 -25.78 -3.27
C TRP A 201 -17.77 -26.48 -2.16
N SER A 202 -17.09 -27.00 -1.14
CA SER A 202 -17.76 -27.67 -0.03
C SER A 202 -18.71 -26.75 0.73
N GLY A 203 -18.54 -25.43 0.62
CA GLY A 203 -19.34 -24.51 1.42
C GLY A 203 -20.50 -23.89 0.67
N MET A 204 -20.55 -24.15 -0.63
CA MET A 204 -21.58 -23.55 -1.47
C MET A 204 -22.93 -24.19 -1.16
N ASN A 205 -23.92 -23.37 -0.77
CA ASN A 205 -25.19 -23.93 -0.33
C ASN A 205 -26.30 -22.90 -0.44
N VAL A 206 -27.53 -23.40 -0.52
CA VAL A 206 -28.73 -22.61 -0.32
C VAL A 206 -29.52 -23.28 0.79
N ALA A 207 -29.95 -22.48 1.78
CA ALA A 207 -30.75 -22.97 2.90
C ALA A 207 -30.09 -24.14 3.61
N GLY A 208 -28.76 -24.12 3.68
CA GLY A 208 -28.04 -25.17 4.37
C GLY A 208 -27.88 -26.45 3.58
N VAL A 209 -28.32 -26.47 2.32
CA VAL A 209 -28.24 -27.67 1.48
C VAL A 209 -26.94 -27.61 0.68
N SER A 210 -26.03 -28.54 0.96
CA SER A 210 -24.74 -28.58 0.28
C SER A 210 -24.94 -28.90 -1.20
N LEU A 211 -24.53 -27.96 -2.07
CA LEU A 211 -24.55 -28.22 -3.50
C LEU A 211 -23.54 -29.30 -3.89
N LYS A 212 -22.41 -29.36 -3.18
CA LYS A 212 -21.42 -30.39 -3.48
C LYS A 212 -21.99 -31.78 -3.19
N THR A 213 -22.76 -31.90 -2.12
CA THR A 213 -23.36 -33.19 -1.78
C THR A 213 -24.49 -33.55 -2.74
N LEU A 214 -25.29 -32.56 -3.13
CA LEU A 214 -26.32 -32.78 -4.15
C LEU A 214 -25.70 -33.17 -5.48
N HIS A 215 -24.57 -32.58 -5.81
CA HIS A 215 -24.01 -32.63 -7.17
C HIS A 215 -22.52 -32.89 -7.03
N PRO A 216 -22.12 -34.15 -6.89
CA PRO A 216 -20.72 -34.43 -6.52
C PRO A 216 -19.69 -33.97 -7.56
N ASP A 217 -20.09 -33.80 -8.81
CA ASP A 217 -19.15 -33.25 -9.79
C ASP A 217 -18.90 -31.76 -9.59
N LEU A 218 -19.58 -31.12 -8.65
CA LEU A 218 -19.45 -29.68 -8.45
C LEU A 218 -17.98 -29.29 -8.26
N GLY A 219 -17.52 -28.36 -9.09
CA GLY A 219 -16.18 -27.85 -8.97
C GLY A 219 -15.12 -28.62 -9.72
N THR A 220 -15.50 -29.70 -10.41
CA THR A 220 -14.57 -30.46 -11.22
C THR A 220 -14.73 -30.10 -12.70
N ASP A 221 -13.77 -30.56 -13.50
CA ASP A 221 -13.80 -30.24 -14.92
C ASP A 221 -14.80 -31.08 -15.71
N LYS A 222 -15.18 -32.24 -15.19
CA LYS A 222 -16.12 -33.11 -15.88
C LYS A 222 -17.57 -32.81 -15.52
N ASP A 223 -17.81 -31.86 -14.61
CA ASP A 223 -19.16 -31.38 -14.35
C ASP A 223 -19.82 -30.96 -15.66
N LYS A 224 -20.85 -31.70 -16.08
CA LYS A 224 -21.53 -31.37 -17.32
C LYS A 224 -22.21 -30.01 -17.25
N GLU A 225 -22.50 -29.52 -16.05
CA GLU A 225 -23.07 -28.19 -15.89
C GLU A 225 -22.01 -27.11 -15.68
N GLN A 226 -20.74 -27.50 -15.55
CA GLN A 226 -19.61 -26.58 -15.52
C GLN A 226 -19.78 -25.50 -14.45
N TRP A 227 -20.00 -25.94 -13.22
CA TRP A 227 -20.13 -24.95 -12.15
C TRP A 227 -18.79 -24.28 -11.85
N LYS A 228 -17.68 -24.88 -12.28
CA LYS A 228 -16.39 -24.23 -12.16
C LYS A 228 -16.35 -22.91 -12.92
N GLU A 229 -17.13 -22.80 -14.01
CA GLU A 229 -17.26 -21.54 -14.72
C GLU A 229 -17.75 -20.41 -13.82
N VAL A 230 -18.48 -20.73 -12.75
CA VAL A 230 -18.90 -19.68 -11.82
C VAL A 230 -17.67 -19.00 -11.22
N HIS A 231 -16.68 -19.79 -10.80
CA HIS A 231 -15.48 -19.17 -10.25
C HIS A 231 -14.63 -18.55 -11.34
N LYS A 232 -14.53 -19.20 -12.51
CA LYS A 232 -13.82 -18.58 -13.62
C LYS A 232 -14.38 -17.19 -13.89
N GLN A 233 -15.71 -17.04 -13.85
CA GLN A 233 -16.29 -15.73 -14.10
C GLN A 233 -16.11 -14.78 -12.93
N VAL A 234 -15.85 -15.27 -11.71
CA VAL A 234 -15.47 -14.37 -10.63
C VAL A 234 -14.24 -13.56 -11.03
N VAL A 235 -13.30 -14.21 -11.70
CA VAL A 235 -12.07 -13.55 -12.11
C VAL A 235 -12.28 -12.79 -13.41
N GLU A 236 -12.84 -13.46 -14.43
CA GLU A 236 -12.90 -12.86 -15.76
C GLU A 236 -13.90 -11.71 -15.84
N SER A 237 -15.00 -11.77 -15.07
CA SER A 237 -15.94 -10.65 -15.09
C SER A 237 -15.29 -9.37 -14.56
N ALA A 238 -14.34 -9.49 -13.63
CA ALA A 238 -13.63 -8.29 -13.18
C ALA A 238 -12.80 -7.71 -14.31
N TYR A 239 -12.03 -8.56 -15.02
CA TYR A 239 -11.27 -8.07 -16.15
C TYR A 239 -12.19 -7.52 -17.24
N GLU A 240 -13.38 -8.10 -17.38
CA GLU A 240 -14.32 -7.62 -18.39
C GLU A 240 -14.81 -6.22 -18.06
N VAL A 241 -15.19 -5.98 -16.80
CA VAL A 241 -15.63 -4.63 -16.44
C VAL A 241 -14.51 -3.63 -16.68
N ILE A 242 -13.27 -3.99 -16.32
CA ILE A 242 -12.14 -3.10 -16.57
C ILE A 242 -12.00 -2.80 -18.04
N LYS A 243 -12.14 -3.82 -18.89
CA LYS A 243 -12.07 -3.57 -20.33
C LYS A 243 -13.24 -2.70 -20.80
N LEU A 244 -14.44 -2.94 -20.27
CA LEU A 244 -15.62 -2.29 -20.81
C LEU A 244 -15.74 -0.83 -20.37
N LYS A 245 -15.48 -0.52 -19.09
CA LYS A 245 -15.62 0.86 -18.62
C LYS A 245 -14.31 1.49 -18.17
N GLY A 246 -13.21 0.72 -18.15
CA GLY A 246 -11.90 1.26 -17.86
C GLY A 246 -11.37 0.94 -16.48
N TYR A 247 -12.24 0.53 -15.56
CA TYR A 247 -11.92 0.35 -14.15
C TYR A 247 -13.16 -0.26 -13.51
N THR A 248 -13.05 -0.67 -12.25
CA THR A 248 -14.24 -1.01 -11.49
C THR A 248 -14.34 -0.06 -10.29
N SER A 249 -15.57 0.22 -9.84
CA SER A 249 -15.73 1.12 -8.70
C SER A 249 -16.94 0.80 -7.85
N TRP A 250 -18.12 0.56 -8.45
CA TRP A 250 -19.33 0.51 -7.64
C TRP A 250 -19.36 -0.71 -6.72
N ALA A 251 -19.01 -1.88 -7.23
CA ALA A 251 -19.09 -3.07 -6.40
C ALA A 251 -18.04 -3.04 -5.27
N ILE A 252 -16.82 -2.58 -5.56
CA ILE A 252 -15.83 -2.50 -4.48
C ILE A 252 -16.24 -1.44 -3.46
N GLY A 253 -16.83 -0.34 -3.91
CA GLY A 253 -17.32 0.67 -2.98
C GLY A 253 -18.36 0.09 -2.02
N LEU A 254 -19.28 -0.71 -2.56
CA LEU A 254 -20.29 -1.36 -1.73
C LEU A 254 -19.67 -2.41 -0.81
N SER A 255 -18.73 -3.20 -1.35
CA SER A 255 -17.98 -4.16 -0.56
C SER A 255 -17.26 -3.51 0.62
N VAL A 256 -16.56 -2.42 0.38
CA VAL A 256 -15.82 -1.72 1.44
C VAL A 256 -16.78 -1.16 2.48
N ALA A 257 -17.94 -0.65 2.05
CA ALA A 257 -18.89 -0.12 3.01
C ALA A 257 -19.47 -1.21 3.87
N ASP A 258 -19.65 -2.41 3.30
CA ASP A 258 -20.06 -3.58 4.07
C ASP A 258 -19.04 -3.91 5.16
N LEU A 259 -17.75 -3.92 4.81
CA LEU A 259 -16.72 -4.13 5.84
C LEU A 259 -16.74 -3.02 6.88
N ALA A 260 -16.86 -1.76 6.43
CA ALA A 260 -16.90 -0.66 7.38
C ALA A 260 -18.09 -0.78 8.30
N GLU A 261 -19.22 -1.30 7.79
CA GLU A 261 -20.41 -1.42 8.64
C GLU A 261 -20.15 -2.35 9.81
N SER A 262 -19.58 -3.53 9.54
CA SER A 262 -19.28 -4.46 10.62
C SER A 262 -18.30 -3.85 11.60
N ILE A 263 -17.29 -3.13 11.10
CA ILE A 263 -16.26 -2.56 11.98
C ILE A 263 -16.85 -1.45 12.83
N MET A 264 -17.50 -0.47 12.19
CA MET A 264 -18.00 0.69 12.92
C MET A 264 -19.11 0.33 13.90
N LYS A 265 -19.94 -0.65 13.57
CA LYS A 265 -21.07 -1.02 14.41
C LYS A 265 -20.79 -2.24 15.26
N ASN A 266 -19.55 -2.73 15.25
CA ASN A 266 -19.13 -3.87 16.07
C ASN A 266 -20.04 -5.07 15.87
N LEU A 267 -20.33 -5.42 14.60
CA LEU A 267 -21.35 -6.42 14.36
C LEU A 267 -20.86 -7.84 14.61
N ARG A 268 -19.57 -8.11 14.43
CA ARG A 268 -19.02 -9.47 14.49
C ARG A 268 -19.68 -10.36 13.45
N ARG A 269 -19.93 -9.80 12.26
CA ARG A 269 -20.23 -10.63 11.11
C ARG A 269 -18.94 -11.23 10.59
N VAL A 270 -19.08 -12.27 9.76
CA VAL A 270 -17.95 -12.98 9.16
C VAL A 270 -17.79 -12.54 7.70
N HIS A 271 -16.58 -12.10 7.36
CA HIS A 271 -16.28 -11.63 6.00
C HIS A 271 -15.00 -12.28 5.54
N PRO A 272 -14.90 -12.63 4.23
CA PRO A 272 -13.62 -13.10 3.69
C PRO A 272 -12.70 -11.92 3.39
N VAL A 273 -11.88 -11.53 4.36
CA VAL A 273 -10.94 -10.43 4.19
C VAL A 273 -9.53 -10.98 4.40
N SER A 274 -8.55 -10.21 3.94
CA SER A 274 -7.15 -10.64 3.95
C SER A 274 -6.54 -10.30 5.31
N THR A 275 -5.96 -11.32 5.95
CA THR A 275 -5.42 -11.19 7.29
C THR A 275 -4.09 -11.91 7.35
N MET A 276 -3.26 -11.52 8.33
CA MET A 276 -1.92 -12.10 8.46
C MET A 276 -2.06 -13.54 8.93
N ILE A 277 -1.74 -14.49 8.04
CA ILE A 277 -2.22 -15.86 8.22
C ILE A 277 -1.13 -16.81 8.70
N LYS A 278 0.09 -16.32 8.93
CA LYS A 278 1.16 -17.20 9.39
C LYS A 278 0.69 -17.99 10.60
N GLY A 279 1.04 -19.28 10.62
CA GLY A 279 0.58 -20.19 11.65
C GLY A 279 -0.62 -21.02 11.27
N LEU A 280 -1.02 -20.99 9.99
CA LEU A 280 -2.11 -21.80 9.46
C LEU A 280 -1.68 -22.43 8.16
N TYR A 281 -2.21 -23.63 7.89
CA TYR A 281 -2.05 -24.27 6.58
C TYR A 281 -0.58 -24.47 6.22
N GLY A 282 0.26 -24.76 7.21
CA GLY A 282 1.67 -24.85 6.92
C GLY A 282 2.28 -23.56 6.44
N ILE A 283 1.54 -22.46 6.43
CA ILE A 283 2.11 -21.17 6.06
C ILE A 283 3.02 -20.71 7.18
N LYS A 284 4.30 -20.58 6.87
CA LYS A 284 5.33 -20.21 7.82
C LYS A 284 5.89 -18.82 7.57
N ASP A 285 5.32 -18.08 6.62
CA ASP A 285 5.78 -16.74 6.31
C ASP A 285 4.73 -15.70 6.64
N ASP A 286 5.18 -14.47 6.83
CA ASP A 286 4.31 -13.34 7.10
C ASP A 286 3.65 -12.96 5.79
N VAL A 287 2.44 -13.44 5.56
CA VAL A 287 1.70 -13.11 4.34
C VAL A 287 0.24 -12.92 4.72
N PHE A 288 -0.47 -12.18 3.88
CA PHE A 288 -1.89 -11.89 4.07
C PHE A 288 -2.71 -12.64 3.01
N LEU A 289 -3.70 -13.42 3.46
CA LEU A 289 -4.61 -14.14 2.58
C LEU A 289 -6.01 -14.04 3.15
N SER A 290 -7.02 -14.11 2.26
CA SER A 290 -8.40 -14.04 2.73
C SER A 290 -8.86 -15.36 3.31
N VAL A 291 -9.38 -15.30 4.53
CA VAL A 291 -10.07 -16.40 5.19
C VAL A 291 -11.29 -15.74 5.84
N PRO A 292 -12.29 -16.50 6.29
CA PRO A 292 -13.47 -15.84 6.89
C PRO A 292 -13.11 -15.30 8.27
N CYS A 293 -13.22 -13.98 8.43
CA CYS A 293 -12.82 -13.28 9.64
C CYS A 293 -14.03 -12.64 10.31
N ILE A 294 -14.03 -12.66 11.64
CA ILE A 294 -15.02 -11.93 12.41
C ILE A 294 -14.56 -10.48 12.57
N LEU A 295 -15.36 -9.54 12.05
CA LEU A 295 -15.02 -8.13 12.03
C LEU A 295 -15.86 -7.35 13.03
N GLY A 296 -15.20 -6.49 13.79
CA GLY A 296 -15.89 -5.64 14.73
C GLY A 296 -15.03 -4.44 15.10
N GLN A 297 -15.31 -3.88 16.28
CA GLN A 297 -14.71 -2.59 16.63
C GLN A 297 -13.22 -2.67 16.88
N ASN A 298 -12.67 -3.87 17.11
CA ASN A 298 -11.23 -4.04 17.21
C ASN A 298 -10.61 -4.61 15.93
N GLY A 299 -11.33 -4.57 14.82
CA GLY A 299 -10.81 -5.14 13.59
C GLY A 299 -11.13 -6.61 13.51
N ILE A 300 -10.13 -7.42 13.17
CA ILE A 300 -10.31 -8.88 13.08
C ILE A 300 -10.04 -9.47 14.45
N SER A 301 -11.09 -9.88 15.16
CA SER A 301 -10.90 -10.45 16.50
C SER A 301 -10.76 -11.97 16.49
N ASP A 302 -11.25 -12.63 15.45
CA ASP A 302 -11.31 -14.08 15.36
C ASP A 302 -11.32 -14.44 13.88
N LEU A 303 -10.99 -15.69 13.58
CA LEU A 303 -11.22 -16.17 12.22
C LEU A 303 -11.73 -17.60 12.25
N VAL A 304 -12.47 -17.95 11.21
CA VAL A 304 -13.02 -19.29 11.05
C VAL A 304 -11.97 -20.18 10.39
N LYS A 305 -11.77 -21.37 10.94
CA LYS A 305 -10.88 -22.37 10.37
C LYS A 305 -11.72 -23.24 9.43
N VAL A 306 -11.73 -22.85 8.15
CA VAL A 306 -12.45 -23.63 7.14
C VAL A 306 -11.75 -24.97 6.94
N THR A 307 -12.51 -26.05 6.95
CA THR A 307 -11.93 -27.35 6.58
C THR A 307 -11.71 -27.39 5.08
N LEU A 308 -10.47 -27.61 4.68
CA LEU A 308 -10.09 -27.53 3.28
C LEU A 308 -9.67 -28.90 2.75
N THR A 309 -9.96 -29.15 1.48
CA THR A 309 -9.39 -30.32 0.84
C THR A 309 -7.87 -30.17 0.75
N SER A 310 -7.18 -31.28 0.45
CA SER A 310 -5.74 -31.21 0.27
C SER A 310 -5.35 -30.28 -0.87
N GLU A 311 -6.14 -30.27 -1.96
CA GLU A 311 -5.85 -29.37 -3.07
C GLU A 311 -6.07 -27.91 -2.68
N GLU A 312 -7.14 -27.63 -1.93
CA GLU A 312 -7.39 -26.26 -1.50
C GLU A 312 -6.28 -25.77 -0.58
N GLU A 313 -5.87 -26.61 0.37
CA GLU A 313 -4.79 -26.23 1.28
C GLU A 313 -3.50 -25.97 0.51
N ALA A 314 -3.20 -26.82 -0.48
CA ALA A 314 -1.96 -26.63 -1.24
C ALA A 314 -2.00 -25.35 -2.06
N ARG A 315 -3.17 -24.97 -2.58
CA ARG A 315 -3.24 -23.71 -3.32
C ARG A 315 -2.94 -22.53 -2.40
N LEU A 316 -3.45 -22.57 -1.17
CA LEU A 316 -3.18 -21.48 -0.22
C LEU A 316 -1.70 -21.45 0.13
N LYS A 317 -1.07 -22.61 0.34
CA LYS A 317 0.36 -22.65 0.62
CA LYS A 317 0.36 -22.63 0.63
C LYS A 317 1.16 -22.09 -0.56
N LYS A 318 0.76 -22.43 -1.78
CA LYS A 318 1.51 -21.93 -2.94
C LYS A 318 1.36 -20.43 -3.08
N SER A 319 0.14 -19.91 -2.83
CA SER A 319 -0.07 -18.47 -2.78
C SER A 319 0.82 -17.80 -1.74
N ALA A 320 0.91 -18.40 -0.55
CA ALA A 320 1.79 -17.82 0.45
C ALA A 320 3.22 -17.76 -0.06
N ASP A 321 3.66 -18.81 -0.75
CA ASP A 321 5.03 -18.83 -1.27
C ASP A 321 5.26 -17.70 -2.27
N THR A 322 4.32 -17.50 -3.20
CA THR A 322 4.48 -16.47 -4.22
C THR A 322 4.40 -15.07 -3.62
N LEU A 323 3.51 -14.89 -2.65
CA LEU A 323 3.49 -13.61 -1.91
C LEU A 323 4.81 -13.36 -1.22
N TRP A 324 5.33 -14.37 -0.50
CA TRP A 324 6.59 -14.21 0.20
CA TRP A 324 6.58 -14.19 0.20
C TRP A 324 7.72 -13.91 -0.76
N GLY A 325 7.72 -14.56 -1.93
CA GLY A 325 8.77 -14.35 -2.91
C GLY A 325 8.83 -12.92 -3.42
N ILE A 326 7.67 -12.33 -3.71
CA ILE A 326 7.66 -10.95 -4.16
C ILE A 326 7.96 -10.00 -3.00
N GLN A 327 7.38 -10.27 -1.83
CA GLN A 327 7.56 -9.37 -0.70
C GLN A 327 9.04 -9.24 -0.33
N LYS A 328 9.80 -10.33 -0.42
CA LYS A 328 11.20 -10.17 -0.03
C LYS A 328 12.01 -9.37 -1.05
N GLU A 329 11.43 -8.99 -2.19
CA GLU A 329 12.10 -8.10 -3.14
C GLU A 329 11.55 -6.67 -3.13
N LEU A 330 10.63 -6.35 -2.23
CA LEU A 330 10.18 -4.97 -2.07
C LEU A 330 11.14 -4.17 -1.19
N GLN A 331 11.27 -2.88 -1.49
CA GLN A 331 12.15 -1.99 -0.72
C GLN A 331 11.30 -1.13 0.20
N PHE A 332 11.50 -1.29 1.50
CA PHE A 332 10.86 -0.46 2.52
C PHE A 332 11.75 0.70 2.93
N ALA B 2 -18.47 -14.30 57.80
CA ALA B 2 -17.78 -13.71 56.66
C ALA B 2 -16.27 -13.87 56.83
N THR B 3 -15.53 -13.48 55.78
CA THR B 3 -14.07 -13.56 55.89
C THR B 3 -13.54 -12.38 56.70
N LEU B 4 -12.31 -12.54 57.18
CA LEU B 4 -11.68 -11.46 57.95
C LEU B 4 -11.66 -10.16 57.16
N LYS B 5 -11.32 -10.24 55.87
CA LYS B 5 -11.28 -9.05 55.03
C LYS B 5 -12.64 -8.36 55.00
N ASP B 6 -13.72 -9.12 54.79
CA ASP B 6 -15.05 -8.55 54.73
C ASP B 6 -15.58 -8.17 56.11
N GLN B 7 -15.15 -8.89 57.16
CA GLN B 7 -15.39 -8.44 58.52
C GLN B 7 -14.80 -7.07 58.76
N LEU B 8 -13.59 -6.83 58.26
CA LEU B 8 -12.85 -5.61 58.55
C LEU B 8 -13.22 -4.47 57.60
N ILE B 9 -13.53 -4.78 56.34
CA ILE B 9 -13.58 -3.78 55.29
C ILE B 9 -14.93 -3.88 54.58
N TYR B 10 -15.64 -2.75 54.52
CA TYR B 10 -16.84 -2.63 53.69
C TYR B 10 -16.45 -2.04 52.34
N ASN B 11 -16.74 -2.77 51.26
CA ASN B 11 -16.39 -2.32 49.92
C ASN B 11 -17.47 -1.40 49.35
N LEU B 12 -17.06 -0.22 48.88
CA LEU B 12 -18.00 0.74 48.30
C LEU B 12 -18.22 0.55 46.81
N LEU B 13 -17.20 0.09 46.09
CA LEU B 13 -17.38 -0.06 44.65
C LEU B 13 -16.32 -1.02 44.11
N LYS B 14 -16.77 -1.88 43.20
CA LYS B 14 -15.85 -2.68 42.39
C LYS B 14 -15.32 -1.80 41.28
N GLU B 15 -14.00 -1.65 41.22
CA GLU B 15 -13.38 -0.61 40.43
C GLU B 15 -12.84 -1.14 39.11
N GLU B 16 -12.73 -0.23 38.15
CA GLU B 16 -11.98 -0.46 36.91
C GLU B 16 -10.66 0.27 37.08
N GLN B 17 -9.71 -0.40 37.75
CA GLN B 17 -8.44 0.24 38.09
C GLN B 17 -7.53 0.27 36.84
N THR B 18 -7.92 1.14 35.91
CA THR B 18 -7.10 1.38 34.74
C THR B 18 -5.81 2.09 35.15
N PRO B 19 -4.67 1.73 34.55
CA PRO B 19 -3.39 2.33 34.98
C PRO B 19 -3.31 3.78 34.50
N GLN B 20 -2.96 4.69 35.40
CA GLN B 20 -2.93 6.10 35.01
C GLN B 20 -1.54 6.62 34.67
N ASN B 21 -0.50 6.13 35.34
CA ASN B 21 0.85 6.67 35.17
C ASN B 21 1.83 5.49 35.16
N LYS B 22 1.67 4.61 34.18
CA LYS B 22 2.34 3.32 34.19
C LYS B 22 3.63 3.38 33.38
N ILE B 23 4.68 2.74 33.89
CA ILE B 23 5.94 2.59 33.16
C ILE B 23 6.25 1.10 33.05
N THR B 24 6.74 0.68 31.89
CA THR B 24 7.28 -0.66 31.70
C THR B 24 8.77 -0.58 31.45
N VAL B 25 9.51 -1.51 32.08
CA VAL B 25 10.91 -1.74 31.76
C VAL B 25 11.03 -3.15 31.19
N VAL B 26 11.60 -3.24 29.99
CA VAL B 26 11.82 -4.52 29.31
C VAL B 26 13.30 -4.85 29.41
N GLY B 27 13.61 -5.99 30.02
CA GLY B 27 14.98 -6.41 30.28
C GLY B 27 15.36 -6.12 31.72
N VAL B 28 15.62 -7.16 32.52
CA VAL B 28 15.88 -6.94 33.94
C VAL B 28 17.30 -7.36 34.29
N GLY B 29 18.24 -7.08 33.38
CA GLY B 29 19.65 -7.11 33.75
C GLY B 29 19.95 -5.93 34.66
N ALA B 30 21.24 -5.69 34.88
CA ALA B 30 21.64 -4.64 35.81
C ALA B 30 21.09 -3.29 35.38
N VAL B 31 21.06 -3.03 34.08
CA VAL B 31 20.62 -1.72 33.61
C VAL B 31 19.12 -1.55 33.83
N GLY B 32 18.34 -2.55 33.42
CA GLY B 32 16.89 -2.46 33.61
C GLY B 32 16.51 -2.34 35.07
N MET B 33 17.18 -3.10 35.95
CA MET B 33 16.80 -3.02 37.37
C MET B 33 17.26 -1.71 37.98
N ALA B 34 18.38 -1.14 37.52
CA ALA B 34 18.77 0.18 38.02
C ALA B 34 17.79 1.26 37.54
N CYS B 35 17.30 1.14 36.31
CA CYS B 35 16.23 2.03 35.86
C CYS B 35 15.00 1.88 36.75
N ALA B 36 14.65 0.64 37.09
CA ALA B 36 13.44 0.39 37.89
C ALA B 36 13.57 0.98 39.28
N ILE B 37 14.68 0.70 39.98
CA ILE B 37 14.80 1.21 41.35
C ILE B 37 14.84 2.73 41.34
N SER B 38 15.47 3.32 40.32
CA SER B 38 15.55 4.78 40.24
C SER B 38 14.16 5.36 40.02
N ILE B 39 13.38 4.73 39.15
CA ILE B 39 12.01 5.20 38.90
C ILE B 39 11.17 5.04 40.16
N LEU B 40 11.33 3.91 40.85
CA LEU B 40 10.59 3.68 42.10
C LEU B 40 10.93 4.72 43.16
N MET B 41 12.21 5.03 43.34
CA MET B 41 12.58 5.95 44.40
C MET B 41 12.33 7.41 44.05
N LYS B 42 12.03 7.71 42.78
CA LYS B 42 11.60 9.05 42.39
C LYS B 42 10.08 9.19 42.26
N ASP B 43 9.32 8.16 42.60
CA ASP B 43 7.85 8.22 42.56
C ASP B 43 7.34 8.68 41.19
N LEU B 44 7.92 8.17 40.11
CA LEU B 44 7.50 8.59 38.78
C LEU B 44 6.30 7.84 38.24
N ALA B 45 5.94 6.71 38.81
CA ALA B 45 4.91 5.86 38.22
C ALA B 45 3.94 5.40 39.30
N ASP B 46 2.68 5.17 38.91
CA ASP B 46 1.77 4.51 39.84
C ASP B 46 1.68 3.01 39.59
N GLU B 47 2.29 2.53 38.52
CA GLU B 47 2.36 1.10 38.25
C GLU B 47 3.65 0.86 37.48
N LEU B 48 4.39 -0.16 37.88
CA LEU B 48 5.61 -0.56 37.20
C LEU B 48 5.46 -2.00 36.72
N ALA B 49 5.67 -2.23 35.42
CA ALA B 49 5.69 -3.58 34.85
C ALA B 49 7.08 -3.93 34.36
N LEU B 50 7.52 -5.17 34.64
CA LEU B 50 8.81 -5.69 34.20
C LEU B 50 8.59 -6.86 33.24
N VAL B 51 9.42 -6.93 32.20
CA VAL B 51 9.35 -8.00 31.20
C VAL B 51 10.76 -8.49 30.91
N ASP B 52 10.90 -9.82 30.79
CA ASP B 52 12.16 -10.42 30.36
C ASP B 52 11.81 -11.78 29.79
N VAL B 53 12.79 -12.43 29.17
CA VAL B 53 12.60 -13.82 28.77
C VAL B 53 13.11 -14.82 29.80
N ILE B 54 13.93 -14.38 30.76
CA ILE B 54 14.44 -15.27 31.80
C ILE B 54 13.43 -15.26 32.94
N GLU B 55 12.61 -16.31 33.03
CA GLU B 55 11.40 -16.21 33.84
C GLU B 55 11.69 -16.21 35.34
N ASP B 56 12.62 -17.05 35.81
CA ASP B 56 12.89 -17.08 37.25
CA ASP B 56 12.92 -17.08 37.24
C ASP B 56 13.53 -15.76 37.71
N LYS B 57 14.54 -15.28 36.97
CA LYS B 57 15.15 -14.01 37.31
C LYS B 57 14.10 -12.90 37.36
N LEU B 58 13.22 -12.86 36.36
CA LEU B 58 12.17 -11.85 36.32
C LEU B 58 11.30 -11.89 37.57
N LYS B 59 10.82 -13.07 37.95
CA LYS B 59 9.94 -13.17 39.10
C LYS B 59 10.68 -12.83 40.39
N GLY B 60 11.95 -13.23 40.48
CA GLY B 60 12.73 -12.91 41.68
C GLY B 60 12.95 -11.42 41.84
N GLU B 61 13.26 -10.73 40.74
CA GLU B 61 13.43 -9.28 40.79
C GLU B 61 12.11 -8.58 41.16
N MET B 62 11.01 -9.01 40.54
CA MET B 62 9.71 -8.44 40.88
C MET B 62 9.41 -8.58 42.37
N MET B 63 9.58 -9.79 42.90
CA MET B 63 9.27 -10.05 44.31
C MET B 63 10.16 -9.24 45.23
N ASP B 64 11.44 -9.11 44.89
CA ASP B 64 12.37 -8.34 45.72
C ASP B 64 11.91 -6.88 45.79
N LEU B 65 11.48 -6.30 44.66
CA LEU B 65 10.92 -4.96 44.69
C LEU B 65 9.65 -4.91 45.54
N GLN B 66 8.75 -5.88 45.32
CA GLN B 66 7.49 -5.93 46.06
C GLN B 66 7.73 -5.98 47.56
N HIS B 67 8.76 -6.70 47.99
CA HIS B 67 9.04 -6.78 49.43
C HIS B 67 9.45 -5.44 50.01
N GLY B 68 9.88 -4.48 49.18
CA GLY B 68 10.17 -3.12 49.61
C GLY B 68 9.02 -2.14 49.50
N SER B 69 7.80 -2.63 49.21
CA SER B 69 6.65 -1.75 48.96
C SER B 69 6.36 -0.81 50.12
N LEU B 70 6.58 -1.27 51.35
CA LEU B 70 6.42 -0.41 52.52
C LEU B 70 7.20 0.88 52.37
N PHE B 71 8.33 0.84 51.67
CA PHE B 71 9.22 1.97 51.58
C PHE B 71 9.05 2.76 50.28
N LEU B 72 8.03 2.41 49.49
CA LEU B 72 7.81 3.02 48.19
C LEU B 72 6.41 3.61 48.12
N ARG B 73 6.14 4.35 47.03
CA ARG B 73 4.83 4.95 46.80
C ARG B 73 4.33 4.58 45.41
N THR B 74 4.70 3.39 44.94
CA THR B 74 4.27 2.84 43.66
C THR B 74 3.50 1.58 43.99
N PRO B 75 2.17 1.64 44.06
CA PRO B 75 1.42 0.57 44.73
C PRO B 75 1.28 -0.72 43.93
N LYS B 76 1.62 -0.73 42.65
CA LYS B 76 1.44 -1.93 41.83
C LYS B 76 2.72 -2.20 41.06
N ILE B 77 3.35 -3.34 41.34
CA ILE B 77 4.51 -3.82 40.62
C ILE B 77 4.19 -5.20 40.05
N VAL B 78 4.25 -5.33 38.73
CA VAL B 78 3.88 -6.58 38.07
C VAL B 78 5.01 -6.99 37.13
N SER B 79 4.97 -8.24 36.70
CA SER B 79 5.95 -8.74 35.75
C SER B 79 5.36 -9.92 34.98
N GLY B 80 5.99 -10.24 33.85
CA GLY B 80 5.65 -11.45 33.13
C GLY B 80 6.36 -11.53 31.78
N LYS B 81 6.44 -12.72 31.18
CA LYS B 81 6.95 -12.78 29.81
C LYS B 81 5.89 -12.35 28.80
N ASP B 82 4.61 -12.37 29.19
CA ASP B 82 3.51 -11.97 28.34
C ASP B 82 3.34 -10.44 28.41
N TYR B 83 3.20 -9.79 27.25
CA TYR B 83 3.13 -8.33 27.26
C TYR B 83 1.79 -7.79 27.70
N ASN B 84 0.80 -8.63 28.02
CA ASN B 84 -0.43 -8.06 28.58
C ASN B 84 -0.17 -7.36 29.91
N VAL B 85 0.91 -7.72 30.62
CA VAL B 85 1.23 -7.00 31.84
C VAL B 85 1.68 -5.56 31.55
N THR B 86 2.01 -5.23 30.30
CA THR B 86 2.50 -3.90 29.95
C THR B 86 1.41 -2.97 29.46
N ALA B 87 0.16 -3.44 29.35
CA ALA B 87 -0.90 -2.69 28.67
C ALA B 87 -1.08 -1.30 29.26
N ASN B 88 -1.30 -0.32 28.37
CA ASN B 88 -1.57 1.06 28.76
C ASN B 88 -0.39 1.69 29.51
N SER B 89 0.83 1.39 29.10
CA SER B 89 1.99 2.10 29.62
C SER B 89 2.10 3.47 28.97
N LYS B 90 2.43 4.49 29.78
CA LYS B 90 2.77 5.81 29.24
C LYS B 90 4.16 5.80 28.62
N LEU B 91 5.07 5.02 29.22
CA LEU B 91 6.47 5.04 28.85
C LEU B 91 6.97 3.61 28.94
N VAL B 92 7.64 3.15 27.89
CA VAL B 92 8.20 1.80 27.84
C VAL B 92 9.69 1.95 27.59
N ILE B 93 10.49 1.43 28.51
CA ILE B 93 11.94 1.57 28.48
C ILE B 93 12.53 0.23 28.05
N ILE B 94 13.34 0.24 27.00
CA ILE B 94 13.88 -1.00 26.46
C ILE B 94 15.35 -1.09 26.86
N THR B 95 15.66 -2.07 27.72
CA THR B 95 17.03 -2.33 28.13
C THR B 95 17.45 -3.76 27.81
N ALA B 96 16.68 -4.46 26.97
CA ALA B 96 16.96 -5.84 26.64
C ALA B 96 18.02 -5.93 25.56
N GLY B 97 18.76 -7.04 25.58
CA GLY B 97 19.78 -7.26 24.58
C GLY B 97 20.49 -8.57 24.85
N ALA B 98 21.28 -8.97 23.86
CA ALA B 98 22.06 -10.20 23.93
C ALA B 98 23.42 -9.93 24.60
N ARG B 99 24.00 -11.00 25.14
CA ARG B 99 25.36 -10.95 25.66
C ARG B 99 26.32 -11.19 24.51
N GLN B 100 27.19 -10.23 24.25
CA GLN B 100 28.19 -10.40 23.21
C GLN B 100 29.10 -11.57 23.57
N GLN B 101 29.29 -12.47 22.61
CA GLN B 101 30.07 -13.68 22.87
C GLN B 101 31.56 -13.42 22.64
N GLU B 102 32.37 -14.35 23.14
CA GLU B 102 33.81 -14.27 22.92
C GLU B 102 34.11 -14.21 21.43
N GLY B 103 34.76 -13.15 21.01
CA GLY B 103 35.11 -13.01 19.61
C GLY B 103 33.94 -12.78 18.69
N GLU B 104 32.79 -12.38 19.21
CA GLU B 104 31.66 -12.00 18.36
C GLU B 104 31.82 -10.54 17.96
N SER B 105 31.74 -10.27 16.66
CA SER B 105 31.91 -8.92 16.15
C SER B 105 30.74 -8.02 16.59
N ARG B 106 30.99 -6.71 16.55
CA ARG B 106 29.93 -5.77 16.86
C ARG B 106 28.80 -5.85 15.83
N LEU B 107 29.13 -6.04 14.55
CA LEU B 107 28.09 -6.07 13.53
C LEU B 107 27.19 -7.29 13.68
N ASN B 108 27.75 -8.42 14.11
CA ASN B 108 26.92 -9.60 14.35
C ASN B 108 26.04 -9.39 15.59
N LEU B 109 26.60 -8.74 16.61
CA LEU B 109 25.84 -8.50 17.83
C LEU B 109 24.63 -7.62 17.58
N VAL B 110 24.78 -6.56 16.77
CA VAL B 110 23.65 -5.65 16.57
C VAL B 110 22.51 -6.36 15.84
N GLN B 111 22.84 -7.27 14.91
CA GLN B 111 21.78 -8.02 14.24
C GLN B 111 21.04 -8.93 15.23
N ARG B 112 21.78 -9.53 16.17
CA ARG B 112 21.13 -10.30 17.22
C ARG B 112 20.20 -9.43 18.07
N ASN B 113 20.59 -8.17 18.32
CA ASN B 113 19.70 -7.29 19.06
C ASN B 113 18.54 -6.81 18.20
N VAL B 114 18.77 -6.66 16.88
CA VAL B 114 17.65 -6.40 15.98
C VAL B 114 16.62 -7.52 16.09
N ASN B 115 17.09 -8.77 16.06
CA ASN B 115 16.18 -9.90 16.13
C ASN B 115 15.40 -9.91 17.43
N ILE B 116 16.04 -9.49 18.52
CA ILE B 116 15.34 -9.36 19.79
C ILE B 116 14.28 -8.27 19.71
N PHE B 117 14.63 -7.12 19.12
CA PHE B 117 13.66 -6.03 18.98
C PHE B 117 12.48 -6.43 18.10
N LYS B 118 12.70 -7.30 17.12
CA LYS B 118 11.59 -7.72 16.27
C LYS B 118 10.54 -8.50 17.06
N PHE B 119 10.91 -9.11 18.18
CA PHE B 119 9.91 -9.72 19.04
C PHE B 119 9.34 -8.75 20.06
N ILE B 120 10.17 -7.89 20.64
CA ILE B 120 9.74 -6.98 21.70
C ILE B 120 8.82 -5.89 21.16
N ILE B 121 9.32 -5.12 20.18
CA ILE B 121 8.65 -3.88 19.80
C ILE B 121 7.21 -4.10 19.33
N PRO B 122 6.90 -5.08 18.47
CA PRO B 122 5.48 -5.28 18.10
C PRO B 122 4.60 -5.61 19.29
N ASN B 123 5.11 -6.33 20.28
CA ASN B 123 4.31 -6.63 21.46
C ASN B 123 4.10 -5.38 22.32
N VAL B 124 5.13 -4.55 22.45
CA VAL B 124 4.96 -3.26 23.14
C VAL B 124 3.85 -2.46 22.47
N VAL B 125 3.92 -2.30 21.13
CA VAL B 125 2.91 -1.53 20.40
C VAL B 125 1.52 -2.14 20.59
N LYS B 126 1.43 -3.46 20.54
CA LYS B 126 0.12 -4.12 20.65
C LYS B 126 -0.61 -3.70 21.91
N TYR B 127 0.11 -3.58 23.04
CA TYR B 127 -0.55 -3.34 24.31
C TYR B 127 -0.49 -1.88 24.76
N SER B 128 0.39 -1.06 24.18
CA SER B 128 0.47 0.37 24.51
C SER B 128 0.72 1.13 23.22
N PRO B 129 -0.28 1.19 22.33
CA PRO B 129 -0.06 1.85 21.04
C PRO B 129 0.22 3.35 21.16
N ASN B 130 -0.08 3.97 22.30
CA ASN B 130 0.16 5.40 22.47
C ASN B 130 1.36 5.71 23.36
N CYS B 131 2.19 4.73 23.70
CA CYS B 131 3.28 5.01 24.63
C CYS B 131 4.39 5.82 23.96
N LYS B 132 5.27 6.35 24.79
CA LYS B 132 6.59 6.79 24.35
C LYS B 132 7.57 5.65 24.59
N LEU B 133 8.43 5.41 23.60
CA LEU B 133 9.45 4.38 23.66
C LEU B 133 10.79 5.03 24.00
N LEU B 134 11.46 4.53 25.04
CA LEU B 134 12.79 5.01 25.40
C LEU B 134 13.76 3.85 25.25
N ILE B 135 14.66 3.94 24.28
CA ILE B 135 15.59 2.86 23.95
C ILE B 135 16.92 3.10 24.67
N VAL B 136 17.37 2.11 25.42
CA VAL B 136 18.64 2.18 26.13
C VAL B 136 19.66 1.18 25.60
N SER B 137 19.20 0.01 25.13
CA SER B 137 20.09 -1.04 24.64
C SER B 137 21.06 -0.53 23.60
N ASN B 138 22.33 -1.09 23.63
CA ASN B 138 23.33 -0.64 22.67
C ASN B 138 23.45 -1.62 21.51
N PRO B 139 23.85 -1.12 20.33
CA PRO B 139 24.20 0.28 20.06
C PRO B 139 22.97 1.20 20.05
N VAL B 140 22.94 2.20 20.93
CA VAL B 140 21.66 2.81 21.28
C VAL B 140 21.13 3.65 20.12
N ASP B 141 22.01 4.34 19.39
CA ASP B 141 21.52 5.18 18.30
C ASP B 141 20.97 4.33 17.15
N ILE B 142 21.65 3.24 16.83
CA ILE B 142 21.18 2.34 15.79
C ILE B 142 19.88 1.68 16.21
N LEU B 143 19.82 1.19 17.46
CA LEU B 143 18.63 0.49 17.92
C LEU B 143 17.45 1.42 18.15
N THR B 144 17.69 2.71 18.38
CA THR B 144 16.56 3.64 18.41
C THR B 144 15.90 3.70 17.03
N TYR B 145 16.72 3.75 15.98
CA TYR B 145 16.20 3.66 14.61
C TYR B 145 15.45 2.35 14.39
N VAL B 146 16.02 1.23 14.85
CA VAL B 146 15.36 -0.07 14.70
C VAL B 146 13.99 -0.06 15.36
N ALA B 147 13.93 0.40 16.62
CA ALA B 147 12.66 0.48 17.33
C ALA B 147 11.68 1.40 16.62
N TRP B 148 12.17 2.55 16.14
CA TRP B 148 11.30 3.46 15.40
C TRP B 148 10.70 2.78 14.18
N LYS B 149 11.55 2.13 13.38
CA LYS B 149 11.04 1.50 12.16
CA LYS B 149 11.07 1.47 12.16
C LYS B 149 10.06 0.39 12.49
N ILE B 150 10.36 -0.45 13.48
CA ILE B 150 9.46 -1.56 13.79
C ILE B 150 8.16 -1.07 14.42
N SER B 151 8.23 -0.05 15.29
CA SER B 151 7.02 0.37 16.00
C SER B 151 6.01 1.07 15.10
N GLY B 152 6.47 1.72 14.02
CA GLY B 152 5.61 2.59 13.23
C GLY B 152 5.31 3.94 13.87
N PHE B 153 5.83 4.19 15.08
CA PHE B 153 5.53 5.41 15.83
C PHE B 153 6.06 6.65 15.13
N PRO B 154 5.41 7.79 15.31
CA PRO B 154 6.01 9.04 14.84
C PRO B 154 7.26 9.34 15.66
N LYS B 155 8.13 10.17 15.08
CA LYS B 155 9.47 10.31 15.68
C LYS B 155 9.43 10.96 17.06
N ASN B 156 8.40 11.73 17.39
CA ASN B 156 8.38 12.32 18.73
C ASN B 156 8.24 11.26 19.82
N ARG B 157 7.75 10.07 19.50
CA ARG B 157 7.48 9.07 20.51
C ARG B 157 8.53 7.96 20.56
N VAL B 158 9.65 8.11 19.87
CA VAL B 158 10.75 7.15 19.95
C VAL B 158 12.02 7.92 20.32
N ILE B 159 12.53 7.65 21.51
CA ILE B 159 13.63 8.40 22.11
C ILE B 159 14.75 7.44 22.47
N GLY B 160 15.98 7.75 22.06
CA GLY B 160 17.15 7.01 22.52
C GLY B 160 17.80 7.74 23.69
N SER B 161 18.20 6.98 24.72
CA SER B 161 18.78 7.63 25.88
C SER B 161 20.03 8.42 25.49
N GLY B 162 20.73 7.96 24.46
CA GLY B 162 21.65 8.83 23.74
C GLY B 162 22.75 9.34 24.64
N CYS B 163 22.94 10.67 24.63
CA CYS B 163 24.06 11.31 25.32
C CYS B 163 23.64 11.98 26.63
N ASN B 164 22.44 11.70 27.14
CA ASN B 164 22.12 12.23 28.47
C ASN B 164 23.14 11.75 29.49
N LEU B 165 23.54 10.48 29.39
CA LEU B 165 24.54 9.95 30.31
C LEU B 165 25.92 10.51 30.01
N ASP B 166 26.32 10.56 28.73
CA ASP B 166 27.63 11.12 28.37
C ASP B 166 27.76 12.55 28.87
N SER B 167 26.72 13.35 28.69
CA SER B 167 26.73 14.73 29.18
C SER B 167 26.78 14.77 30.71
N ALA B 168 26.09 13.85 31.38
CA ALA B 168 26.19 13.78 32.84
C ALA B 168 27.62 13.46 33.27
N ARG B 169 28.29 12.54 32.58
CA ARG B 169 29.68 12.25 32.89
C ARG B 169 30.55 13.47 32.64
N PHE B 170 30.35 14.13 31.50
CA PHE B 170 31.07 15.36 31.18
C PHE B 170 30.96 16.37 32.30
N ARG B 171 29.74 16.60 32.79
CA ARG B 171 29.53 17.62 33.82
C ARG B 171 30.10 17.19 35.16
N TYR B 172 30.08 15.90 35.47
CA TYR B 172 30.78 15.40 36.64
C TYR B 172 32.27 15.71 36.55
N LEU B 173 32.87 15.43 35.40
CA LEU B 173 34.31 15.61 35.24
C LEU B 173 34.69 17.08 35.23
N MET B 174 33.88 17.90 34.57
CA MET B 174 34.06 19.34 34.62
C MET B 174 33.98 19.86 36.05
N GLY B 175 32.97 19.40 36.80
CA GLY B 175 32.83 19.85 38.19
C GLY B 175 34.00 19.44 39.06
N GLU B 176 34.57 18.26 38.82
CA GLU B 176 35.76 17.84 39.56
C GLU B 176 36.92 18.79 39.31
N ARG B 177 37.12 19.22 38.06
CA ARG B 177 38.21 20.15 37.77
C ARG B 177 37.97 21.52 38.40
N LEU B 178 36.73 21.95 38.52
CA LEU B 178 36.45 23.31 38.97
C LEU B 178 36.07 23.40 40.44
N GLY B 179 35.83 22.26 41.10
CA GLY B 179 35.30 22.30 42.46
C GLY B 179 33.90 22.88 42.55
N VAL B 180 33.06 22.60 41.57
CA VAL B 180 31.68 23.08 41.50
C VAL B 180 30.77 21.89 41.27
N HIS B 181 29.61 21.89 41.91
CA HIS B 181 28.66 20.80 41.70
C HIS B 181 28.29 20.68 40.22
N PRO B 182 28.13 19.46 39.69
CA PRO B 182 27.74 19.29 38.28
C PRO B 182 26.46 20.01 37.89
N LEU B 183 25.53 20.20 38.83
CA LEU B 183 24.32 20.96 38.52
C LEU B 183 24.64 22.37 38.02
N SER B 184 25.75 22.96 38.45
CA SER B 184 26.14 24.31 38.06
C SER B 184 27.23 24.35 36.98
N CYS B 185 27.70 23.19 36.53
CA CYS B 185 28.66 23.09 35.43
C CYS B 185 27.90 22.65 34.19
N HIS B 186 27.83 23.51 33.18
CA HIS B 186 27.04 23.21 31.99
C HIS B 186 27.96 22.89 30.82
N GLY B 187 27.55 21.92 30.02
CA GLY B 187 28.37 21.39 28.95
C GLY B 187 27.63 20.28 28.23
N TRP B 188 27.75 20.23 26.91
CA TRP B 188 26.92 19.34 26.11
C TRP B 188 27.79 18.42 25.28
N VAL B 189 27.50 17.13 25.35
CA VAL B 189 28.08 16.10 24.51
C VAL B 189 26.98 15.59 23.61
N LEU B 190 27.18 15.69 22.30
CA LEU B 190 26.14 15.44 21.31
C LEU B 190 26.56 14.34 20.35
N GLY B 191 25.65 13.96 19.46
CA GLY B 191 25.95 12.96 18.45
C GLY B 191 25.76 11.52 18.92
N GLU B 192 26.72 10.66 18.59
CA GLU B 192 26.66 9.27 19.00
C GLU B 192 26.98 9.12 20.48
N HIS B 193 26.29 8.19 21.12
CA HIS B 193 26.67 7.76 22.45
C HIS B 193 28.04 7.08 22.43
N GLY B 194 28.85 7.37 23.44
CA GLY B 194 30.10 6.65 23.62
C GLY B 194 31.19 7.14 22.69
N ASP B 195 31.76 6.18 21.94
CA ASP B 195 32.99 6.33 21.16
C ASP B 195 33.11 7.65 20.39
N SER B 196 32.14 7.96 19.53
CA SER B 196 32.25 9.06 18.58
C SER B 196 31.53 10.32 19.04
N SER B 197 31.15 10.41 20.31
CA SER B 197 30.43 11.59 20.79
C SER B 197 31.23 12.87 20.58
N VAL B 198 30.51 13.99 20.56
CA VAL B 198 31.09 15.29 20.20
C VAL B 198 30.93 16.27 21.36
N PRO B 199 32.02 16.71 22.00
CA PRO B 199 31.92 17.77 23.02
C PRO B 199 31.74 19.13 22.34
N VAL B 200 30.76 19.90 22.77
CA VAL B 200 30.49 21.22 22.19
C VAL B 200 31.17 22.25 23.08
N TRP B 201 32.44 22.53 22.79
CA TRP B 201 33.22 23.37 23.69
C TRP B 201 32.63 24.78 23.82
N SER B 202 31.95 25.26 22.77
CA SER B 202 31.36 26.60 22.81
C SER B 202 30.28 26.76 23.87
N GLY B 203 29.60 25.68 24.25
CA GLY B 203 28.57 25.77 25.26
C GLY B 203 29.03 25.57 26.69
N MET B 204 30.30 25.27 26.91
CA MET B 204 30.78 24.94 28.24
C MET B 204 30.88 26.20 29.09
N ASN B 205 30.18 26.22 30.22
CA ASN B 205 30.12 27.47 30.98
C ASN B 205 29.71 27.19 32.41
N VAL B 206 30.07 28.14 33.28
CA VAL B 206 29.58 28.23 34.65
C VAL B 206 28.95 29.61 34.81
N ALA B 207 27.71 29.66 35.26
CA ALA B 207 26.99 30.93 35.47
C ALA B 207 26.97 31.78 34.21
N GLY B 208 26.87 31.14 33.04
CA GLY B 208 26.80 31.86 31.79
C GLY B 208 28.12 32.43 31.30
N VAL B 209 29.23 32.10 31.96
CA VAL B 209 30.55 32.57 31.54
C VAL B 209 31.15 31.51 30.62
N SER B 210 31.31 31.86 29.34
CA SER B 210 31.85 30.93 28.37
C SER B 210 33.29 30.59 28.70
N LEU B 211 33.55 29.30 28.97
CA LEU B 211 34.91 28.85 29.21
C LEU B 211 35.77 28.96 27.95
N LYS B 212 35.16 28.80 26.78
CA LYS B 212 35.91 28.93 25.52
C LYS B 212 36.38 30.37 25.30
N THR B 213 35.54 31.35 25.66
CA THR B 213 35.94 32.75 25.52
C THR B 213 36.96 33.13 26.59
N LEU B 214 36.83 32.59 27.80
CA LEU B 214 37.85 32.78 28.83
C LEU B 214 39.17 32.16 28.41
N HIS B 215 39.12 31.00 27.79
CA HIS B 215 40.29 30.13 27.60
C HIS B 215 40.24 29.63 26.18
N PRO B 216 40.70 30.44 25.21
CA PRO B 216 40.48 30.10 23.79
C PRO B 216 41.11 28.79 23.33
N ASP B 217 42.11 28.27 24.05
CA ASP B 217 42.67 26.95 23.71
C ASP B 217 41.75 25.80 24.12
N LEU B 218 40.62 26.10 24.74
CA LEU B 218 39.72 25.05 25.22
C LEU B 218 39.28 24.16 24.08
N GLY B 219 39.53 22.86 24.21
CA GLY B 219 39.15 21.91 23.20
C GLY B 219 40.17 21.68 22.12
N THR B 220 41.33 22.31 22.19
CA THR B 220 42.41 22.10 21.24
C THR B 220 43.51 21.25 21.87
N ASP B 221 44.38 20.70 21.02
CA ASP B 221 45.45 19.87 21.53
C ASP B 221 46.57 20.69 22.16
N LYS B 222 46.69 21.97 21.83
CA LYS B 222 47.75 22.79 22.42
C LYS B 222 47.38 23.35 23.78
N ASP B 223 46.12 23.21 24.21
CA ASP B 223 45.68 23.63 25.54
C ASP B 223 46.60 23.05 26.61
N LYS B 224 47.38 23.91 27.28
CA LYS B 224 48.33 23.42 28.26
C LYS B 224 47.61 22.72 29.42
N GLU B 225 46.35 23.06 29.67
CA GLU B 225 45.56 22.43 30.71
C GLU B 225 44.81 21.21 30.23
N GLN B 226 44.88 20.87 28.94
CA GLN B 226 44.40 19.59 28.41
C GLN B 226 42.92 19.35 28.75
N TRP B 227 42.09 20.36 28.55
CA TRP B 227 40.66 20.17 28.80
C TRP B 227 40.03 19.16 27.85
N LYS B 228 40.61 18.94 26.67
CA LYS B 228 40.14 17.86 25.81
C LYS B 228 40.09 16.53 26.56
N GLU B 229 40.98 16.34 27.53
CA GLU B 229 41.00 15.13 28.35
C GLU B 229 39.69 14.92 29.09
N VAL B 230 38.95 16.00 29.37
CA VAL B 230 37.64 15.84 30.01
C VAL B 230 36.70 15.05 29.12
N HIS B 231 36.67 15.37 27.81
CA HIS B 231 35.82 14.58 26.93
C HIS B 231 36.39 13.20 26.69
N LYS B 232 37.72 13.10 26.60
CA LYS B 232 38.37 11.80 26.48
C LYS B 232 37.95 10.88 27.61
N GLN B 233 37.87 11.41 28.84
CA GLN B 233 37.45 10.58 29.97
C GLN B 233 35.94 10.29 29.96
N VAL B 234 35.12 11.14 29.33
CA VAL B 234 33.72 10.78 29.11
C VAL B 234 33.61 9.42 28.45
N VAL B 235 34.47 9.17 27.46
CA VAL B 235 34.47 7.89 26.76
C VAL B 235 35.23 6.84 27.57
N GLU B 236 36.47 7.16 27.95
CA GLU B 236 37.32 6.17 28.58
C GLU B 236 36.81 5.73 29.95
N SER B 237 36.19 6.63 30.72
CA SER B 237 35.70 6.23 32.04
C SER B 237 34.59 5.22 31.94
N ALA B 238 33.80 5.23 30.86
CA ALA B 238 32.77 4.21 30.71
C ALA B 238 33.41 2.84 30.50
N TYR B 239 34.36 2.76 29.58
CA TYR B 239 35.09 1.51 29.38
C TYR B 239 35.80 1.08 30.66
N GLU B 240 36.28 2.04 31.46
CA GLU B 240 36.96 1.69 32.71
C GLU B 240 36.00 1.02 33.68
N VAL B 241 34.79 1.58 33.85
CA VAL B 241 33.82 0.98 34.75
C VAL B 241 33.48 -0.43 34.27
N ILE B 242 33.24 -0.58 32.97
CA ILE B 242 32.99 -1.91 32.39
C ILE B 242 34.13 -2.86 32.73
N LYS B 243 35.38 -2.40 32.58
CA LYS B 243 36.51 -3.27 32.92
C LYS B 243 36.55 -3.56 34.41
N LEU B 244 36.23 -2.57 35.25
CA LEU B 244 36.43 -2.70 36.69
C LEU B 244 35.35 -3.54 37.36
N LYS B 245 34.07 -3.29 37.04
CA LYS B 245 33.00 -4.05 37.68
C LYS B 245 32.24 -4.96 36.72
N GLY B 246 32.58 -4.95 35.43
CA GLY B 246 31.98 -5.85 34.48
C GLY B 246 30.91 -5.23 33.59
N TYR B 247 30.36 -4.08 33.98
CA TYR B 247 29.21 -3.46 33.33
C TYR B 247 29.02 -2.10 33.99
N THR B 248 28.13 -1.28 33.44
CA THR B 248 27.70 -0.08 34.15
C THR B 248 26.19 -0.15 34.38
N SER B 249 25.72 0.45 35.47
CA SER B 249 24.30 0.35 35.81
C SER B 249 23.76 1.57 36.53
N TRP B 250 24.45 2.06 37.58
CA TRP B 250 23.84 3.07 38.43
C TRP B 250 23.63 4.39 37.68
N ALA B 251 24.65 4.84 36.95
CA ALA B 251 24.54 6.14 36.31
C ALA B 251 23.51 6.11 35.17
N ILE B 252 23.50 5.04 34.37
CA ILE B 252 22.48 4.98 33.32
C ILE B 252 21.09 4.88 33.94
N GLY B 253 20.97 4.17 35.06
CA GLY B 253 19.68 4.08 35.73
C GLY B 253 19.18 5.46 36.14
N LEU B 254 20.08 6.27 36.70
CA LEU B 254 19.73 7.63 37.11
C LEU B 254 19.42 8.51 35.91
N SER B 255 20.19 8.35 34.82
CA SER B 255 19.96 9.17 33.64
CA SER B 255 19.95 9.19 33.66
C SER B 255 18.61 8.86 33.00
N VAL B 256 18.26 7.58 32.96
CA VAL B 256 16.96 7.19 32.40
C VAL B 256 15.83 7.73 33.27
N ALA B 257 15.97 7.62 34.60
CA ALA B 257 14.97 8.17 35.49
C ALA B 257 14.82 9.67 35.28
N ASP B 258 15.93 10.36 35.00
CA ASP B 258 15.90 11.80 34.69
C ASP B 258 15.05 12.07 33.45
N LEU B 259 15.24 11.27 32.39
CA LEU B 259 14.41 11.41 31.19
C LEU B 259 12.98 11.06 31.49
N ALA B 260 12.76 9.97 32.23
CA ALA B 260 11.39 9.58 32.55
C ALA B 260 10.70 10.66 33.36
N GLU B 261 11.45 11.36 34.22
CA GLU B 261 10.82 12.42 35.00
C GLU B 261 10.30 13.53 34.10
N SER B 262 11.12 13.99 33.16
CA SER B 262 10.66 15.05 32.26
C SER B 262 9.45 14.59 31.44
N ILE B 263 9.46 13.33 31.00
CA ILE B 263 8.36 12.84 30.16
C ILE B 263 7.08 12.69 30.99
N MET B 264 7.18 11.98 32.12
CA MET B 264 5.99 11.68 32.93
C MET B 264 5.37 12.91 33.55
N LYS B 265 6.18 13.92 33.90
CA LYS B 265 5.67 15.12 34.52
C LYS B 265 5.50 16.26 33.54
N ASN B 266 5.71 16.00 32.25
CA ASN B 266 5.53 17.01 31.19
C ASN B 266 6.36 18.26 31.46
N LEU B 267 7.63 18.07 31.87
CA LEU B 267 8.38 19.23 32.38
C LEU B 267 8.85 20.16 31.28
N ARG B 268 9.11 19.63 30.08
CA ARG B 268 9.71 20.41 28.98
C ARG B 268 11.11 20.92 29.36
N ARG B 269 11.86 20.08 30.08
CA ARG B 269 13.29 20.31 30.21
C ARG B 269 14.00 19.88 28.94
N VAL B 270 15.22 20.39 28.75
CA VAL B 270 16.03 20.09 27.57
C VAL B 270 17.06 19.03 27.94
N HIS B 271 17.11 17.94 27.16
CA HIS B 271 18.00 16.81 27.40
C HIS B 271 18.68 16.42 26.10
N PRO B 272 19.95 15.98 26.14
CA PRO B 272 20.57 15.48 24.91
C PRO B 272 20.24 14.01 24.73
N VAL B 273 19.23 13.73 23.91
CA VAL B 273 18.78 12.37 23.66
C VAL B 273 18.79 12.13 22.16
N SER B 274 18.74 10.86 21.79
CA SER B 274 18.87 10.49 20.39
C SER B 274 17.52 10.65 19.70
N THR B 275 17.49 11.42 18.62
CA THR B 275 16.24 11.72 17.93
C THR B 275 16.50 11.69 16.43
N MET B 276 15.43 11.59 15.67
CA MET B 276 15.58 11.49 14.22
C MET B 276 16.13 12.81 13.70
N ILE B 277 17.31 12.76 13.09
CA ILE B 277 18.09 13.95 12.82
C ILE B 277 18.11 14.32 11.34
N LYS B 278 17.48 13.50 10.48
CA LYS B 278 17.38 13.84 9.06
C LYS B 278 16.83 15.24 8.88
N GLY B 279 17.42 16.00 7.95
CA GLY B 279 17.04 17.38 7.73
C GLY B 279 17.96 18.39 8.39
N LEU B 280 18.93 17.95 9.20
CA LEU B 280 19.90 18.84 9.82
C LEU B 280 21.32 18.43 9.43
N TYR B 281 22.21 19.43 9.46
CA TYR B 281 23.65 19.21 9.30
C TYR B 281 23.98 18.47 8.01
N GLY B 282 23.19 18.70 6.97
CA GLY B 282 23.37 18.00 5.72
C GLY B 282 22.98 16.55 5.74
N ILE B 283 22.50 16.04 6.87
CA ILE B 283 22.13 14.64 6.98
C ILE B 283 20.83 14.39 6.24
N LYS B 284 20.86 13.44 5.29
CA LYS B 284 19.70 13.12 4.49
C LYS B 284 19.13 11.74 4.77
N ASP B 285 19.75 10.96 5.64
CA ASP B 285 19.32 9.60 5.94
C ASP B 285 18.54 9.54 7.26
N ASP B 286 17.74 8.48 7.39
CA ASP B 286 17.00 8.21 8.62
C ASP B 286 17.95 7.75 9.72
N VAL B 287 18.50 8.69 10.47
CA VAL B 287 19.49 8.38 11.48
C VAL B 287 19.13 9.13 12.75
N PHE B 288 19.33 8.48 13.91
CA PHE B 288 19.11 9.07 15.22
C PHE B 288 20.45 9.44 15.84
N LEU B 289 20.57 10.70 16.27
CA LEU B 289 21.75 11.18 16.99
C LEU B 289 21.30 12.13 18.08
N SER B 290 22.14 12.36 19.08
CA SER B 290 21.73 13.20 20.19
C SER B 290 21.90 14.67 19.86
N VAL B 291 20.82 15.43 20.06
CA VAL B 291 20.86 16.89 20.10
C VAL B 291 20.00 17.28 21.29
N PRO B 292 20.04 18.53 21.76
CA PRO B 292 19.21 18.89 22.91
C PRO B 292 17.74 18.91 22.50
N CYS B 293 16.94 18.11 23.19
CA CYS B 293 15.51 17.98 22.88
C CYS B 293 14.67 18.42 24.07
N ILE B 294 13.54 19.04 23.77
CA ILE B 294 12.54 19.34 24.79
C ILE B 294 11.67 18.09 25.01
N LEU B 295 11.69 17.58 26.24
CA LEU B 295 11.00 16.34 26.58
C LEU B 295 9.75 16.62 27.43
N GLY B 296 8.65 15.99 27.08
CA GLY B 296 7.42 16.15 27.82
C GLY B 296 6.47 15.00 27.58
N GLN B 297 5.18 15.26 27.83
CA GLN B 297 4.17 14.19 27.79
C GLN B 297 4.02 13.57 26.40
N ASN B 298 4.39 14.27 25.34
CA ASN B 298 4.34 13.73 23.98
C ASN B 298 5.72 13.30 23.47
N GLY B 299 6.67 13.08 24.37
CA GLY B 299 8.01 12.68 23.97
C GLY B 299 8.84 13.89 23.61
N ILE B 300 9.46 13.86 22.44
CA ILE B 300 10.28 14.96 21.94
C ILE B 300 9.37 15.90 21.15
N SER B 301 9.05 17.06 21.72
CA SER B 301 8.16 18.00 21.03
C SER B 301 8.91 19.02 20.20
N ASP B 302 10.16 19.30 20.55
CA ASP B 302 10.97 20.35 19.94
C ASP B 302 12.42 19.96 20.12
N LEU B 303 13.28 20.54 19.30
CA LEU B 303 14.71 20.38 19.53
C LEU B 303 15.41 21.72 19.37
N VAL B 304 16.54 21.83 20.06
CA VAL B 304 17.36 23.03 20.06
C VAL B 304 18.35 22.92 18.91
N LYS B 305 18.43 23.97 18.09
CA LYS B 305 19.36 23.99 16.97
C LYS B 305 20.67 24.60 17.46
N VAL B 306 21.57 23.74 17.94
CA VAL B 306 22.86 24.21 18.42
C VAL B 306 23.68 24.73 17.25
N THR B 307 24.28 25.90 17.42
CA THR B 307 25.23 26.41 16.44
C THR B 307 26.53 25.62 16.55
N LEU B 308 26.90 24.91 15.48
CA LEU B 308 28.09 24.08 15.51
C LEU B 308 29.17 24.66 14.60
N THR B 309 30.43 24.45 14.98
CA THR B 309 31.51 24.76 14.07
C THR B 309 31.44 23.84 12.84
N SER B 310 32.23 24.17 11.83
CA SER B 310 32.32 23.31 10.66
C SER B 310 32.83 21.92 11.04
N GLU B 311 33.79 21.84 11.97
CA GLU B 311 34.35 20.55 12.36
C GLU B 311 33.33 19.72 13.14
N GLU B 312 32.57 20.36 14.04
CA GLU B 312 31.55 19.65 14.79
C GLU B 312 30.45 19.14 13.87
N GLU B 313 30.03 19.97 12.91
CA GLU B 313 29.02 19.53 11.94
C GLU B 313 29.53 18.35 11.12
N ALA B 314 30.78 18.40 10.68
CA ALA B 314 31.33 17.30 9.88
C ALA B 314 31.38 16.02 10.68
N ARG B 315 31.64 16.10 11.99
CA ARG B 315 31.64 14.89 12.82
C ARG B 315 30.26 14.29 12.93
N LEU B 316 29.23 15.13 13.07
CA LEU B 316 27.85 14.61 13.07
C LEU B 316 27.51 13.97 11.73
N LYS B 317 27.93 14.61 10.64
CA LYS B 317 27.62 14.07 9.31
C LYS B 317 28.31 12.73 9.10
N LYS B 318 29.57 12.61 9.53
CA LYS B 318 30.30 11.36 9.41
C LYS B 318 29.64 10.27 10.24
N SER B 319 29.23 10.59 11.47
CA SER B 319 28.47 9.64 12.27
C SER B 319 27.22 9.17 11.53
N ALA B 320 26.49 10.11 10.93
CA ALA B 320 25.26 9.74 10.24
C ALA B 320 25.54 8.81 9.07
N ASP B 321 26.57 9.13 8.28
CA ASP B 321 26.93 8.25 7.16
C ASP B 321 27.28 6.85 7.65
N THR B 322 28.06 6.77 8.73
CA THR B 322 28.46 5.47 9.29
C THR B 322 27.25 4.70 9.78
N LEU B 323 26.39 5.35 10.56
CA LEU B 323 25.22 4.66 11.08
C LEU B 323 24.32 4.20 9.95
N TRP B 324 24.15 5.02 8.91
CA TRP B 324 23.24 4.60 7.84
C TRP B 324 23.81 3.41 7.07
N GLY B 325 25.13 3.38 6.86
CA GLY B 325 25.74 2.24 6.20
C GLY B 325 25.54 0.93 6.94
N ILE B 326 25.49 1.00 8.28
CA ILE B 326 25.21 -0.18 9.09
C ILE B 326 23.72 -0.51 9.04
N GLN B 327 22.87 0.51 9.22
CA GLN B 327 21.42 0.31 9.25
C GLN B 327 20.91 -0.28 7.95
N LYS B 328 21.43 0.16 6.81
CA LYS B 328 20.90 -0.32 5.54
C LYS B 328 21.18 -1.80 5.32
N GLU B 329 22.11 -2.38 6.08
CA GLU B 329 22.40 -3.81 5.98
C GLU B 329 21.70 -4.64 7.05
N LEU B 330 20.97 -4.01 7.96
CA LEU B 330 20.21 -4.76 8.96
C LEU B 330 19.03 -5.49 8.31
N GLN B 331 18.76 -6.72 8.76
CA GLN B 331 17.64 -7.50 8.26
C GLN B 331 16.45 -7.38 9.21
N PHE B 332 15.37 -6.77 8.73
CA PHE B 332 14.14 -6.57 9.49
C PHE B 332 13.11 -7.66 9.22
N ALA C 2 -31.42 -34.86 -13.53
CA ALA C 2 -31.90 -33.49 -13.55
C ALA C 2 -30.76 -32.51 -13.33
N THR C 3 -30.99 -31.24 -13.63
CA THR C 3 -29.98 -30.23 -13.35
C THR C 3 -29.83 -30.05 -11.85
N LEU C 4 -28.70 -29.46 -11.44
CA LEU C 4 -28.53 -29.11 -10.03
C LEU C 4 -29.63 -28.18 -9.57
N LYS C 5 -29.97 -27.18 -10.40
CA LYS C 5 -31.02 -26.24 -10.03
C LYS C 5 -32.34 -26.95 -9.78
N ASP C 6 -32.66 -27.96 -10.60
CA ASP C 6 -33.91 -28.70 -10.42
C ASP C 6 -33.82 -29.74 -9.30
N GLN C 7 -32.63 -30.27 -9.03
CA GLN C 7 -32.45 -31.07 -7.82
C GLN C 7 -32.72 -30.25 -6.56
N LEU C 8 -32.33 -28.97 -6.59
CA LEU C 8 -32.37 -28.14 -5.39
C LEU C 8 -33.72 -27.45 -5.22
N ILE C 9 -34.33 -27.02 -6.32
CA ILE C 9 -35.44 -26.09 -6.28
C ILE C 9 -36.62 -26.70 -7.02
N TYR C 10 -37.76 -26.78 -6.35
CA TYR C 10 -39.02 -27.16 -6.98
C TYR C 10 -39.77 -25.88 -7.36
N ASN C 11 -40.08 -25.74 -8.65
CA ASN C 11 -40.77 -24.55 -9.14
C ASN C 11 -42.28 -24.73 -9.01
N LEU C 12 -42.95 -23.72 -8.44
CA LEU C 12 -44.41 -23.64 -8.36
C LEU C 12 -45.02 -22.84 -9.49
N LEU C 13 -44.50 -21.65 -9.73
CA LEU C 13 -45.00 -20.70 -10.71
C LEU C 13 -43.96 -20.50 -11.80
N LYS C 14 -44.42 -20.49 -13.04
CA LYS C 14 -43.63 -20.03 -14.18
C LYS C 14 -44.54 -19.02 -14.85
N GLU C 15 -44.50 -17.78 -14.39
CA GLU C 15 -45.31 -16.70 -14.94
C GLU C 15 -44.41 -15.53 -15.28
N GLU C 16 -44.75 -14.82 -16.36
CA GLU C 16 -43.97 -13.68 -16.79
C GLU C 16 -43.90 -12.62 -15.70
N GLN C 17 -42.75 -12.52 -15.03
CA GLN C 17 -42.55 -11.45 -14.06
C GLN C 17 -42.76 -10.11 -14.74
N THR C 18 -43.39 -9.19 -14.00
CA THR C 18 -43.75 -7.87 -14.48
C THR C 18 -43.10 -6.81 -13.58
N PRO C 19 -42.70 -5.67 -14.14
CA PRO C 19 -41.98 -4.68 -13.33
C PRO C 19 -42.94 -3.87 -12.48
N GLN C 20 -42.55 -3.63 -11.22
CA GLN C 20 -43.47 -3.06 -10.24
C GLN C 20 -43.15 -1.62 -9.86
N ASN C 21 -41.88 -1.30 -9.63
CA ASN C 21 -41.47 0.01 -9.14
C ASN C 21 -40.17 0.38 -9.86
N LYS C 22 -40.27 0.52 -11.17
CA LYS C 22 -39.11 0.55 -12.04
C LYS C 22 -38.70 1.99 -12.35
N ILE C 23 -37.40 2.23 -12.33
CA ILE C 23 -36.80 3.49 -12.73
C ILE C 23 -35.83 3.21 -13.88
N THR C 24 -35.82 4.10 -14.87
CA THR C 24 -34.81 4.10 -15.93
C THR C 24 -33.95 5.34 -15.81
N VAL C 25 -32.64 5.18 -15.99
CA VAL C 25 -31.72 6.29 -16.15
C VAL C 25 -31.15 6.21 -17.57
N VAL C 26 -31.34 7.28 -18.34
CA VAL C 26 -30.79 7.39 -19.68
C VAL C 26 -29.54 8.27 -19.61
N GLY C 27 -28.41 7.74 -20.05
CA GLY C 27 -27.15 8.45 -20.00
C GLY C 27 -26.35 8.01 -18.79
N VAL C 28 -25.23 7.33 -19.00
CA VAL C 28 -24.47 6.78 -17.88
C VAL C 28 -23.09 7.43 -17.77
N GLY C 29 -23.03 8.73 -18.02
CA GLY C 29 -21.90 9.53 -17.57
C GLY C 29 -21.89 9.60 -16.05
N ALA C 30 -21.05 10.49 -15.53
CA ALA C 30 -20.94 10.61 -14.08
C ALA C 30 -22.27 10.94 -13.44
N VAL C 31 -23.09 11.76 -14.10
CA VAL C 31 -24.33 12.21 -13.47
C VAL C 31 -25.34 11.07 -13.42
N GLY C 32 -25.52 10.37 -14.54
CA GLY C 32 -26.44 9.24 -14.56
C GLY C 32 -26.05 8.17 -13.56
N MET C 33 -24.76 7.85 -13.48
CA MET C 33 -24.33 6.79 -12.56
C MET C 33 -24.46 7.25 -11.10
N ALA C 34 -24.27 8.54 -10.83
CA ALA C 34 -24.48 9.00 -9.47
C ALA C 34 -25.96 8.94 -9.10
N CYS C 35 -26.83 9.27 -10.05
CA CYS C 35 -28.26 9.05 -9.85
C CYS C 35 -28.55 7.57 -9.60
N ALA C 36 -27.94 6.70 -10.41
CA ALA C 36 -28.12 5.26 -10.27
C ALA C 36 -27.71 4.78 -8.89
N ILE C 37 -26.48 5.09 -8.47
CA ILE C 37 -26.04 4.55 -7.19
C ILE C 37 -26.88 5.12 -6.04
N SER C 38 -27.32 6.39 -6.16
CA SER C 38 -28.10 6.99 -5.07
C SER C 38 -29.48 6.35 -4.97
N ILE C 39 -30.13 6.13 -6.11
CA ILE C 39 -31.40 5.41 -6.14
C ILE C 39 -31.23 4.00 -5.58
N LEU C 40 -30.13 3.32 -5.95
CA LEU C 40 -29.90 1.97 -5.43
C LEU C 40 -29.69 1.96 -3.93
N MET C 41 -28.90 2.88 -3.41
CA MET C 41 -28.62 2.84 -1.98
C MET C 41 -29.80 3.35 -1.15
N LYS C 42 -30.74 4.07 -1.75
CA LYS C 42 -31.95 4.47 -1.04
C LYS C 42 -33.11 3.50 -1.24
N ASP C 43 -32.91 2.39 -1.95
CA ASP C 43 -33.95 1.38 -2.18
C ASP C 43 -35.22 1.97 -2.78
N LEU C 44 -35.07 2.84 -3.77
CA LEU C 44 -36.24 3.49 -4.36
C LEU C 44 -36.90 2.67 -5.45
N ALA C 45 -36.22 1.67 -5.99
CA ALA C 45 -36.76 0.94 -7.13
C ALA C 45 -36.54 -0.54 -6.96
N ASP C 46 -37.46 -1.33 -7.49
CA ASP C 46 -37.24 -2.76 -7.52
C ASP C 46 -36.67 -3.23 -8.86
N GLU C 47 -36.55 -2.31 -9.83
CA GLU C 47 -35.86 -2.60 -11.08
C GLU C 47 -35.21 -1.32 -11.58
N LEU C 48 -33.96 -1.41 -12.02
CA LEU C 48 -33.22 -0.27 -12.54
C LEU C 48 -32.77 -0.61 -13.96
N ALA C 49 -33.14 0.22 -14.94
CA ALA C 49 -32.68 0.08 -16.31
C ALA C 49 -31.77 1.26 -16.67
N LEU C 50 -30.68 0.97 -17.36
CA LEU C 50 -29.77 2.00 -17.84
C LEU C 50 -29.71 1.97 -19.37
N VAL C 51 -29.69 3.14 -19.98
CA VAL C 51 -29.58 3.28 -21.42
C VAL C 51 -28.48 4.27 -21.76
N ASP C 52 -27.73 3.99 -22.82
CA ASP C 52 -26.77 4.93 -23.37
C ASP C 52 -26.50 4.49 -24.80
N VAL C 53 -25.77 5.34 -25.54
CA VAL C 53 -25.34 4.97 -26.89
C VAL C 53 -23.93 4.39 -26.92
N ILE C 54 -23.17 4.55 -25.83
CA ILE C 54 -21.82 3.98 -25.75
C ILE C 54 -21.98 2.58 -25.16
N GLU C 55 -21.88 1.56 -26.01
CA GLU C 55 -22.34 0.24 -25.60
C GLU C 55 -21.41 -0.42 -24.59
N ASP C 56 -20.09 -0.31 -24.78
CA ASP C 56 -19.16 -0.95 -23.85
CA ASP C 56 -19.16 -0.95 -23.86
C ASP C 56 -19.23 -0.30 -22.47
N LYS C 57 -19.19 1.03 -22.42
CA LYS C 57 -19.33 1.74 -21.16
C LYS C 57 -20.64 1.35 -20.45
N LEU C 58 -21.74 1.31 -21.22
CA LEU C 58 -23.04 0.93 -20.66
C LEU C 58 -23.00 -0.46 -20.01
N LYS C 59 -22.52 -1.46 -20.75
CA LYS C 59 -22.47 -2.81 -20.21
C LYS C 59 -21.55 -2.89 -18.98
N GLY C 60 -20.44 -2.15 -19.02
CA GLY C 60 -19.50 -2.22 -17.90
C GLY C 60 -20.06 -1.61 -16.63
N GLU C 61 -20.76 -0.48 -16.76
CA GLU C 61 -21.44 0.11 -15.60
C GLU C 61 -22.51 -0.82 -15.06
N MET C 62 -23.32 -1.40 -15.95
CA MET C 62 -24.34 -2.35 -15.52
C MET C 62 -23.73 -3.50 -14.73
N MET C 63 -22.68 -4.13 -15.29
CA MET C 63 -22.06 -5.26 -14.63
C MET C 63 -21.47 -4.86 -13.27
N ASP C 64 -20.88 -3.67 -13.19
CA ASP C 64 -20.28 -3.21 -11.94
C ASP C 64 -21.34 -3.12 -10.84
N LEU C 65 -22.47 -2.50 -11.15
CA LEU C 65 -23.60 -2.48 -10.21
C LEU C 65 -24.08 -3.89 -9.86
N GLN C 66 -24.22 -4.76 -10.88
CA GLN C 66 -24.69 -6.11 -10.63
C GLN C 66 -23.77 -6.85 -9.67
N HIS C 67 -22.47 -6.62 -9.78
CA HIS C 67 -21.53 -7.29 -8.86
C HIS C 67 -21.72 -6.84 -7.42
N GLY C 68 -22.35 -5.70 -7.19
CA GLY C 68 -22.67 -5.28 -5.84
C GLY C 68 -24.05 -5.70 -5.37
N SER C 69 -24.71 -6.62 -6.08
CA SER C 69 -26.09 -6.99 -5.78
C SER C 69 -26.26 -7.53 -4.38
N LEU C 70 -25.26 -8.27 -3.89
CA LEU C 70 -25.28 -8.76 -2.52
C LEU C 70 -25.56 -7.65 -1.53
N PHE C 71 -25.10 -6.43 -1.84
CA PHE C 71 -25.16 -5.32 -0.91
C PHE C 71 -26.34 -4.40 -1.16
N LEU C 72 -27.22 -4.77 -2.07
CA LEU C 72 -28.35 -3.94 -2.47
C LEU C 72 -29.65 -4.71 -2.29
N ARG C 73 -30.76 -4.00 -2.47
CA ARG C 73 -32.09 -4.59 -2.38
CA ARG C 73 -32.10 -4.58 -2.38
C ARG C 73 -32.91 -4.24 -3.62
N THR C 74 -32.23 -4.11 -4.76
CA THR C 74 -32.86 -3.86 -6.05
C THR C 74 -32.51 -5.07 -6.89
N PRO C 75 -33.42 -6.04 -7.02
CA PRO C 75 -33.02 -7.36 -7.52
C PRO C 75 -32.79 -7.46 -9.01
N LYS C 76 -33.21 -6.47 -9.80
CA LYS C 76 -33.08 -6.53 -11.25
C LYS C 76 -32.43 -5.25 -11.74
N ILE C 77 -31.26 -5.40 -12.35
CA ILE C 77 -30.53 -4.28 -12.96
C ILE C 77 -30.26 -4.68 -14.41
N VAL C 78 -30.77 -3.90 -15.36
CA VAL C 78 -30.67 -4.23 -16.78
C VAL C 78 -30.16 -3.02 -17.53
N SER C 79 -29.69 -3.25 -18.76
CA SER C 79 -29.24 -2.17 -19.60
C SER C 79 -29.34 -2.59 -21.06
N GLY C 80 -29.35 -1.59 -21.94
CA GLY C 80 -29.27 -1.83 -23.36
C GLY C 80 -29.40 -0.52 -24.10
N LYS C 81 -28.98 -0.55 -25.36
CA LYS C 81 -29.21 0.61 -26.22
C LYS C 81 -30.64 0.63 -26.76
N ASP C 82 -31.30 -0.53 -26.78
CA ASP C 82 -32.68 -0.65 -27.22
C ASP C 82 -33.60 -0.34 -26.05
N TYR C 83 -34.63 0.46 -26.29
CA TYR C 83 -35.48 0.92 -25.20
C TYR C 83 -36.49 -0.11 -24.70
N ASN C 84 -36.52 -1.32 -25.29
CA ASN C 84 -37.38 -2.34 -24.69
C ASN C 84 -36.97 -2.68 -23.26
N VAL C 85 -35.70 -2.47 -22.91
CA VAL C 85 -35.27 -2.71 -21.52
C VAL C 85 -35.93 -1.73 -20.55
N THR C 86 -36.47 -0.62 -21.04
CA THR C 86 -37.04 0.41 -20.18
C THR C 86 -38.54 0.26 -19.97
N ALA C 87 -39.17 -0.74 -20.60
CA ALA C 87 -40.63 -0.82 -20.61
C ALA C 87 -41.20 -0.78 -19.19
N ASN C 88 -42.27 -0.02 -19.01
CA ASN C 88 -43.06 0.02 -17.79
C ASN C 88 -42.30 0.64 -16.62
N SER C 89 -41.44 1.60 -16.90
CA SER C 89 -40.85 2.41 -15.85
C SER C 89 -41.89 3.37 -15.26
N LYS C 90 -41.88 3.51 -13.94
CA LYS C 90 -42.67 4.57 -13.32
C LYS C 90 -42.01 5.94 -13.52
N LEU C 91 -40.68 5.98 -13.54
CA LEU C 91 -39.92 7.22 -13.60
C LEU C 91 -38.75 7.03 -14.54
N VAL C 92 -38.56 7.96 -15.47
CA VAL C 92 -37.46 7.91 -16.42
C VAL C 92 -36.65 9.18 -16.26
N ILE C 93 -35.37 9.02 -15.95
CA ILE C 93 -34.48 10.13 -15.61
C ILE C 93 -33.55 10.31 -16.80
N ILE C 94 -33.56 11.52 -17.36
CA ILE C 94 -32.79 11.81 -18.56
C ILE C 94 -31.55 12.60 -18.14
N THR C 95 -30.38 11.97 -18.27
CA THR C 95 -29.12 12.67 -18.03
C THR C 95 -28.24 12.64 -19.26
N ALA C 96 -28.81 12.33 -20.42
CA ALA C 96 -28.03 12.23 -21.64
C ALA C 96 -27.73 13.62 -22.20
N GLY C 97 -26.61 13.74 -22.88
CA GLY C 97 -26.26 15.00 -23.51
C GLY C 97 -24.95 14.85 -24.26
N ALA C 98 -24.69 15.84 -25.10
CA ALA C 98 -23.44 15.95 -25.83
C ALA C 98 -22.35 16.58 -24.97
N ARG C 99 -21.10 16.34 -25.36
CA ARG C 99 -19.96 17.04 -24.77
C ARG C 99 -19.75 18.34 -25.53
N GLN C 100 -19.91 19.46 -24.83
CA GLN C 100 -19.67 20.75 -25.45
C GLN C 100 -18.22 20.82 -25.91
N GLN C 101 -18.03 21.13 -27.19
CA GLN C 101 -16.68 21.15 -27.74
C GLN C 101 -16.01 22.48 -27.43
N GLU C 102 -14.68 22.46 -27.46
CA GLU C 102 -13.92 23.69 -27.28
C GLU C 102 -14.35 24.70 -28.33
N GLY C 103 -14.76 25.88 -27.88
CA GLY C 103 -15.24 26.91 -28.77
C GLY C 103 -16.65 26.75 -29.27
N GLU C 104 -17.36 25.69 -28.86
CA GLU C 104 -18.76 25.52 -29.24
C GLU C 104 -19.64 26.43 -28.37
N SER C 105 -20.55 27.14 -29.02
CA SER C 105 -21.43 28.07 -28.32
C SER C 105 -22.49 27.32 -27.54
N ARG C 106 -23.04 27.99 -26.51
CA ARG C 106 -24.13 27.40 -25.76
C ARG C 106 -25.37 27.19 -26.63
N LEU C 107 -25.56 28.05 -27.65
CA LEU C 107 -26.73 27.88 -28.52
C LEU C 107 -26.55 26.67 -29.45
N ASN C 108 -25.35 26.46 -29.96
CA ASN C 108 -25.13 25.28 -30.79
C ASN C 108 -25.23 24.02 -29.95
N LEU C 109 -24.76 24.08 -28.71
CA LEU C 109 -24.79 22.91 -27.83
C LEU C 109 -26.22 22.48 -27.52
N VAL C 110 -27.09 23.43 -27.17
CA VAL C 110 -28.45 23.01 -26.80
C VAL C 110 -29.14 22.35 -27.99
N GLN C 111 -28.92 22.87 -29.21
CA GLN C 111 -29.52 22.25 -30.38
C GLN C 111 -29.04 20.81 -30.55
N ARG C 112 -27.77 20.53 -30.22
CA ARG C 112 -27.30 19.15 -30.29
C ARG C 112 -27.98 18.29 -29.24
N ASN C 113 -28.27 18.84 -28.06
CA ASN C 113 -29.02 18.08 -27.06
C ASN C 113 -30.48 17.94 -27.45
N VAL C 114 -31.04 18.92 -28.18
CA VAL C 114 -32.39 18.75 -28.71
C VAL C 114 -32.42 17.57 -29.68
N ASN C 115 -31.42 17.49 -30.57
CA ASN C 115 -31.37 16.38 -31.52
C ASN C 115 -31.22 15.05 -30.80
N ILE C 116 -30.50 15.04 -29.68
CA ILE C 116 -30.43 13.83 -28.85
C ILE C 116 -31.80 13.50 -28.28
N PHE C 117 -32.50 14.51 -27.74
CA PHE C 117 -33.82 14.29 -27.15
C PHE C 117 -34.84 13.82 -28.21
N LYS C 118 -34.66 14.24 -29.46
CA LYS C 118 -35.56 13.76 -30.51
C LYS C 118 -35.45 12.26 -30.70
N PHE C 119 -34.30 11.66 -30.40
CA PHE C 119 -34.23 10.21 -30.47
C PHE C 119 -34.68 9.56 -29.16
N ILE C 120 -34.27 10.13 -28.03
CA ILE C 120 -34.51 9.51 -26.73
C ILE C 120 -36.00 9.49 -26.40
N ILE C 121 -36.63 10.66 -26.39
CA ILE C 121 -37.93 10.83 -25.74
C ILE C 121 -39.00 10.01 -26.44
N PRO C 122 -39.08 9.97 -27.78
CA PRO C 122 -40.11 9.11 -28.41
C PRO C 122 -39.95 7.65 -28.02
N ASN C 123 -38.71 7.20 -27.88
CA ASN C 123 -38.48 5.81 -27.50
C ASN C 123 -38.88 5.54 -26.07
N VAL C 124 -38.60 6.49 -25.16
CA VAL C 124 -39.05 6.35 -23.77
C VAL C 124 -40.56 6.25 -23.72
N VAL C 125 -41.25 7.17 -24.40
CA VAL C 125 -42.71 7.22 -24.36
C VAL C 125 -43.30 5.92 -24.90
N LYS C 126 -42.68 5.33 -25.94
CA LYS C 126 -43.22 4.11 -26.53
C LYS C 126 -43.34 2.99 -25.51
N TYR C 127 -42.30 2.80 -24.70
CA TYR C 127 -42.26 1.65 -23.80
C TYR C 127 -42.71 1.95 -22.37
N SER C 128 -42.77 3.22 -21.96
CA SER C 128 -43.39 3.61 -20.69
C SER C 128 -44.28 4.83 -20.90
N PRO C 129 -45.43 4.64 -21.56
CA PRO C 129 -46.29 5.80 -21.86
C PRO C 129 -46.87 6.47 -20.64
N ASN C 130 -46.86 5.83 -19.48
CA ASN C 130 -47.41 6.42 -18.26
C ASN C 130 -46.33 6.89 -17.29
N CYS C 131 -45.06 6.89 -17.69
CA CYS C 131 -44.01 7.27 -16.75
C CYS C 131 -44.07 8.76 -16.43
N LYS C 132 -43.36 9.15 -15.36
CA LYS C 132 -42.97 10.54 -15.15
C LYS C 132 -41.58 10.74 -15.73
N LEU C 133 -41.40 11.87 -16.42
CA LEU C 133 -40.09 12.26 -16.98
C LEU C 133 -39.43 13.25 -16.04
N LEU C 134 -38.21 12.94 -15.62
CA LEU C 134 -37.39 13.85 -14.83
C LEU C 134 -36.17 14.21 -15.66
N ILE C 135 -36.06 15.49 -16.02
CA ILE C 135 -35.03 15.95 -16.94
C ILE C 135 -33.92 16.57 -16.12
N VAL C 136 -32.70 16.08 -16.30
CA VAL C 136 -31.52 16.59 -15.59
C VAL C 136 -30.57 17.31 -16.54
N SER C 137 -30.41 16.80 -17.76
CA SER C 137 -29.49 17.37 -18.75
C SER C 137 -29.66 18.87 -18.88
N ASN C 138 -28.51 19.59 -19.12
CA ASN C 138 -28.51 21.05 -19.22
C ASN C 138 -28.46 21.50 -20.68
N PRO C 139 -29.07 22.65 -21.02
CA PRO C 139 -29.80 23.54 -20.11
C PRO C 139 -31.10 22.94 -19.61
N VAL C 140 -31.23 22.71 -18.30
CA VAL C 140 -32.28 21.82 -17.81
C VAL C 140 -33.65 22.44 -18.01
N ASP C 141 -33.79 23.75 -17.81
CA ASP C 141 -35.11 24.34 -17.94
C ASP C 141 -35.58 24.33 -19.39
N ILE C 142 -34.67 24.64 -20.32
CA ILE C 142 -35.01 24.58 -21.74
C ILE C 142 -35.31 23.14 -22.15
N LEU C 143 -34.47 22.20 -21.72
CA LEU C 143 -34.65 20.82 -22.15
C LEU C 143 -35.87 20.16 -21.50
N THR C 144 -36.34 20.68 -20.36
CA THR C 144 -37.61 20.18 -19.84
C THR C 144 -38.75 20.58 -20.76
N TYR C 145 -38.72 21.82 -21.28
CA TYR C 145 -39.65 22.22 -22.33
C TYR C 145 -39.54 21.31 -23.54
N VAL C 146 -38.29 21.02 -23.97
CA VAL C 146 -38.08 20.17 -25.15
C VAL C 146 -38.70 18.80 -24.92
N ALA C 147 -38.46 18.20 -23.75
CA ALA C 147 -39.00 16.88 -23.47
C ALA C 147 -40.52 16.91 -23.41
N TRP C 148 -41.08 17.94 -22.78
CA TRP C 148 -42.53 18.11 -22.74
C TRP C 148 -43.12 18.17 -24.16
N LYS C 149 -42.52 18.97 -25.04
CA LYS C 149 -43.08 19.12 -26.38
C LYS C 149 -42.90 17.84 -27.20
N ILE C 150 -41.77 17.15 -27.05
CA ILE C 150 -41.57 15.92 -27.82
C ILE C 150 -42.48 14.82 -27.27
N SER C 151 -42.59 14.72 -25.95
CA SER C 151 -43.34 13.59 -25.37
C SER C 151 -44.83 13.70 -25.62
N GLY C 152 -45.38 14.92 -25.64
CA GLY C 152 -46.81 15.10 -25.60
C GLY C 152 -47.43 14.85 -24.24
N PHE C 153 -46.63 14.62 -23.20
CA PHE C 153 -47.12 14.33 -21.87
C PHE C 153 -47.86 15.54 -21.29
N PRO C 154 -48.83 15.30 -20.41
CA PRO C 154 -49.37 16.42 -19.61
C PRO C 154 -48.27 17.01 -18.74
N LYS C 155 -48.43 18.29 -18.40
CA LYS C 155 -47.34 18.99 -17.74
C LYS C 155 -47.02 18.38 -16.37
N ASN C 156 -47.97 17.71 -15.73
CA ASN C 156 -47.67 17.18 -14.40
C ASN C 156 -46.61 16.08 -14.46
N ARG C 157 -46.46 15.41 -15.60
CA ARG C 157 -45.57 14.26 -15.73
C ARG C 157 -44.24 14.61 -16.40
N VAL C 158 -43.91 15.90 -16.52
CA VAL C 158 -42.63 16.32 -17.09
C VAL C 158 -41.99 17.32 -16.14
N ILE C 159 -40.91 16.91 -15.49
CA ILE C 159 -40.31 17.62 -14.37
C ILE C 159 -38.84 17.86 -14.66
N GLY C 160 -38.39 19.10 -14.48
CA GLY C 160 -36.96 19.40 -14.53
C GLY C 160 -36.38 19.37 -13.12
N SER C 161 -35.19 18.76 -13.00
CA SER C 161 -34.56 18.71 -11.68
C SER C 161 -34.38 20.12 -11.12
N GLY C 162 -34.20 21.11 -11.99
CA GLY C 162 -34.40 22.51 -11.64
C GLY C 162 -33.51 22.98 -10.50
N CYS C 163 -34.12 23.66 -9.53
CA CYS C 163 -33.40 24.30 -8.44
C CYS C 163 -33.43 23.50 -7.15
N ASN C 164 -33.79 22.21 -7.20
CA ASN C 164 -33.64 21.38 -6.00
C ASN C 164 -32.17 21.34 -5.57
N LEU C 165 -31.26 21.20 -6.54
CA LEU C 165 -29.83 21.20 -6.22
C LEU C 165 -29.35 22.57 -5.77
N ASP C 166 -29.76 23.63 -6.47
CA ASP C 166 -29.35 24.98 -6.09
C ASP C 166 -29.80 25.31 -4.67
N SER C 167 -31.02 24.91 -4.33
CA SER C 167 -31.54 25.14 -2.99
C SER C 167 -30.80 24.30 -1.96
N ALA C 168 -30.43 23.06 -2.30
CA ALA C 168 -29.58 22.29 -1.40
C ALA C 168 -28.24 22.98 -1.16
N ARG C 169 -27.63 23.53 -2.22
CA ARG C 169 -26.37 24.25 -2.03
C ARG C 169 -26.59 25.48 -1.15
N PHE C 170 -27.69 26.19 -1.39
CA PHE C 170 -28.03 27.36 -0.57
C PHE C 170 -28.10 26.99 0.90
N ARG C 171 -28.80 25.90 1.22
CA ARG C 171 -29.00 25.49 2.60
C ARG C 171 -27.71 24.95 3.21
N TYR C 172 -26.87 24.30 2.41
CA TYR C 172 -25.54 23.93 2.91
C TYR C 172 -24.74 25.16 3.31
N LEU C 173 -24.66 26.15 2.41
CA LEU C 173 -23.90 27.37 2.69
C LEU C 173 -24.52 28.16 3.84
N MET C 174 -25.85 28.18 3.90
CA MET C 174 -26.53 28.81 5.04
C MET C 174 -26.17 28.10 6.35
N GLY C 175 -26.20 26.77 6.34
CA GLY C 175 -25.87 26.03 7.54
C GLY C 175 -24.43 26.22 7.98
N GLU C 176 -23.52 26.37 7.01
CA GLU C 176 -22.13 26.62 7.34
C GLU C 176 -21.97 27.94 8.10
N ARG C 177 -22.69 28.99 7.67
CA ARG C 177 -22.59 30.27 8.36
C ARG C 177 -23.18 30.21 9.77
N LEU C 178 -24.24 29.42 9.96
CA LEU C 178 -24.97 29.44 11.22
C LEU C 178 -24.56 28.33 12.18
N GLY C 179 -23.81 27.34 11.72
CA GLY C 179 -23.49 26.19 12.56
C GLY C 179 -24.69 25.30 12.83
N VAL C 180 -25.58 25.17 11.84
CA VAL C 180 -26.79 24.37 11.95
C VAL C 180 -26.86 23.43 10.75
N HIS C 181 -27.37 22.22 10.97
CA HIS C 181 -27.51 21.28 9.86
C HIS C 181 -28.41 21.87 8.77
N PRO C 182 -28.08 21.67 7.49
CA PRO C 182 -28.94 22.18 6.40
C PRO C 182 -30.38 21.73 6.51
N LEU C 183 -30.63 20.54 7.07
CA LEU C 183 -32.01 20.10 7.27
C LEU C 183 -32.82 21.10 8.07
N SER C 184 -32.18 21.86 8.95
CA SER C 184 -32.86 22.85 9.78
C SER C 184 -32.69 24.28 9.30
N CYS C 185 -31.98 24.49 8.18
CA CYS C 185 -31.80 25.80 7.57
C CYS C 185 -32.67 25.88 6.33
N HIS C 186 -33.64 26.79 6.33
CA HIS C 186 -34.63 26.84 5.27
C HIS C 186 -34.40 28.06 4.40
N GLY C 187 -34.44 27.86 3.09
CA GLY C 187 -34.28 28.95 2.14
C GLY C 187 -34.48 28.40 0.75
N TRP C 188 -35.05 29.20 -0.15
CA TRP C 188 -35.52 28.71 -1.44
C TRP C 188 -34.82 29.48 -2.56
N VAL C 189 -34.26 28.75 -3.52
CA VAL C 189 -33.71 29.30 -4.74
C VAL C 189 -34.63 28.86 -5.88
N LEU C 190 -35.15 29.83 -6.64
CA LEU C 190 -36.20 29.57 -7.62
C LEU C 190 -35.76 30.07 -8.98
N GLY C 191 -36.61 29.82 -9.98
CA GLY C 191 -36.36 30.31 -11.34
C GLY C 191 -35.48 29.36 -12.11
N GLU C 192 -34.50 29.92 -12.82
CA GLU C 192 -33.59 29.10 -13.61
C GLU C 192 -32.57 28.38 -12.74
N HIS C 193 -32.19 27.19 -13.17
CA HIS C 193 -31.03 26.51 -12.58
C HIS C 193 -29.75 27.31 -12.87
N GLY C 194 -28.88 27.38 -11.87
CA GLY C 194 -27.54 27.96 -12.10
C GLY C 194 -27.55 29.47 -12.17
N ASP C 195 -26.91 30.00 -13.22
CA ASP C 195 -26.59 31.41 -13.45
C ASP C 195 -27.62 32.41 -12.93
N SER C 196 -28.86 32.31 -13.40
CA SER C 196 -29.86 33.35 -13.20
C SER C 196 -30.85 33.03 -12.08
N SER C 197 -30.54 32.04 -11.24
CA SER C 197 -31.48 31.65 -10.19
C SER C 197 -31.74 32.81 -9.22
N VAL C 198 -32.86 32.72 -8.52
CA VAL C 198 -33.36 33.80 -7.67
C VAL C 198 -33.43 33.33 -6.23
N PRO C 199 -32.66 33.94 -5.31
CA PRO C 199 -32.81 33.61 -3.89
C PRO C 199 -33.97 34.40 -3.28
N VAL C 200 -34.85 33.69 -2.58
CA VAL C 200 -36.05 34.31 -2.00
C VAL C 200 -35.73 34.63 -0.55
N TRP C 201 -35.18 35.83 -0.32
CA TRP C 201 -34.68 36.19 1.01
C TRP C 201 -35.79 36.18 2.05
N SER C 202 -37.02 36.50 1.65
CA SER C 202 -38.14 36.52 2.61
C SER C 202 -38.45 35.17 3.20
N GLY C 203 -38.02 34.08 2.57
CA GLY C 203 -38.31 32.75 3.07
C GLY C 203 -37.17 32.13 3.86
N MET C 204 -36.03 32.79 3.96
CA MET C 204 -34.87 32.23 4.65
C MET C 204 -35.13 32.25 6.16
N ASN C 205 -35.06 31.08 6.81
CA ASN C 205 -35.43 31.03 8.22
C ASN C 205 -34.85 29.79 8.87
N VAL C 206 -34.72 29.88 10.20
CA VAL C 206 -34.43 28.75 11.09
C VAL C 206 -35.53 28.72 12.14
N ALA C 207 -36.13 27.55 12.36
CA ALA C 207 -37.20 27.40 13.36
C ALA C 207 -38.33 28.40 13.14
N GLY C 208 -38.62 28.70 11.88
CA GLY C 208 -39.67 29.67 11.59
C GLY C 208 -39.32 31.10 11.89
N VAL C 209 -38.08 31.42 12.23
CA VAL C 209 -37.67 32.79 12.50
C VAL C 209 -37.15 33.40 11.21
N SER C 210 -37.86 34.39 10.67
CA SER C 210 -37.43 35.05 9.44
C SER C 210 -36.11 35.79 9.63
N LEU C 211 -35.10 35.41 8.84
CA LEU C 211 -33.82 36.13 8.89
C LEU C 211 -33.94 37.52 8.31
N LYS C 212 -34.79 37.71 7.29
CA LYS C 212 -34.96 39.03 6.70
C LYS C 212 -35.56 40.01 7.71
N THR C 213 -36.51 39.55 8.53
CA THR C 213 -37.09 40.42 9.56
C THR C 213 -36.09 40.69 10.68
N LEU C 214 -35.28 39.70 11.05
CA LEU C 214 -34.23 39.94 12.05
C LEU C 214 -33.17 40.91 11.53
N HIS C 215 -32.88 40.84 10.24
CA HIS C 215 -31.71 41.48 9.64
C HIS C 215 -32.16 42.08 8.32
N PRO C 216 -32.80 43.25 8.36
CA PRO C 216 -33.46 43.78 7.14
C PRO C 216 -32.51 44.02 5.97
N ASP C 217 -31.21 44.12 6.20
CA ASP C 217 -30.26 44.24 5.10
C ASP C 217 -30.02 42.93 4.36
N LEU C 218 -30.56 41.82 4.85
CA LEU C 218 -30.42 40.53 4.19
C LEU C 218 -30.83 40.63 2.72
N GLY C 219 -29.95 40.18 1.83
CA GLY C 219 -30.21 40.24 0.41
C GLY C 219 -29.87 41.54 -0.28
N THR C 220 -29.32 42.53 0.42
CA THR C 220 -28.96 43.79 -0.20
C THR C 220 -27.44 43.96 -0.22
N ASP C 221 -26.98 44.87 -1.07
CA ASP C 221 -25.54 45.19 -1.12
C ASP C 221 -25.09 45.98 0.08
N LYS C 222 -26.01 46.64 0.79
CA LYS C 222 -25.66 47.37 2.01
C LYS C 222 -25.26 46.44 3.15
N ASP C 223 -25.70 45.18 3.11
CA ASP C 223 -25.49 44.23 4.20
C ASP C 223 -24.01 44.08 4.57
N LYS C 224 -23.65 44.55 5.77
CA LYS C 224 -22.28 44.43 6.23
C LYS C 224 -21.83 42.98 6.36
N GLU C 225 -22.78 42.06 6.56
CA GLU C 225 -22.46 40.65 6.64
C GLU C 225 -22.52 39.94 5.30
N GLN C 226 -22.88 40.65 4.23
CA GLN C 226 -22.76 40.15 2.85
C GLN C 226 -23.45 38.80 2.68
N TRP C 227 -24.71 38.72 3.09
CA TRP C 227 -25.43 37.45 2.92
C TRP C 227 -25.74 37.16 1.46
N LYS C 228 -25.75 38.17 0.58
CA LYS C 228 -25.86 37.91 -0.85
C LYS C 228 -24.77 36.96 -1.33
N GLU C 229 -23.61 36.97 -0.66
CA GLU C 229 -22.54 36.04 -1.03
C GLU C 229 -22.99 34.60 -0.91
N VAL C 230 -23.96 34.31 -0.03
CA VAL C 230 -24.46 32.95 0.07
C VAL C 230 -25.10 32.53 -1.25
N HIS C 231 -25.88 33.42 -1.87
CA HIS C 231 -26.46 33.03 -3.14
C HIS C 231 -25.42 33.08 -4.25
N LYS C 232 -24.52 34.06 -4.21
CA LYS C 232 -23.44 34.11 -5.20
C LYS C 232 -22.67 32.81 -5.21
N GLN C 233 -22.39 32.25 -4.02
CA GLN C 233 -21.69 30.98 -3.94
C GLN C 233 -22.55 29.81 -4.41
N VAL C 234 -23.88 29.92 -4.37
CA VAL C 234 -24.71 28.87 -4.96
C VAL C 234 -24.35 28.68 -6.42
N VAL C 235 -24.09 29.77 -7.12
CA VAL C 235 -23.75 29.71 -8.54
C VAL C 235 -22.27 29.45 -8.72
N GLU C 236 -21.42 30.20 -8.01
CA GLU C 236 -19.99 30.10 -8.26
CA GLU C 236 -19.99 30.11 -8.24
C GLU C 236 -19.42 28.77 -7.78
N SER C 237 -19.99 28.17 -6.73
CA SER C 237 -19.42 26.91 -6.26
C SER C 237 -19.67 25.79 -7.25
N ALA C 238 -20.77 25.85 -8.01
CA ALA C 238 -20.97 24.88 -9.07
C ALA C 238 -19.86 24.99 -10.12
N TYR C 239 -19.59 26.20 -10.59
CA TYR C 239 -18.50 26.40 -11.54
C TYR C 239 -17.16 26.02 -10.93
N GLU C 240 -16.99 26.22 -9.63
CA GLU C 240 -15.71 25.89 -9.00
C GLU C 240 -15.48 24.38 -8.98
N VAL C 241 -16.51 23.60 -8.62
CA VAL C 241 -16.41 22.14 -8.66
C VAL C 241 -16.08 21.68 -10.08
N ILE C 242 -16.76 22.25 -11.07
CA ILE C 242 -16.48 21.91 -12.47
C ILE C 242 -15.03 22.20 -12.80
N LYS C 243 -14.52 23.35 -12.37
CA LYS C 243 -13.11 23.65 -12.63
C LYS C 243 -12.19 22.69 -11.88
N LEU C 244 -12.56 22.31 -10.66
CA LEU C 244 -11.64 21.55 -9.81
C LEU C 244 -11.62 20.06 -10.15
N LYS C 245 -12.78 19.44 -10.34
CA LYS C 245 -12.79 18.02 -10.68
C LYS C 245 -13.27 17.73 -12.10
N GLY C 246 -13.67 18.76 -12.88
CA GLY C 246 -14.01 18.57 -14.28
C GLY C 246 -15.50 18.46 -14.56
N TYR C 247 -16.32 18.25 -13.53
CA TYR C 247 -17.76 18.03 -13.67
C TYR C 247 -18.32 17.96 -12.24
N THR C 248 -19.64 17.93 -12.11
CA THR C 248 -20.25 17.63 -10.81
C THR C 248 -21.10 16.39 -10.94
N SER C 249 -21.22 15.64 -9.85
CA SER C 249 -21.98 14.39 -9.93
C SER C 249 -22.64 13.98 -8.62
N TRP C 250 -21.92 14.03 -7.50
CA TRP C 250 -22.49 13.46 -6.27
C TRP C 250 -23.71 14.24 -5.80
N ALA C 251 -23.65 15.57 -5.81
CA ALA C 251 -24.76 16.34 -5.25
C ALA C 251 -26.00 16.24 -6.14
N ILE C 252 -25.83 16.30 -7.46
CA ILE C 252 -26.99 16.16 -8.35
C ILE C 252 -27.56 14.75 -8.23
N GLY C 253 -26.69 13.75 -8.06
CA GLY C 253 -27.17 12.39 -7.85
C GLY C 253 -28.06 12.27 -6.63
N LEU C 254 -27.63 12.86 -5.50
CA LEU C 254 -28.45 12.87 -4.29
C LEU C 254 -29.70 13.72 -4.47
N SER C 255 -29.59 14.84 -5.16
CA SER C 255 -30.75 15.69 -5.41
C SER C 255 -31.82 14.95 -6.21
N VAL C 256 -31.41 14.28 -7.29
CA VAL C 256 -32.33 13.50 -8.12
C VAL C 256 -32.96 12.37 -7.31
N ALA C 257 -32.17 11.69 -6.47
CA ALA C 257 -32.72 10.61 -5.64
C ALA C 257 -33.78 11.15 -4.69
N ASP C 258 -33.55 12.35 -4.14
CA ASP C 258 -34.53 13.05 -3.30
C ASP C 258 -35.84 13.25 -4.04
N LEU C 259 -35.77 13.76 -5.28
CA LEU C 259 -36.99 13.92 -6.08
C LEU C 259 -37.63 12.57 -6.37
N ALA C 260 -36.81 11.58 -6.75
CA ALA C 260 -37.33 10.25 -7.03
C ALA C 260 -38.00 9.65 -5.81
N GLU C 261 -37.46 9.92 -4.63
CA GLU C 261 -38.07 9.41 -3.41
C GLU C 261 -39.49 9.94 -3.24
N SER C 262 -39.68 11.25 -3.43
CA SER C 262 -41.02 11.83 -3.30
C SER C 262 -41.97 11.26 -4.35
N ILE C 263 -41.50 11.09 -5.58
CA ILE C 263 -42.37 10.58 -6.64
C ILE C 263 -42.69 9.11 -6.41
N MET C 264 -41.65 8.28 -6.20
CA MET C 264 -41.86 6.84 -6.09
C MET C 264 -42.69 6.48 -4.85
N LYS C 265 -42.53 7.20 -3.75
CA LYS C 265 -43.28 6.89 -2.53
C LYS C 265 -44.52 7.75 -2.34
N ASN C 266 -44.88 8.57 -3.33
CA ASN C 266 -46.07 9.41 -3.25
C ASN C 266 -46.07 10.27 -1.99
N LEU C 267 -44.94 10.94 -1.70
CA LEU C 267 -44.79 11.62 -0.40
C LEU C 267 -45.54 12.94 -0.32
N ARG C 268 -45.72 13.64 -1.45
CA ARG C 268 -46.29 14.98 -1.45
C ARG C 268 -45.44 15.93 -0.59
N ARG C 269 -44.12 15.74 -0.65
CA ARG C 269 -43.21 16.77 -0.18
C ARG C 269 -43.11 17.88 -1.22
N VAL C 270 -42.63 19.04 -0.78
CA VAL C 270 -42.51 20.22 -1.62
C VAL C 270 -41.05 20.40 -2.04
N HIS C 271 -40.81 20.52 -3.35
CA HIS C 271 -39.46 20.64 -3.91
C HIS C 271 -39.46 21.75 -4.96
N PRO C 272 -38.38 22.52 -5.05
CA PRO C 272 -38.27 23.48 -6.15
C PRO C 272 -37.80 22.79 -7.43
N VAL C 273 -38.72 22.45 -8.33
CA VAL C 273 -38.39 21.79 -9.57
C VAL C 273 -38.96 22.61 -10.73
N SER C 274 -38.42 22.35 -11.91
CA SER C 274 -38.78 23.11 -13.10
C SER C 274 -40.12 22.60 -13.63
N THR C 275 -41.11 23.49 -13.68
CA THR C 275 -42.45 23.11 -14.12
C THR C 275 -42.99 24.19 -15.04
N MET C 276 -44.02 23.83 -15.81
CA MET C 276 -44.65 24.79 -16.71
C MET C 276 -45.24 25.96 -15.94
N ILE C 277 -44.70 27.15 -16.19
CA ILE C 277 -44.98 28.32 -15.37
C ILE C 277 -45.87 29.34 -16.09
N LYS C 278 -46.29 29.04 -17.33
CA LYS C 278 -47.22 29.91 -18.03
C LYS C 278 -48.46 30.14 -17.18
N GLY C 279 -48.84 31.41 -17.05
CA GLY C 279 -49.99 31.80 -16.24
C GLY C 279 -49.62 32.47 -14.94
N LEU C 280 -48.35 32.44 -14.54
CA LEU C 280 -47.86 33.09 -13.34
C LEU C 280 -46.89 34.19 -13.71
N TYR C 281 -46.85 35.24 -12.87
CA TYR C 281 -45.85 36.30 -12.97
C TYR C 281 -45.86 36.98 -14.33
N GLY C 282 -47.04 37.08 -14.94
CA GLY C 282 -47.16 37.69 -16.25
C GLY C 282 -46.54 36.88 -17.38
N ILE C 283 -46.17 35.63 -17.13
CA ILE C 283 -45.53 34.78 -18.13
C ILE C 283 -46.62 34.13 -18.98
N LYS C 284 -46.61 34.43 -20.28
CA LYS C 284 -47.58 33.89 -21.22
C LYS C 284 -46.98 32.90 -22.20
N ASP C 285 -45.68 32.60 -22.08
CA ASP C 285 -45.00 31.66 -22.96
C ASP C 285 -44.88 30.29 -22.30
N ASP C 286 -44.66 29.26 -23.14
CA ASP C 286 -44.45 27.90 -22.66
C ASP C 286 -43.01 27.80 -22.16
N VAL C 287 -42.81 28.10 -20.88
CA VAL C 287 -41.48 28.03 -20.29
CA VAL C 287 -41.49 28.08 -20.26
C VAL C 287 -41.58 27.33 -18.94
N PHE C 288 -40.52 26.59 -18.61
CA PHE C 288 -40.42 25.84 -17.37
C PHE C 288 -39.41 26.54 -16.48
N LEU C 289 -39.83 26.87 -15.25
CA LEU C 289 -38.92 27.44 -14.25
C LEU C 289 -39.25 26.78 -12.92
N SER C 290 -38.30 26.86 -11.99
CA SER C 290 -38.49 26.21 -10.70
C SER C 290 -39.34 27.09 -9.79
N VAL C 291 -40.42 26.50 -9.27
CA VAL C 291 -41.17 27.04 -8.13
C VAL C 291 -41.38 25.86 -7.20
N PRO C 292 -41.82 26.05 -5.96
CA PRO C 292 -42.03 24.88 -5.07
C PRO C 292 -43.23 24.07 -5.52
N CYS C 293 -43.00 22.78 -5.78
CA CYS C 293 -44.03 21.90 -6.30
C CYS C 293 -44.24 20.73 -5.36
N ILE C 294 -45.50 20.29 -5.27
CA ILE C 294 -45.84 19.08 -4.53
CA ILE C 294 -45.84 19.08 -4.53
C ILE C 294 -45.61 17.89 -5.46
N LEU C 295 -44.73 16.98 -5.05
CA LEU C 295 -44.32 15.83 -5.86
C LEU C 295 -44.90 14.54 -5.29
N GLY C 296 -45.51 13.74 -6.15
CA GLY C 296 -46.06 12.47 -5.75
C GLY C 296 -46.18 11.52 -6.94
N GLN C 297 -47.06 10.52 -6.77
CA GLN C 297 -47.20 9.43 -7.74
C GLN C 297 -47.64 9.91 -9.12
N ASN C 298 -48.22 11.09 -9.22
CA ASN C 298 -48.63 11.65 -10.50
C ASN C 298 -47.72 12.79 -10.95
N GLY C 299 -46.50 12.85 -10.43
CA GLY C 299 -45.62 13.95 -10.74
C GLY C 299 -45.97 15.19 -9.95
N ILE C 300 -46.06 16.32 -10.62
CA ILE C 300 -46.38 17.60 -9.98
C ILE C 300 -47.90 17.73 -9.93
N SER C 301 -48.47 17.62 -8.73
CA SER C 301 -49.93 17.73 -8.61
C SER C 301 -50.37 19.13 -8.26
N ASP C 302 -49.49 19.88 -7.59
CA ASP C 302 -49.78 21.22 -7.12
C ASP C 302 -48.48 21.99 -7.09
N LEU C 303 -48.59 23.31 -7.09
CA LEU C 303 -47.43 24.15 -6.81
C LEU C 303 -47.82 25.20 -5.78
N VAL C 304 -46.83 25.66 -5.04
CA VAL C 304 -46.97 26.70 -4.04
C VAL C 304 -46.80 28.05 -4.72
N LYS C 305 -47.70 28.99 -4.41
CA LYS C 305 -47.62 30.34 -4.95
C LYS C 305 -46.83 31.19 -3.97
N VAL C 306 -45.52 31.28 -4.19
CA VAL C 306 -44.68 32.06 -3.30
C VAL C 306 -44.96 33.54 -3.52
N THR C 307 -45.10 34.30 -2.43
CA THR C 307 -45.24 35.75 -2.52
C THR C 307 -43.87 36.34 -2.84
N LEU C 308 -43.76 36.99 -3.99
CA LEU C 308 -42.51 37.52 -4.47
C LEU C 308 -42.53 39.04 -4.42
N THR C 309 -41.37 39.64 -4.18
CA THR C 309 -41.27 41.08 -4.36
C THR C 309 -41.38 41.42 -5.86
N SER C 310 -41.52 42.72 -6.13
CA SER C 310 -41.56 43.17 -7.52
C SER C 310 -40.27 42.81 -8.25
N GLU C 311 -39.13 42.96 -7.57
CA GLU C 311 -37.84 42.65 -8.20
C GLU C 311 -37.70 41.15 -8.45
N GLU C 312 -38.15 40.33 -7.50
CA GLU C 312 -38.08 38.88 -7.71
C GLU C 312 -38.97 38.46 -8.86
N GLU C 313 -40.18 38.98 -8.92
CA GLU C 313 -41.09 38.64 -10.01
C GLU C 313 -40.52 39.09 -11.36
N ALA C 314 -39.90 40.28 -11.41
CA ALA C 314 -39.35 40.74 -12.67
C ALA C 314 -38.20 39.87 -13.14
N ARG C 315 -37.44 39.28 -12.21
CA ARG C 315 -36.36 38.38 -12.61
C ARG C 315 -36.91 37.09 -13.19
N LEU C 316 -38.01 36.57 -12.63
CA LEU C 316 -38.63 35.38 -13.22
C LEU C 316 -39.20 35.71 -14.60
N LYS C 317 -39.84 36.87 -14.74
CA LYS C 317 -40.40 37.25 -16.03
C LYS C 317 -39.28 37.45 -17.06
N LYS C 318 -38.17 38.06 -16.65
CA LYS C 318 -37.05 38.23 -17.57
C LYS C 318 -36.46 36.88 -17.98
N SER C 319 -36.37 35.95 -17.03
CA SER C 319 -35.92 34.60 -17.36
C SER C 319 -36.83 33.94 -18.37
N ALA C 320 -38.15 34.05 -18.16
CA ALA C 320 -39.11 33.45 -19.09
C ALA C 320 -38.97 34.06 -20.48
N ASP C 321 -38.82 35.39 -20.55
CA ASP C 321 -38.61 36.04 -21.84
C ASP C 321 -37.39 35.46 -22.55
N THR C 322 -36.28 35.35 -21.83
CA THR C 322 -35.03 34.82 -22.40
C THR C 322 -35.21 33.39 -22.87
N LEU C 323 -35.75 32.52 -22.00
CA LEU C 323 -35.93 31.12 -22.37
C LEU C 323 -36.82 30.97 -23.60
N TRP C 324 -37.91 31.72 -23.70
CA TRP C 324 -38.77 31.59 -24.86
C TRP C 324 -38.06 32.02 -26.13
N GLY C 325 -37.26 33.09 -26.05
CA GLY C 325 -36.51 33.52 -27.22
C GLY C 325 -35.59 32.44 -27.75
N ILE C 326 -34.97 31.68 -26.85
CA ILE C 326 -34.12 30.57 -27.26
C ILE C 326 -34.98 29.44 -27.83
N GLN C 327 -36.04 29.07 -27.11
CA GLN C 327 -36.82 27.88 -27.47
C GLN C 327 -37.49 28.03 -28.84
N LYS C 328 -37.94 29.23 -29.18
CA LYS C 328 -38.66 29.39 -30.46
C LYS C 328 -37.73 29.27 -31.66
N GLU C 329 -36.42 29.33 -31.45
CA GLU C 329 -35.44 29.13 -32.51
C GLU C 329 -34.88 27.72 -32.53
N LEU C 330 -35.33 26.85 -31.63
CA LEU C 330 -34.90 25.46 -31.68
C LEU C 330 -35.54 24.74 -32.86
N GLN C 331 -34.78 23.85 -33.50
CA GLN C 331 -35.27 23.06 -34.61
C GLN C 331 -35.74 21.72 -34.06
N PHE C 332 -37.04 21.45 -34.19
CA PHE C 332 -37.64 20.22 -33.71
C PHE C 332 -37.81 19.21 -34.84
N ALA D 2 51.68 -6.12 -59.87
CA ALA D 2 50.88 -6.90 -58.92
C ALA D 2 50.96 -6.29 -57.53
N THR D 3 50.00 -6.61 -56.67
CA THR D 3 50.07 -6.18 -55.28
C THR D 3 51.14 -6.98 -54.55
N LEU D 4 51.67 -6.38 -53.48
CA LEU D 4 52.66 -7.07 -52.64
CA LEU D 4 52.65 -7.08 -52.66
C LEU D 4 52.13 -8.42 -52.20
N LYS D 5 50.86 -8.46 -51.76
CA LYS D 5 50.28 -9.71 -51.30
C LYS D 5 50.30 -10.77 -52.39
N ASP D 6 50.01 -10.37 -53.64
CA ASP D 6 50.04 -11.31 -54.75
C ASP D 6 51.46 -11.68 -55.16
N GLN D 7 52.40 -10.73 -55.07
CA GLN D 7 53.82 -11.05 -55.24
C GLN D 7 54.26 -12.13 -54.27
N LEU D 8 53.81 -12.03 -53.02
CA LEU D 8 54.33 -12.88 -51.94
C LEU D 8 53.60 -14.21 -51.87
N ILE D 9 52.29 -14.21 -52.12
CA ILE D 9 51.44 -15.35 -51.80
C ILE D 9 50.69 -15.80 -53.05
N TYR D 10 50.79 -17.09 -53.36
CA TYR D 10 50.00 -17.70 -54.43
C TYR D 10 48.78 -18.35 -53.81
N ASN D 11 47.59 -17.94 -54.24
CA ASN D 11 46.36 -18.47 -53.68
C ASN D 11 45.92 -19.73 -54.42
N LEU D 12 45.65 -20.80 -53.66
CA LEU D 12 45.10 -22.04 -54.20
C LEU D 12 43.58 -22.06 -54.16
N LEU D 13 42.99 -21.70 -53.03
CA LEU D 13 41.57 -21.86 -52.76
C LEU D 13 40.92 -20.51 -52.59
N LYS D 14 39.92 -20.23 -53.39
CA LYS D 14 38.93 -19.19 -53.11
C LYS D 14 37.70 -19.96 -52.69
N GLU D 15 37.55 -20.14 -51.38
CA GLU D 15 36.35 -20.74 -50.80
C GLU D 15 35.87 -19.87 -49.66
N GLU D 16 34.56 -19.76 -49.50
CA GLU D 16 34.02 -19.03 -48.37
C GLU D 16 34.38 -19.73 -47.07
N GLN D 17 35.15 -19.04 -46.23
CA GLN D 17 35.38 -19.55 -44.88
C GLN D 17 34.06 -19.70 -44.15
N THR D 18 33.94 -20.75 -43.34
CA THR D 18 32.73 -21.04 -42.59
C THR D 18 33.13 -21.38 -41.16
N PRO D 19 32.36 -20.93 -40.17
CA PRO D 19 32.80 -21.07 -38.77
C PRO D 19 32.67 -22.49 -38.27
N GLN D 20 33.69 -22.95 -37.56
CA GLN D 20 33.72 -24.34 -37.12
C GLN D 20 33.46 -24.52 -35.64
N ASN D 21 34.02 -23.64 -34.80
CA ASN D 21 33.94 -23.77 -33.35
C ASN D 21 33.71 -22.37 -32.79
N LYS D 22 32.54 -21.81 -33.11
CA LYS D 22 32.28 -20.39 -32.92
C LYS D 22 31.48 -20.18 -31.64
N ILE D 23 31.87 -19.14 -30.91
CA ILE D 23 31.16 -18.70 -29.72
C ILE D 23 30.80 -17.23 -29.88
N THR D 24 29.61 -16.86 -29.43
CA THR D 24 29.19 -15.47 -29.35
C THR D 24 28.98 -15.09 -27.90
N VAL D 25 29.44 -13.89 -27.54
CA VAL D 25 29.07 -13.26 -26.28
C VAL D 25 28.24 -12.03 -26.59
N VAL D 26 27.04 -11.94 -26.02
CA VAL D 26 26.17 -10.78 -26.17
C VAL D 26 26.19 -9.99 -24.86
N GLY D 27 26.59 -8.71 -24.95
CA GLY D 27 26.79 -7.87 -23.78
C GLY D 27 28.26 -7.80 -23.40
N VAL D 28 28.91 -6.67 -23.67
CA VAL D 28 30.35 -6.54 -23.43
C VAL D 28 30.60 -5.64 -22.22
N GLY D 29 29.77 -5.76 -21.19
CA GLY D 29 30.14 -5.21 -19.90
C GLY D 29 31.32 -5.97 -19.32
N ALA D 30 31.58 -5.73 -18.03
CA ALA D 30 32.69 -6.42 -17.38
C ALA D 30 32.52 -7.93 -17.43
N VAL D 31 31.28 -8.42 -17.28
CA VAL D 31 31.06 -9.86 -17.24
C VAL D 31 31.28 -10.48 -18.62
N GLY D 32 30.66 -9.90 -19.65
CA GLY D 32 30.87 -10.41 -21.00
C GLY D 32 32.33 -10.42 -21.42
N MET D 33 33.08 -9.36 -21.05
CA MET D 33 34.47 -9.33 -21.48
C MET D 33 35.34 -10.28 -20.66
N ALA D 34 34.98 -10.53 -19.40
CA ALA D 34 35.71 -11.55 -18.66
C ALA D 34 35.42 -12.93 -19.24
N CYS D 35 34.17 -13.20 -19.63
CA CYS D 35 33.89 -14.42 -20.36
C CYS D 35 34.74 -14.51 -21.61
N ALA D 36 34.81 -13.40 -22.38
CA ALA D 36 35.55 -13.40 -23.64
C ALA D 36 37.02 -13.74 -23.42
N ILE D 37 37.69 -12.97 -22.56
CA ILE D 37 39.12 -13.18 -22.37
C ILE D 37 39.40 -14.57 -21.81
N SER D 38 38.49 -15.09 -20.97
CA SER D 38 38.72 -16.43 -20.44
C SER D 38 38.59 -17.48 -21.54
N ILE D 39 37.58 -17.32 -22.40
CA ILE D 39 37.41 -18.22 -23.55
C ILE D 39 38.62 -18.12 -24.48
N LEU D 40 39.15 -16.92 -24.69
CA LEU D 40 40.29 -16.76 -25.59
C LEU D 40 41.53 -17.43 -25.02
N MET D 41 41.78 -17.24 -23.73
CA MET D 41 43.02 -17.79 -23.17
C MET D 41 42.93 -19.29 -22.92
N LYS D 42 41.75 -19.89 -22.99
CA LYS D 42 41.61 -21.33 -22.92
C LYS D 42 41.44 -21.97 -24.29
N ASP D 43 41.52 -21.18 -25.37
CA ASP D 43 41.50 -21.73 -26.74
C ASP D 43 40.25 -22.57 -26.97
N LEU D 44 39.10 -22.10 -26.51
CA LEU D 44 37.87 -22.87 -26.64
C LEU D 44 37.19 -22.66 -27.98
N ALA D 45 37.45 -21.56 -28.65
CA ALA D 45 36.73 -21.19 -29.85
C ALA D 45 37.71 -20.88 -30.96
N ASP D 46 37.32 -21.20 -32.18
CA ASP D 46 38.10 -20.77 -33.32
CA ASP D 46 38.06 -20.79 -33.36
C ASP D 46 37.56 -19.46 -33.92
N GLU D 47 36.43 -18.97 -33.46
CA GLU D 47 35.91 -17.67 -33.86
C GLU D 47 35.10 -17.11 -32.69
N LEU D 48 35.30 -15.83 -32.40
CA LEU D 48 34.60 -15.17 -31.31
C LEU D 48 33.89 -13.95 -31.86
N ALA D 49 32.58 -13.85 -31.59
CA ALA D 49 31.78 -12.70 -31.99
C ALA D 49 31.24 -12.00 -30.74
N LEU D 50 31.27 -10.68 -30.76
CA LEU D 50 30.76 -9.84 -29.69
C LEU D 50 29.62 -8.98 -30.21
N VAL D 51 28.55 -8.85 -29.41
CA VAL D 51 27.39 -8.03 -29.74
C VAL D 51 27.06 -7.16 -28.54
N ASP D 52 26.74 -5.89 -28.78
CA ASP D 52 26.20 -5.00 -27.77
C ASP D 52 25.34 -3.94 -28.47
N VAL D 53 24.69 -3.09 -27.68
CA VAL D 53 23.96 -1.96 -28.25
C VAL D 53 24.78 -0.68 -28.20
N ILE D 54 25.79 -0.61 -27.33
CA ILE D 54 26.66 0.55 -27.24
C ILE D 54 27.75 0.35 -28.28
N GLU D 55 27.64 1.07 -29.40
CA GLU D 55 28.44 0.75 -30.58
C GLU D 55 29.92 1.06 -30.38
N ASP D 56 30.26 2.20 -29.79
CA ASP D 56 31.66 2.57 -29.63
CA ASP D 56 31.67 2.55 -29.66
C ASP D 56 32.38 1.63 -28.66
N LYS D 57 31.76 1.39 -27.50
CA LYS D 57 32.30 0.45 -26.53
C LYS D 57 32.54 -0.93 -27.17
N LEU D 58 31.58 -1.39 -27.97
CA LEU D 58 31.68 -2.69 -28.62
C LEU D 58 32.87 -2.75 -29.56
N LYS D 59 33.04 -1.71 -30.38
CA LYS D 59 34.18 -1.69 -31.31
C LYS D 59 35.49 -1.59 -30.57
N GLY D 60 35.55 -0.78 -29.52
CA GLY D 60 36.77 -0.65 -28.73
C GLY D 60 37.21 -1.95 -28.09
N GLU D 61 36.25 -2.68 -27.51
CA GLU D 61 36.60 -3.97 -26.91
C GLU D 61 37.07 -4.94 -27.97
N MET D 62 36.39 -4.99 -29.13
CA MET D 62 36.83 -5.86 -30.21
C MET D 62 38.25 -5.52 -30.63
N MET D 63 38.54 -4.24 -30.87
CA MET D 63 39.87 -3.87 -31.33
C MET D 63 40.93 -4.21 -30.29
N ASP D 64 40.61 -4.01 -29.01
CA ASP D 64 41.59 -4.31 -27.95
C ASP D 64 41.95 -5.79 -27.97
N LEU D 65 40.95 -6.67 -28.05
CA LEU D 65 41.21 -8.11 -28.17
C LEU D 65 41.99 -8.43 -29.43
N GLN D 66 41.59 -7.84 -30.56
CA GLN D 66 42.28 -8.11 -31.82
C GLN D 66 43.76 -7.73 -31.73
N HIS D 67 44.07 -6.65 -31.01
CA HIS D 67 45.46 -6.24 -30.88
C HIS D 67 46.29 -7.25 -30.11
N GLY D 68 45.65 -8.13 -29.35
CA GLY D 68 46.37 -9.22 -28.69
C GLY D 68 46.40 -10.52 -29.46
N SER D 69 46.03 -10.48 -30.75
CA SER D 69 45.93 -11.69 -31.58
C SER D 69 47.21 -12.51 -31.59
N LEU D 70 48.35 -11.82 -31.64
CA LEU D 70 49.63 -12.52 -31.64
C LEU D 70 49.76 -13.48 -30.47
N PHE D 71 49.15 -13.14 -29.33
CA PHE D 71 49.29 -13.91 -28.10
C PHE D 71 48.17 -14.94 -27.93
N LEU D 72 47.35 -15.11 -28.95
CA LEU D 72 46.14 -15.92 -28.87
C LEU D 72 46.14 -16.94 -30.00
N ARG D 73 45.17 -17.86 -29.92
CA ARG D 73 45.00 -18.93 -30.90
CA ARG D 73 45.02 -18.91 -30.92
C ARG D 73 43.57 -18.97 -31.41
N THR D 74 42.91 -17.82 -31.42
CA THR D 74 41.55 -17.67 -31.94
C THR D 74 41.65 -16.69 -33.11
N PRO D 75 41.71 -17.18 -34.34
CA PRO D 75 42.15 -16.32 -35.46
C PRO D 75 41.13 -15.29 -35.90
N LYS D 76 39.85 -15.42 -35.50
CA LYS D 76 38.81 -14.51 -35.96
C LYS D 76 38.04 -13.98 -34.75
N ILE D 77 38.09 -12.66 -34.58
CA ILE D 77 37.33 -11.94 -33.55
C ILE D 77 36.57 -10.84 -34.27
N VAL D 78 35.24 -10.88 -34.16
CA VAL D 78 34.39 -9.93 -34.88
C VAL D 78 33.39 -9.34 -33.89
N SER D 79 32.70 -8.29 -34.35
CA SER D 79 31.67 -7.69 -33.50
C SER D 79 30.70 -6.90 -34.36
N GLY D 80 29.53 -6.61 -33.78
CA GLY D 80 28.56 -5.78 -34.46
C GLY D 80 27.27 -5.67 -33.69
N LYS D 81 26.47 -4.65 -33.98
CA LYS D 81 25.12 -4.59 -33.45
C LYS D 81 24.18 -5.51 -34.21
N ASP D 82 24.52 -5.82 -35.45
CA ASP D 82 23.74 -6.71 -36.30
C ASP D 82 24.10 -8.17 -36.00
N TYR D 83 23.08 -9.02 -35.87
CA TYR D 83 23.34 -10.39 -35.47
C TYR D 83 23.85 -11.28 -36.60
N ASN D 84 24.05 -10.74 -37.80
CA ASN D 84 24.67 -11.56 -38.84
C ASN D 84 26.10 -11.94 -38.46
N VAL D 85 26.76 -11.14 -37.62
CA VAL D 85 28.10 -11.52 -37.17
C VAL D 85 28.09 -12.75 -36.27
N THR D 86 26.93 -13.14 -35.72
CA THR D 86 26.83 -14.28 -34.82
C THR D 86 26.50 -15.59 -35.52
N ALA D 87 26.33 -15.59 -36.85
CA ALA D 87 25.78 -16.76 -37.53
C ALA D 87 26.62 -18.00 -37.28
N ASN D 88 25.92 -19.14 -37.10
CA ASN D 88 26.53 -20.47 -36.98
C ASN D 88 27.36 -20.62 -35.70
N SER D 89 26.98 -19.94 -34.63
CA SER D 89 27.67 -20.12 -33.36
C SER D 89 27.26 -21.46 -32.74
N LYS D 90 28.23 -22.22 -32.25
CA LYS D 90 27.92 -23.41 -31.46
C LYS D 90 27.35 -23.02 -30.10
N LEU D 91 27.80 -21.91 -29.54
CA LEU D 91 27.45 -21.51 -28.19
C LEU D 91 27.27 -20.01 -28.15
N VAL D 92 26.17 -19.57 -27.54
CA VAL D 92 25.88 -18.16 -27.43
C VAL D 92 25.66 -17.84 -25.96
N ILE D 93 26.50 -16.95 -25.44
CA ILE D 93 26.51 -16.57 -24.02
C ILE D 93 25.89 -15.20 -23.89
N ILE D 94 24.84 -15.10 -23.07
CA ILE D 94 24.09 -13.85 -22.90
C ILE D 94 24.50 -13.26 -21.55
N THR D 95 25.19 -12.13 -21.61
CA THR D 95 25.59 -11.36 -20.43
C THR D 95 25.02 -9.95 -20.49
N ALA D 96 23.97 -9.75 -21.28
CA ALA D 96 23.41 -8.43 -21.48
C ALA D 96 22.44 -8.10 -20.38
N GLY D 97 22.34 -6.81 -20.06
CA GLY D 97 21.43 -6.38 -19.02
C GLY D 97 21.37 -4.88 -18.95
N ALA D 98 20.31 -4.40 -18.29
CA ALA D 98 20.13 -2.98 -18.05
C ALA D 98 20.84 -2.58 -16.75
N ARG D 99 21.25 -1.32 -16.69
CA ARG D 99 21.90 -0.80 -15.49
C ARG D 99 20.86 -0.40 -14.46
N GLN D 100 21.03 -0.88 -13.23
CA GLN D 100 20.13 -0.48 -12.16
C GLN D 100 20.40 0.98 -11.79
N GLN D 101 19.33 1.74 -11.60
CA GLN D 101 19.42 3.15 -11.29
C GLN D 101 19.44 3.37 -9.78
N GLU D 102 20.14 4.42 -9.35
CA GLU D 102 20.15 4.77 -7.94
C GLU D 102 18.72 4.99 -7.44
N GLY D 103 18.40 4.35 -6.33
CA GLY D 103 17.03 4.41 -5.83
C GLY D 103 16.05 3.70 -6.71
N GLU D 104 16.45 2.58 -7.31
CA GLU D 104 15.58 1.70 -8.06
C GLU D 104 15.71 0.32 -7.44
N SER D 105 14.58 -0.36 -7.23
CA SER D 105 14.64 -1.71 -6.71
C SER D 105 15.08 -2.65 -7.82
N ARG D 106 15.95 -3.60 -7.48
CA ARG D 106 16.40 -4.58 -8.47
C ARG D 106 15.23 -5.38 -9.06
N LEU D 107 14.08 -5.39 -8.39
CA LEU D 107 12.88 -5.98 -9.00
C LEU D 107 12.46 -5.24 -10.27
N ASN D 108 12.72 -3.92 -10.34
CA ASN D 108 12.41 -3.19 -11.56
C ASN D 108 13.27 -3.66 -12.72
N LEU D 109 14.44 -4.23 -12.43
CA LEU D 109 15.34 -4.68 -13.49
C LEU D 109 14.79 -5.88 -14.26
N VAL D 110 13.98 -6.73 -13.63
CA VAL D 110 13.72 -8.02 -14.25
C VAL D 110 12.92 -7.86 -15.54
N GLN D 111 11.93 -6.96 -15.54
CA GLN D 111 11.16 -6.76 -16.76
C GLN D 111 11.97 -5.98 -17.79
N ARG D 112 12.83 -5.07 -17.32
CA ARG D 112 13.74 -4.39 -18.23
C ARG D 112 14.63 -5.38 -18.95
N ASN D 113 15.13 -6.39 -18.22
CA ASN D 113 15.97 -7.41 -18.85
C ASN D 113 15.16 -8.36 -19.71
N VAL D 114 13.92 -8.66 -19.32
CA VAL D 114 13.02 -9.40 -20.21
C VAL D 114 12.87 -8.65 -21.54
N ASN D 115 12.65 -7.33 -21.46
CA ASN D 115 12.52 -6.53 -22.68
C ASN D 115 13.78 -6.57 -23.52
N ILE D 116 14.94 -6.67 -22.88
CA ILE D 116 16.19 -6.81 -23.60
C ILE D 116 16.26 -8.18 -24.27
N PHE D 117 15.90 -9.23 -23.52
CA PHE D 117 15.88 -10.59 -24.07
C PHE D 117 14.86 -10.73 -25.20
N LYS D 118 13.76 -9.99 -25.14
CA LYS D 118 12.80 -10.05 -26.24
C LYS D 118 13.42 -9.56 -27.54
N PHE D 119 14.43 -8.69 -27.46
CA PHE D 119 15.11 -8.28 -28.68
C PHE D 119 16.24 -9.25 -29.05
N ILE D 120 17.00 -9.70 -28.06
CA ILE D 120 18.22 -10.46 -28.33
C ILE D 120 17.89 -11.87 -28.82
N ILE D 121 17.03 -12.57 -28.11
CA ILE D 121 16.92 -14.02 -28.27
C ILE D 121 16.39 -14.40 -29.66
N PRO D 122 15.38 -13.72 -30.21
CA PRO D 122 14.96 -14.07 -31.58
C PRO D 122 16.06 -13.81 -32.60
N ASN D 123 16.91 -12.82 -32.37
CA ASN D 123 17.98 -12.55 -33.32
C ASN D 123 19.08 -13.60 -33.21
N VAL D 124 19.39 -14.03 -31.99
CA VAL D 124 20.32 -15.14 -31.80
C VAL D 124 19.81 -16.39 -32.53
N VAL D 125 18.54 -16.72 -32.32
CA VAL D 125 17.96 -17.93 -32.88
C VAL D 125 17.93 -17.87 -34.40
N LYS D 126 17.64 -16.69 -34.95
CA LYS D 126 17.59 -16.52 -36.41
C LYS D 126 18.89 -16.95 -37.07
N TYR D 127 20.02 -16.60 -36.48
CA TYR D 127 21.31 -16.81 -37.13
C TYR D 127 22.08 -18.02 -36.61
N SER D 128 21.71 -18.58 -35.46
CA SER D 128 22.30 -19.82 -34.97
C SER D 128 21.19 -20.71 -34.40
N PRO D 129 20.34 -21.25 -35.28
CA PRO D 129 19.18 -22.01 -34.79
C PRO D 129 19.55 -23.27 -34.00
N ASN D 130 20.74 -23.82 -34.20
CA ASN D 130 21.15 -25.02 -33.49
C ASN D 130 22.15 -24.74 -32.36
N CYS D 131 22.32 -23.47 -31.95
CA CYS D 131 23.29 -23.20 -30.90
C CYS D 131 22.79 -23.69 -29.55
N LYS D 132 23.72 -23.78 -28.61
CA LYS D 132 23.38 -23.81 -27.19
C LYS D 132 23.40 -22.39 -26.64
N LEU D 133 22.37 -22.06 -25.85
CA LEU D 133 22.26 -20.77 -25.17
C LEU D 133 22.70 -20.94 -23.73
N LEU D 134 23.63 -20.09 -23.29
CA LEU D 134 24.10 -20.09 -21.91
C LEU D 134 23.77 -18.72 -21.34
N ILE D 135 22.81 -18.67 -20.41
CA ILE D 135 22.34 -17.41 -19.87
C ILE D 135 23.11 -17.10 -18.59
N VAL D 136 23.69 -15.90 -18.53
CA VAL D 136 24.41 -15.43 -17.36
C VAL D 136 23.70 -14.26 -16.67
N SER D 137 23.03 -13.41 -17.43
CA SER D 137 22.39 -12.20 -16.89
C SER D 137 21.47 -12.52 -15.72
N ASN D 138 21.44 -11.59 -14.71
CA ASN D 138 20.59 -11.83 -13.55
C ASN D 138 19.27 -11.07 -13.67
N PRO D 139 18.19 -11.58 -13.06
CA PRO D 139 18.17 -12.82 -12.25
C PRO D 139 18.25 -14.07 -13.13
N VAL D 140 19.30 -14.88 -12.93
CA VAL D 140 19.71 -15.80 -13.99
C VAL D 140 18.71 -16.95 -14.17
N ASP D 141 18.13 -17.43 -13.06
CA ASP D 141 17.19 -18.54 -13.19
C ASP D 141 15.90 -18.08 -13.88
N ILE D 142 15.42 -16.87 -13.54
CA ILE D 142 14.25 -16.32 -14.21
C ILE D 142 14.56 -16.05 -15.68
N LEU D 143 15.72 -15.44 -15.96
CA LEU D 143 16.05 -15.08 -17.32
C LEU D 143 16.36 -16.30 -18.18
N THR D 144 16.81 -17.41 -17.59
CA THR D 144 16.98 -18.63 -18.38
C THR D 144 15.63 -19.17 -18.82
N TYR D 145 14.64 -19.16 -17.91
CA TYR D 145 13.28 -19.49 -18.29
C TYR D 145 12.79 -18.59 -19.41
N VAL D 146 13.05 -17.28 -19.30
CA VAL D 146 12.63 -16.32 -20.33
C VAL D 146 13.28 -16.66 -21.66
N ALA D 147 14.58 -16.95 -21.65
CA ALA D 147 15.27 -17.28 -22.89
C ALA D 147 14.74 -18.58 -23.48
N TRP D 148 14.46 -19.56 -22.63
CA TRP D 148 13.87 -20.81 -23.10
C TRP D 148 12.53 -20.57 -23.78
N LYS D 149 11.67 -19.76 -23.15
CA LYS D 149 10.36 -19.48 -23.72
C LYS D 149 10.45 -18.75 -25.05
N ILE D 150 11.33 -17.75 -25.15
CA ILE D 150 11.38 -16.92 -26.35
C ILE D 150 12.02 -17.68 -27.49
N SER D 151 13.04 -18.46 -27.19
CA SER D 151 13.78 -19.17 -28.23
C SER D 151 12.99 -20.34 -28.81
N GLY D 152 12.11 -20.96 -28.01
CA GLY D 152 11.46 -22.19 -28.44
C GLY D 152 12.38 -23.40 -28.48
N PHE D 153 13.60 -23.27 -27.95
CA PHE D 153 14.58 -24.36 -27.97
C PHE D 153 14.15 -25.50 -27.05
N PRO D 154 14.56 -26.74 -27.36
CA PRO D 154 14.43 -27.83 -26.39
C PRO D 154 15.26 -27.53 -25.16
N LYS D 155 14.84 -28.09 -24.03
CA LYS D 155 15.43 -27.67 -22.76
C LYS D 155 16.90 -28.06 -22.66
N ASN D 156 17.37 -29.06 -23.42
CA ASN D 156 18.78 -29.41 -23.35
C ASN D 156 19.68 -28.30 -23.88
N ARG D 157 19.15 -27.38 -24.69
CA ARG D 157 19.96 -26.36 -25.30
C ARG D 157 19.80 -24.99 -24.66
N VAL D 158 19.13 -24.89 -23.52
CA VAL D 158 19.06 -23.63 -22.76
C VAL D 158 19.57 -23.88 -21.36
N ILE D 159 20.69 -23.24 -21.02
CA ILE D 159 21.45 -23.51 -19.80
C ILE D 159 21.66 -22.18 -19.06
N GLY D 160 21.33 -22.15 -17.78
CA GLY D 160 21.66 -21.02 -16.94
C GLY D 160 22.98 -21.29 -16.22
N SER D 161 23.85 -20.27 -16.17
CA SER D 161 25.11 -20.48 -15.48
C SER D 161 24.86 -20.87 -14.03
N GLY D 162 23.76 -20.38 -13.45
CA GLY D 162 23.22 -20.99 -12.24
C GLY D 162 24.19 -20.98 -11.08
N CYS D 163 24.37 -22.15 -10.47
CA CYS D 163 25.18 -22.29 -9.27
C CYS D 163 26.56 -22.86 -9.54
N ASN D 164 27.03 -22.86 -10.80
CA ASN D 164 28.40 -23.26 -11.05
C ASN D 164 29.34 -22.34 -10.27
N LEU D 165 29.09 -21.03 -10.34
CA LEU D 165 29.94 -20.08 -9.62
C LEU D 165 29.76 -20.19 -8.11
N ASP D 166 28.52 -20.34 -7.64
CA ASP D 166 28.29 -20.46 -6.21
C ASP D 166 29.02 -21.67 -5.64
N SER D 167 29.00 -22.78 -6.36
CA SER D 167 29.72 -23.97 -5.94
C SER D 167 31.23 -23.75 -5.99
N ALA D 168 31.71 -22.98 -6.97
CA ALA D 168 33.13 -22.68 -7.01
C ALA D 168 33.54 -21.85 -5.80
N ARG D 169 32.71 -20.90 -5.40
CA ARG D 169 32.99 -20.12 -4.19
C ARG D 169 32.97 -21.02 -2.96
N PHE D 170 32.01 -21.94 -2.90
CA PHE D 170 31.90 -22.87 -1.77
C PHE D 170 33.16 -23.71 -1.63
N ARG D 171 33.66 -24.24 -2.75
CA ARG D 171 34.86 -25.08 -2.72
C ARG D 171 36.10 -24.26 -2.42
N TYR D 172 36.15 -23.01 -2.90
CA TYR D 172 37.22 -22.11 -2.49
C TYR D 172 37.21 -21.91 -0.97
N LEU D 173 36.04 -21.56 -0.42
CA LEU D 173 35.96 -21.30 1.01
C LEU D 173 36.23 -22.56 1.81
N MET D 174 35.76 -23.71 1.31
CA MET D 174 36.05 -24.99 1.95
C MET D 174 37.54 -25.28 1.93
N GLY D 175 38.17 -25.08 0.78
CA GLY D 175 39.61 -25.27 0.69
C GLY D 175 40.38 -24.39 1.64
N GLU D 176 39.90 -23.15 1.85
CA GLU D 176 40.56 -22.25 2.79
C GLU D 176 40.53 -22.78 4.21
N ARG D 177 39.39 -23.36 4.63
CA ARG D 177 39.31 -23.92 5.98
C ARG D 177 40.21 -25.14 6.14
N LEU D 178 40.37 -25.94 5.08
CA LEU D 178 41.04 -27.22 5.20
C LEU D 178 42.50 -27.18 4.78
N GLY D 179 42.96 -26.11 4.15
CA GLY D 179 44.30 -26.08 3.61
C GLY D 179 44.48 -27.00 2.42
N VAL D 180 43.44 -27.19 1.60
CA VAL D 180 43.46 -28.09 0.45
C VAL D 180 43.00 -27.30 -0.78
N HIS D 181 43.58 -27.62 -1.93
CA HIS D 181 43.15 -26.94 -3.15
C HIS D 181 41.65 -27.16 -3.39
N PRO D 182 40.94 -26.14 -3.86
CA PRO D 182 39.52 -26.33 -4.22
C PRO D 182 39.27 -27.51 -5.15
N LEU D 183 40.20 -27.82 -6.05
CA LEU D 183 40.02 -28.96 -6.95
C LEU D 183 39.79 -30.26 -6.19
N SER D 184 40.38 -30.41 -5.01
CA SER D 184 40.26 -31.60 -4.19
C SER D 184 39.25 -31.44 -3.07
N CYS D 185 38.59 -30.29 -2.95
CA CYS D 185 37.48 -30.07 -2.02
C CYS D 185 36.17 -30.12 -2.80
N HIS D 186 35.31 -31.07 -2.46
CA HIS D 186 34.07 -31.27 -3.20
C HIS D 186 32.87 -30.89 -2.35
N GLY D 187 31.91 -30.23 -2.98
CA GLY D 187 30.74 -29.73 -2.30
C GLY D 187 29.85 -29.06 -3.32
N TRP D 188 28.54 -29.15 -3.13
CA TRP D 188 27.58 -28.76 -4.14
C TRP D 188 26.61 -27.74 -3.55
N VAL D 189 26.42 -26.64 -4.27
CA VAL D 189 25.43 -25.62 -3.96
C VAL D 189 24.41 -25.67 -5.08
N LEU D 190 23.13 -25.87 -4.76
CA LEU D 190 22.10 -26.12 -5.75
C LEU D 190 20.94 -25.14 -5.59
N GLY D 191 19.98 -25.22 -6.52
CA GLY D 191 18.81 -24.39 -6.43
C GLY D 191 18.97 -23.05 -7.13
N GLU D 192 18.52 -21.98 -6.50
CA GLU D 192 18.65 -20.64 -7.07
C GLU D 192 20.07 -20.13 -6.87
N HIS D 193 20.56 -19.37 -7.85
CA HIS D 193 21.82 -18.66 -7.70
C HIS D 193 21.72 -17.59 -6.61
N GLY D 194 22.79 -17.44 -5.82
CA GLY D 194 22.84 -16.35 -4.86
C GLY D 194 22.02 -16.62 -3.61
N ASP D 195 21.19 -15.63 -3.24
CA ASP D 195 20.55 -15.57 -1.93
C ASP D 195 19.96 -16.90 -1.44
N SER D 196 19.17 -17.58 -2.27
CA SER D 196 18.38 -18.71 -1.83
C SER D 196 19.01 -20.06 -2.14
N SER D 197 20.29 -20.08 -2.50
CA SER D 197 20.92 -21.34 -2.88
C SER D 197 20.95 -22.31 -1.70
N VAL D 198 21.11 -23.60 -2.02
CA VAL D 198 21.02 -24.69 -1.05
C VAL D 198 22.35 -25.42 -1.00
N PRO D 199 23.08 -25.40 0.12
CA PRO D 199 24.30 -26.21 0.25
C PRO D 199 23.93 -27.64 0.62
N VAL D 200 24.46 -28.61 -0.12
CA VAL D 200 24.12 -30.03 0.07
C VAL D 200 25.19 -30.61 0.99
N TRP D 201 24.97 -30.51 2.30
CA TRP D 201 25.99 -30.90 3.28
C TRP D 201 26.41 -32.36 3.12
N SER D 202 25.48 -33.23 2.75
CA SER D 202 25.75 -34.66 2.65
C SER D 202 26.79 -35.01 1.60
N GLY D 203 27.05 -34.11 0.65
CA GLY D 203 28.00 -34.40 -0.40
C GLY D 203 29.36 -33.76 -0.23
N MET D 204 29.53 -32.94 0.80
CA MET D 204 30.81 -32.29 1.07
C MET D 204 31.84 -33.33 1.50
N ASN D 205 32.93 -33.45 0.73
CA ASN D 205 33.93 -34.47 1.04
C ASN D 205 35.29 -34.08 0.49
N VAL D 206 36.33 -34.69 1.08
CA VAL D 206 37.68 -34.71 0.54
C VAL D 206 38.08 -36.16 0.42
N ALA D 207 38.55 -36.56 -0.77
CA ALA D 207 38.99 -37.93 -1.03
C ALA D 207 37.89 -38.95 -0.74
N GLY D 208 36.64 -38.56 -0.99
CA GLY D 208 35.52 -39.47 -0.75
C GLY D 208 35.15 -39.65 0.71
N VAL D 209 35.71 -38.85 1.62
CA VAL D 209 35.43 -38.94 3.05
C VAL D 209 34.36 -37.92 3.38
N SER D 210 33.17 -38.40 3.74
CA SER D 210 32.05 -37.51 4.03
C SER D 210 32.32 -36.67 5.28
N LEU D 211 32.35 -35.35 5.10
CA LEU D 211 32.51 -34.46 6.25
C LEU D 211 31.33 -34.57 7.20
N LYS D 212 30.11 -34.76 6.67
CA LYS D 212 28.92 -34.85 7.52
C LYS D 212 28.96 -36.10 8.39
N THR D 213 29.50 -37.21 7.88
CA THR D 213 29.62 -38.39 8.70
C THR D 213 30.73 -38.23 9.73
N LEU D 214 31.84 -37.58 9.36
CA LEU D 214 32.90 -37.29 10.32
C LEU D 214 32.41 -36.36 11.41
N HIS D 215 31.57 -35.40 11.05
CA HIS D 215 31.24 -34.24 11.88
C HIS D 215 29.75 -34.02 11.79
N PRO D 216 28.95 -34.80 12.53
CA PRO D 216 27.49 -34.79 12.32
C PRO D 216 26.83 -33.43 12.50
N ASP D 217 27.46 -32.50 13.22
CA ASP D 217 26.88 -31.18 13.38
C ASP D 217 26.99 -30.32 12.12
N LEU D 218 27.74 -30.78 11.12
CA LEU D 218 27.95 -30.02 9.89
C LEU D 218 26.63 -29.57 9.28
N GLY D 219 26.52 -28.27 9.03
CA GLY D 219 25.32 -27.71 8.43
C GLY D 219 24.21 -27.35 9.39
N THR D 220 24.41 -27.54 10.69
CA THR D 220 23.42 -27.18 11.70
C THR D 220 23.90 -25.97 12.49
N ASP D 221 22.97 -25.39 13.26
CA ASP D 221 23.31 -24.24 14.08
C ASP D 221 24.08 -24.60 15.34
N LYS D 222 23.96 -25.84 15.81
CA LYS D 222 24.70 -26.29 16.99
C LYS D 222 26.16 -26.58 16.70
N ASP D 223 26.60 -26.44 15.45
CA ASP D 223 27.97 -26.76 15.05
C ASP D 223 28.93 -25.77 15.69
N LYS D 224 29.78 -26.26 16.60
CA LYS D 224 30.73 -25.38 17.26
C LYS D 224 31.71 -24.75 16.26
N GLU D 225 31.96 -25.42 15.13
CA GLU D 225 32.87 -24.90 14.13
C GLU D 225 32.19 -24.02 13.09
N GLN D 226 30.86 -23.90 13.14
CA GLN D 226 30.13 -22.91 12.34
C GLN D 226 30.34 -23.14 10.84
N TRP D 227 30.30 -24.39 10.40
CA TRP D 227 30.49 -24.64 8.98
C TRP D 227 29.35 -24.09 8.13
N LYS D 228 28.18 -23.82 8.72
CA LYS D 228 27.15 -23.10 7.98
C LYS D 228 27.66 -21.77 7.46
N GLU D 229 28.64 -21.17 8.15
CA GLU D 229 29.21 -19.90 7.70
C GLU D 229 29.86 -20.05 6.33
N VAL D 230 30.30 -21.24 5.97
CA VAL D 230 30.85 -21.45 4.62
C VAL D 230 29.81 -21.11 3.56
N HIS D 231 28.58 -21.59 3.75
CA HIS D 231 27.54 -21.26 2.77
C HIS D 231 27.09 -19.80 2.91
N LYS D 232 26.97 -19.30 4.14
CA LYS D 232 26.64 -17.89 4.30
C LYS D 232 27.60 -17.02 3.50
N GLN D 233 28.90 -17.37 3.52
CA GLN D 233 29.90 -16.57 2.81
C GLN D 233 29.83 -16.78 1.30
N VAL D 234 29.33 -17.92 0.83
CA VAL D 234 29.08 -18.10 -0.60
C VAL D 234 28.20 -16.96 -1.13
N VAL D 235 27.20 -16.57 -0.33
CA VAL D 235 26.31 -15.49 -0.71
C VAL D 235 26.92 -14.14 -0.35
N GLU D 236 27.34 -13.97 0.90
CA GLU D 236 27.77 -12.67 1.39
C GLU D 236 29.03 -12.18 0.68
N SER D 237 29.95 -13.08 0.36
CA SER D 237 31.19 -12.65 -0.31
C SER D 237 30.90 -12.11 -1.71
N ALA D 238 29.86 -12.60 -2.38
CA ALA D 238 29.50 -12.01 -3.67
C ALA D 238 29.04 -10.58 -3.48
N TYR D 239 28.11 -10.35 -2.54
CA TYR D 239 27.71 -8.97 -2.22
C TYR D 239 28.90 -8.14 -1.77
N GLU D 240 29.87 -8.77 -1.10
CA GLU D 240 31.02 -7.99 -0.62
C GLU D 240 31.87 -7.52 -1.79
N VAL D 241 32.16 -8.40 -2.76
CA VAL D 241 32.91 -7.97 -3.93
C VAL D 241 32.16 -6.84 -4.64
N ILE D 242 30.85 -6.96 -4.76
CA ILE D 242 30.07 -5.90 -5.42
C ILE D 242 30.25 -4.59 -4.68
N LYS D 243 30.18 -4.63 -3.35
CA LYS D 243 30.37 -3.41 -2.58
C LYS D 243 31.79 -2.87 -2.77
N LEU D 244 32.78 -3.76 -2.83
CA LEU D 244 34.17 -3.30 -2.81
C LEU D 244 34.64 -2.80 -4.17
N LYS D 245 34.35 -3.49 -5.26
CA LYS D 245 34.80 -3.02 -6.57
C LYS D 245 33.67 -2.59 -7.50
N GLY D 246 32.40 -2.70 -7.08
CA GLY D 246 31.27 -2.22 -7.87
C GLY D 246 30.51 -3.28 -8.62
N TYR D 247 31.08 -4.47 -8.77
CA TYR D 247 30.54 -5.55 -9.60
C TYR D 247 31.49 -6.73 -9.40
N THR D 248 31.10 -7.90 -9.91
CA THR D 248 32.02 -9.02 -10.02
C THR D 248 32.18 -9.38 -11.50
N SER D 249 33.33 -9.96 -11.83
CA SER D 249 33.62 -10.26 -13.24
C SER D 249 34.55 -11.47 -13.41
N TRP D 250 35.66 -11.52 -12.66
CA TRP D 250 36.69 -12.51 -12.97
C TRP D 250 36.22 -13.93 -12.67
N ALA D 251 35.55 -14.13 -11.53
CA ALA D 251 35.15 -15.48 -11.18
C ALA D 251 34.03 -15.98 -12.08
N ILE D 252 33.04 -15.13 -12.38
CA ILE D 252 31.99 -15.58 -13.30
C ILE D 252 32.56 -15.81 -14.70
N GLY D 253 33.52 -14.98 -15.12
CA GLY D 253 34.16 -15.22 -16.40
C GLY D 253 34.85 -16.57 -16.47
N LEU D 254 35.56 -16.94 -15.40
CA LEU D 254 36.21 -18.25 -15.39
C LEU D 254 35.20 -19.38 -15.28
N SER D 255 34.13 -19.15 -14.51
CA SER D 255 33.05 -20.15 -14.39
C SER D 255 32.39 -20.42 -15.73
N VAL D 256 32.10 -19.35 -16.49
CA VAL D 256 31.47 -19.50 -17.80
C VAL D 256 32.39 -20.25 -18.75
N ALA D 257 33.69 -19.92 -18.73
CA ALA D 257 34.65 -20.63 -19.58
C ALA D 257 34.72 -22.11 -19.23
N ASP D 258 34.59 -22.43 -17.94
CA ASP D 258 34.57 -23.83 -17.52
C ASP D 258 33.36 -24.57 -18.12
N LEU D 259 32.18 -23.94 -18.09
CA LEU D 259 31.00 -24.53 -18.73
C LEU D 259 31.19 -24.64 -20.23
N ALA D 260 31.72 -23.58 -20.87
CA ALA D 260 31.95 -23.62 -22.31
C ALA D 260 32.92 -24.72 -22.68
N GLU D 261 33.93 -24.95 -21.85
CA GLU D 261 34.89 -26.01 -22.15
C GLU D 261 34.20 -27.36 -22.25
N SER D 262 33.36 -27.69 -21.27
CA SER D 262 32.64 -28.95 -21.31
C SER D 262 31.73 -29.04 -22.54
N ILE D 263 31.10 -27.93 -22.93
CA ILE D 263 30.16 -27.95 -24.06
C ILE D 263 30.92 -28.07 -25.38
N MET D 264 31.90 -27.19 -25.60
CA MET D 264 32.62 -27.15 -26.87
C MET D 264 33.40 -28.43 -27.12
N LYS D 265 33.94 -29.03 -26.05
CA LYS D 265 34.78 -30.21 -26.17
C LYS D 265 34.03 -31.51 -25.89
N ASN D 266 32.71 -31.45 -25.69
CA ASN D 266 31.89 -32.63 -25.46
C ASN D 266 32.43 -33.48 -24.30
N LEU D 267 32.79 -32.82 -23.20
CA LEU D 267 33.49 -33.52 -22.13
C LEU D 267 32.57 -34.42 -21.30
N ARG D 268 31.29 -34.08 -21.17
CA ARG D 268 30.36 -34.79 -20.29
C ARG D 268 30.84 -34.75 -18.84
N ARG D 269 31.39 -33.60 -18.45
CA ARG D 269 31.60 -33.33 -17.03
C ARG D 269 30.28 -32.92 -16.39
N VAL D 270 30.23 -33.01 -15.07
CA VAL D 270 29.04 -32.66 -14.31
C VAL D 270 29.26 -31.28 -13.65
N HIS D 271 28.31 -30.37 -13.85
CA HIS D 271 28.32 -29.01 -13.32
C HIS D 271 26.96 -28.68 -12.74
N PRO D 272 26.90 -27.87 -11.66
CA PRO D 272 25.60 -27.42 -11.18
C PRO D 272 25.13 -26.20 -11.96
N VAL D 273 24.33 -26.43 -13.00
CA VAL D 273 23.81 -25.38 -13.84
C VAL D 273 22.29 -25.42 -13.80
N SER D 274 21.68 -24.33 -14.23
CA SER D 274 20.25 -24.13 -14.10
C SER D 274 19.55 -24.76 -15.31
N THR D 275 18.63 -25.69 -15.04
CA THR D 275 17.99 -26.46 -16.09
C THR D 275 16.50 -26.55 -15.80
N MET D 276 15.71 -26.75 -16.86
CA MET D 276 14.26 -26.82 -16.73
C MET D 276 13.88 -28.06 -15.92
N ILE D 277 13.46 -27.87 -14.68
CA ILE D 277 13.48 -28.92 -13.67
C ILE D 277 12.10 -29.49 -13.38
N LYS D 278 11.07 -29.07 -14.11
CA LYS D 278 9.73 -29.59 -13.88
C LYS D 278 9.73 -31.12 -13.98
N GLY D 279 9.02 -31.76 -13.04
CA GLY D 279 8.99 -33.21 -12.94
C GLY D 279 9.85 -33.79 -11.84
N LEU D 280 10.57 -32.96 -11.10
CA LEU D 280 11.41 -33.38 -9.99
C LEU D 280 10.98 -32.69 -8.69
N TYR D 281 11.24 -33.35 -7.57
CA TYR D 281 11.06 -32.79 -6.24
C TYR D 281 9.65 -32.26 -6.00
N GLY D 282 8.67 -32.77 -6.75
CA GLY D 282 7.33 -32.23 -6.65
C GLY D 282 7.15 -30.91 -7.36
N ILE D 283 8.12 -30.48 -8.14
CA ILE D 283 8.02 -29.25 -8.91
C ILE D 283 7.15 -29.49 -10.13
N LYS D 284 6.00 -28.83 -10.18
CA LYS D 284 5.02 -28.97 -11.25
C LYS D 284 5.00 -27.79 -12.20
N ASP D 285 5.86 -26.79 -12.01
CA ASP D 285 5.88 -25.61 -12.86
C ASP D 285 7.14 -25.58 -13.72
N ASP D 286 7.02 -24.89 -14.87
CA ASP D 286 8.18 -24.61 -15.72
C ASP D 286 9.11 -23.62 -15.03
N VAL D 287 10.12 -24.11 -14.32
CA VAL D 287 11.11 -23.25 -13.67
C VAL D 287 12.48 -23.88 -13.87
N PHE D 288 13.51 -23.04 -13.75
CA PHE D 288 14.89 -23.47 -13.92
C PHE D 288 15.61 -23.35 -12.58
N LEU D 289 16.22 -24.44 -12.14
CA LEU D 289 17.01 -24.47 -10.92
C LEU D 289 18.28 -25.26 -11.19
N SER D 290 19.32 -24.97 -10.42
CA SER D 290 20.59 -25.67 -10.58
C SER D 290 20.56 -27.04 -9.92
N VAL D 291 20.88 -28.07 -10.70
CA VAL D 291 21.15 -29.42 -10.23
C VAL D 291 22.39 -29.88 -10.99
N PRO D 292 23.05 -30.97 -10.60
CA PRO D 292 24.24 -31.40 -11.35
C PRO D 292 23.82 -31.96 -12.71
N CYS D 293 24.33 -31.33 -13.78
CA CYS D 293 24.01 -31.74 -15.14
C CYS D 293 25.25 -32.18 -15.87
N ILE D 294 25.07 -33.12 -16.79
CA ILE D 294 26.14 -33.55 -17.69
C ILE D 294 26.12 -32.65 -18.91
N LEU D 295 27.23 -31.96 -19.16
CA LEU D 295 27.33 -30.99 -20.25
C LEU D 295 28.22 -31.54 -21.37
N GLY D 296 27.76 -31.40 -22.59
CA GLY D 296 28.49 -31.87 -23.75
C GLY D 296 27.99 -31.16 -25.00
N GLN D 297 28.23 -31.79 -26.15
CA GLN D 297 28.01 -31.14 -27.44
C GLN D 297 26.54 -30.78 -27.69
N ASN D 298 25.60 -31.46 -27.03
CA ASN D 298 24.19 -31.12 -27.16
C ASN D 298 23.66 -30.39 -25.93
N GLY D 299 24.55 -29.75 -25.17
CA GLY D 299 24.12 -29.05 -23.97
C GLY D 299 23.93 -30.02 -22.81
N ILE D 300 22.78 -29.94 -22.14
CA ILE D 300 22.49 -30.76 -20.98
C ILE D 300 21.90 -32.08 -21.48
N SER D 301 22.67 -33.16 -21.43
CA SER D 301 22.14 -34.42 -21.94
C SER D 301 21.50 -35.26 -20.84
N ASP D 302 21.86 -35.03 -19.59
CA ASP D 302 21.50 -35.86 -18.46
C ASP D 302 21.63 -34.99 -17.22
N LEU D 303 20.94 -35.37 -16.17
CA LEU D 303 21.18 -34.72 -14.88
C LEU D 303 21.31 -35.78 -13.80
N VAL D 304 22.04 -35.43 -12.74
CA VAL D 304 22.22 -36.31 -11.60
C VAL D 304 21.08 -36.09 -10.61
N LYS D 305 20.49 -37.18 -10.15
CA LYS D 305 19.42 -37.10 -9.15
C LYS D 305 20.06 -37.17 -7.77
N VAL D 306 20.32 -36.00 -7.19
CA VAL D 306 20.93 -35.93 -5.87
C VAL D 306 19.91 -36.38 -4.83
N THR D 307 20.35 -37.22 -3.89
CA THR D 307 19.47 -37.57 -2.78
C THR D 307 19.45 -36.40 -1.80
N LEU D 308 18.27 -35.79 -1.63
CA LEU D 308 18.12 -34.61 -0.80
C LEU D 308 17.34 -34.95 0.46
N THR D 309 17.71 -34.31 1.57
CA THR D 309 16.89 -34.42 2.77
C THR D 309 15.51 -33.79 2.54
N SER D 310 14.61 -34.02 3.48
CA SER D 310 13.30 -33.37 3.42
C SER D 310 13.43 -31.86 3.38
N GLU D 311 14.26 -31.29 4.26
CA GLU D 311 14.41 -29.83 4.29
C GLU D 311 14.95 -29.30 2.97
N GLU D 312 15.97 -29.98 2.41
CA GLU D 312 16.54 -29.54 1.12
C GLU D 312 15.51 -29.59 0.00
N GLU D 313 14.75 -30.68 -0.07
CA GLU D 313 13.73 -30.79 -1.11
C GLU D 313 12.66 -29.71 -0.95
N ALA D 314 12.26 -29.42 0.30
CA ALA D 314 11.29 -28.35 0.54
C ALA D 314 11.82 -27.00 0.07
N ARG D 315 13.12 -26.73 0.27
CA ARG D 315 13.68 -25.46 -0.17
C ARG D 315 13.64 -25.32 -1.68
N LEU D 316 13.93 -26.40 -2.42
CA LEU D 316 13.84 -26.32 -3.88
C LEU D 316 12.41 -26.14 -4.34
N LYS D 317 11.45 -26.80 -3.68
CA LYS D 317 10.06 -26.58 -4.03
CA LYS D 317 10.04 -26.58 -4.00
C LYS D 317 9.64 -25.14 -3.77
N LYS D 318 10.10 -24.56 -2.66
CA LYS D 318 9.74 -23.17 -2.36
C LYS D 318 10.33 -22.24 -3.40
N SER D 319 11.58 -22.48 -3.80
CA SER D 319 12.21 -21.69 -4.86
C SER D 319 11.41 -21.80 -6.16
N ALA D 320 11.00 -23.02 -6.52
CA ALA D 320 10.17 -23.19 -7.70
C ALA D 320 8.91 -22.34 -7.60
N ASP D 321 8.27 -22.34 -6.43
CA ASP D 321 7.07 -21.54 -6.25
C ASP D 321 7.34 -20.05 -6.44
N THR D 322 8.45 -19.55 -5.88
CA THR D 322 8.68 -18.11 -5.97
C THR D 322 9.09 -17.70 -7.38
N LEU D 323 9.84 -18.57 -8.08
CA LEU D 323 10.16 -18.33 -9.49
C LEU D 323 8.90 -18.30 -10.34
N TRP D 324 8.02 -19.29 -10.18
CA TRP D 324 6.78 -19.32 -10.94
C TRP D 324 5.93 -18.09 -10.64
N GLY D 325 5.94 -17.64 -9.39
CA GLY D 325 5.14 -16.48 -9.01
C GLY D 325 5.58 -15.20 -9.71
N ILE D 326 6.89 -14.98 -9.82
CA ILE D 326 7.31 -13.79 -10.56
C ILE D 326 7.15 -14.01 -12.06
N GLN D 327 7.47 -15.21 -12.54
CA GLN D 327 7.40 -15.47 -13.97
C GLN D 327 6.00 -15.26 -14.51
N LYS D 328 4.97 -15.65 -13.77
CA LYS D 328 3.63 -15.44 -14.30
C LYS D 328 3.25 -13.97 -14.34
N GLU D 329 4.04 -13.08 -13.72
CA GLU D 329 3.82 -11.65 -13.84
C GLU D 329 4.75 -10.98 -14.84
N LEU D 330 5.60 -11.73 -15.53
CA LEU D 330 6.43 -11.15 -16.57
C LEU D 330 5.66 -11.00 -17.87
N GLN D 331 6.05 -10.00 -18.65
CA GLN D 331 5.36 -9.62 -19.88
C GLN D 331 6.24 -9.99 -21.07
N PHE D 332 5.77 -10.95 -21.86
CA PHE D 332 6.45 -11.37 -23.08
C PHE D 332 5.90 -10.63 -24.30
PA NAI E . -6.98 5.83 -9.38
O1A NAI E . -5.55 5.78 -9.88
O2A NAI E . -7.95 6.56 -10.30
O5B NAI E . -7.04 6.57 -7.90
C5B NAI E . -5.87 6.46 -7.11
C4B NAI E . -5.83 7.83 -6.34
O4B NAI E . -4.64 7.64 -5.32
C3B NAI E . -5.53 8.79 -7.12
O3B NAI E . -6.43 9.95 -6.99
C2B NAI E . -4.02 9.30 -6.62
O2B NAI E . -3.80 10.70 -6.93
C1B NAI E . -4.00 9.03 -5.36
N9A NAI E . -2.59 8.91 -4.96
C8A NAI E . -1.44 8.56 -5.55
N7A NAI E . -0.47 8.71 -4.65
C5A NAI E . -1.03 9.17 -3.52
C6A NAI E . -0.42 9.46 -2.33
N6A NAI E . 0.94 9.49 -1.66
N1A NAI E . -1.13 9.91 -1.30
C2A NAI E . -2.49 10.04 -1.44
N3A NAI E . -3.10 9.75 -2.64
C4A NAI E . -2.35 9.30 -3.68
O3 NAI E . -7.38 4.27 -9.18
PN NAI E . -8.82 3.65 -8.79
O1N NAI E . -9.55 3.16 -10.01
O2N NAI E . -9.57 4.61 -7.96
O5D NAI E . -8.40 2.33 -7.85
C5D NAI E . -7.52 2.63 -6.77
C4D NAI E . -7.03 1.27 -6.21
O4D NAI E . -8.09 0.54 -5.95
C3D NAI E . -6.27 0.51 -7.30
O3D NAI E . -5.12 0.00 -6.73
C2D NAI E . -7.25 -0.61 -7.68
O2D NAI E . -6.56 -1.80 -8.25
C1D NAI E . -7.75 -0.88 -6.52
N1N NAI E . -8.97 -1.67 -6.52
C2N NAI E . -9.08 -2.73 -5.54
C3N NAI E . -10.23 -3.74 -5.60
C7N NAI E . -10.25 -4.87 -4.54
O7N NAI E . -11.09 -5.70 -4.57
N7N NAI E . -9.20 -4.85 -3.50
C4N NAI E . -11.28 -3.70 -6.70
C5N NAI E . -11.27 -2.36 -7.51
C6N NAI E . -10.04 -1.43 -7.49
C21 9YA F . -0.97 -6.30 -9.69
C20 9YA F . -2.29 -6.73 -9.60
C19 9YA F . -3.34 -5.87 -9.90
C22 9YA F . -0.70 -5.00 -10.09
C23 9YA F . -1.74 -4.14 -10.40
C12 9YA F . -7.66 -8.57 -9.63
C13 9YA F . -8.06 -9.05 -11.02
C18 9YA F . -4.74 -6.33 -9.82
C15 9YA F . -9.12 -8.31 -11.79
C14 9YA F . -9.44 -9.66 -11.19
C05 9YA F . -2.64 -9.95 -6.11
C06 9YA F . -3.55 -8.92 -6.13
C07 9YA F . -4.22 -8.63 -7.31
C08 9YA F . -3.97 -9.37 -8.47
C09 9YA F . -4.70 -9.04 -9.77
C10 9YA F . -5.30 -7.65 -9.77
C11 9YA F . -6.65 -7.46 -9.71
C24 9YA F . -3.05 -4.57 -10.31
C25 9YA F . 0.13 -7.25 -9.34
C26 9YA F . 1.45 -6.86 -9.36
C27 9YA F . 2.44 -7.76 -9.03
C28 9YA F . 2.16 -9.04 -8.65
C29 9YA F . 0.83 -9.44 -8.62
C30 9YA F . -0.17 -8.55 -8.97
C31 9YA F . -8.11 -5.49 -9.72
C33 9YA F . -10.34 -5.23 -9.52
C34 9YA F . -10.13 -4.07 -10.13
C36 9YA F . -11.71 -5.75 -9.08
C39 9YA F . -3.03 -10.40 -8.43
C40 9YA F . -2.35 -10.68 -7.25
N01 9YA F . -2.50 -11.65 -3.95
N16 9YA F . -6.87 -6.13 -9.70
N17 9YA F . -5.69 -5.42 -9.80
N32 9YA F . -9.18 -6.00 -9.32
O03 9YA F . -1.82 -9.02 -3.71
O04 9YA F . -0.32 -10.77 -5.00
O37 9YA F . -11.68 -6.85 -8.49
O38 9YA F . -12.66 -5.03 -9.42
S02 9YA F . -1.75 -10.30 -4.60
S35 9YA F . -8.36 -3.89 -10.51
C1 EDO G . -18.33 26.13 27.81
O1 EDO G . -17.96 24.75 28.00
C2 EDO G . -19.81 26.30 28.12
O2 EDO G . -20.06 27.57 28.72
C1 EDO H . -5.62 -4.31 -13.42
O1 EDO H . -6.59 -4.42 -14.44
C2 EDO H . -5.02 -5.69 -13.24
O2 EDO H . -4.50 -6.13 -14.50
C1 EDO I . 1.92 -12.45 -6.93
O1 EDO I . 2.60 -13.48 -7.66
C2 EDO I . 1.91 -12.85 -5.47
O2 EDO I . 1.18 -14.08 -5.32
C1 EDO J . -7.49 -24.73 9.44
O1 EDO J . -8.56 -24.22 8.62
C2 EDO J . -7.97 -25.89 10.30
O2 EDO J . -8.71 -26.83 9.51
PA NAI K . 22.16 -7.77 30.46
O1A NAI K . 22.57 -8.66 29.30
O2A NAI K . 22.59 -8.25 31.83
O5B NAI K . 20.52 -7.56 30.50
C5B NAI K . 19.85 -7.69 29.26
C4B NAI K . 18.47 -8.39 29.62
O4B NAI K . 17.70 -8.36 28.27
C3B NAI K . 18.65 -9.61 29.94
O3B NAI K . 17.98 -10.01 31.20
C2B NAI K . 17.94 -10.49 28.71
O2B NAI K . 17.52 -11.78 29.24
C1B NAI K . 16.98 -9.72 28.32
N9A NAI K . 16.62 -10.17 26.97
C8A NAI K . 17.23 -10.75 25.95
N7A NAI K . 16.32 -10.96 25.00
C5A NAI K . 15.15 -10.51 25.46
C6A NAI K . 13.93 -10.52 24.83
N6A NAI K . 13.27 -10.94 23.54
N1A NAI K . 12.87 -10.04 25.44
C2A NAI K . 12.99 -9.51 26.69
N3A NAI K . 14.21 -9.50 27.33
C4A NAI K . 15.30 -10.01 26.69
O3 NAI K . 22.85 -6.34 30.06
PN NAI K . 22.79 -4.98 30.92
O1N NAI K . 24.12 -4.89 31.66
O2N NAI K . 21.65 -4.97 31.86
O5D NAI K . 22.63 -3.77 29.79
C5D NAI K . 21.45 -3.86 29.00
C4D NAI K . 21.60 -2.90 27.79
O4D NAI K . 21.79 -1.68 28.25
C3D NAI K . 22.85 -3.28 27.02
O3D NAI K . 22.59 -3.32 25.67
C2D NAI K . 23.82 -2.14 27.39
O2D NAI K . 24.85 -1.97 26.32
C1D NAI K . 23.01 -1.13 27.42
N1N NAI K . 23.53 0.03 28.13
C2N NAI K . 23.17 1.33 27.60
C3N NAI K . 23.87 2.60 28.11
C7N NAI K . 23.49 3.92 27.40
O7N NAI K . 23.94 4.95 27.78
N7N NAI K . 22.58 3.84 26.25
C4N NAI K . 24.80 2.58 29.34
C5N NAI K . 24.82 1.19 30.06
C6N NAI K . 24.34 -0.08 29.33
C21 9YA L . 28.08 -2.13 19.95
C20 9YA L . 28.24 -1.10 20.87
C19 9YA L . 28.34 -1.33 22.23
C22 9YA L . 28.01 -3.44 20.43
C23 9YA L . 28.10 -3.68 21.79
C12 9YA L . 29.59 3.06 24.52
C13 9YA L . 31.04 3.00 24.99
C18 9YA L . 28.53 -0.21 23.19
C15 9YA L . 31.39 2.58 26.40
C14 9YA L . 31.50 4.02 25.99
C05 9YA L . 27.04 3.23 18.94
C06 9YA L . 26.62 3.09 20.23
C07 9YA L . 27.52 2.60 21.17
C08 9YA L . 28.81 2.27 20.81
C09 9YA L . 29.81 1.72 21.80
C10 9YA L . 29.16 1.07 23.01
C11 9YA L . 29.06 1.69 24.22
C24 9YA L . 28.27 -2.64 22.70
C25 9YA L . 27.98 -1.83 18.50
C26 9YA L . 27.45 -2.76 17.62
C27 9YA L . 27.36 -2.46 16.26
C28 9YA L . 27.79 -1.24 15.78
C29 9YA L . 28.34 -0.31 16.66
C30 9YA L . 28.43 -0.62 18.01
C31 9YA L . 28.14 1.02 26.42
C33 9YA L . 27.95 2.02 28.41
C34 9YA L . 27.86 0.80 28.90
C36 9YA L . 27.89 3.26 29.29
C39 9YA L . 29.19 2.42 19.47
C40 9YA L . 28.30 2.90 18.53
N01 9YA L . 26.10 5.48 17.64
N16 9YA L . 28.39 0.84 25.07
N17 9YA L . 28.10 -0.35 24.43
N32 9YA L . 28.11 2.13 27.01
O03 9YA L . 24.44 3.42 18.25
O04 9YA L . 26.25 3.27 16.30
O37 9YA L . 27.99 4.33 28.67
O38 9YA L . 27.79 3.00 30.51
S02 9YA L . 25.86 3.81 17.72
S35 9YA L . 28.00 -0.40 27.54
C1 EDO M . 32.59 -2.26 24.55
O1 EDO M . 32.34 -2.39 23.15
C2 EDO M . 31.31 -1.88 25.28
O2 EDO M . 31.29 -2.68 26.47
PA NAI N . -21.50 13.00 -19.79
O1A NAI N . -21.24 13.58 -21.18
O2A NAI N . -20.28 12.31 -19.22
O5B NAI N . -22.73 11.88 -19.87
C5B NAI N . -23.71 12.07 -20.86
C4B NAI N . -24.04 10.60 -21.39
O4B NAI N . -25.24 10.78 -22.36
C3B NAI N . -23.05 10.16 -22.06
O3B NAI N . -22.57 8.85 -21.61
C2B NAI N . -23.63 9.96 -23.62
O2B NAI N . -22.97 8.81 -24.19
C1B NAI N . -24.90 9.78 -23.48
N9A NAI N . -25.58 10.20 -24.72
C8A NAI N . -25.41 11.06 -25.71
N7A NAI N . -26.43 10.89 -26.57
C5A NAI N . -27.21 9.92 -26.09
C6A NAI N . -28.37 9.38 -26.62
N6A NAI N . -29.33 9.46 -27.77
N1A NAI N . -28.99 8.40 -25.97
C2A NAI N . -28.48 7.94 -24.79
N3A NAI N . -27.33 8.47 -24.26
C4A NAI N . -26.71 9.47 -24.94
O3 NAI N . -22.01 14.24 -18.87
PN NAI N . -22.39 14.23 -17.28
O1N NAI N . -21.25 14.85 -16.49
O2N NAI N . -22.73 12.85 -16.87
O5D NAI N . -23.73 15.21 -17.23
C5D NAI N . -24.83 14.76 -18.00
C4D NAI N . -25.87 15.92 -18.02
O4D NAI N . -26.14 16.18 -16.75
C3D NAI N . -25.21 17.17 -18.56
O3D NAI N . -26.05 17.80 -19.47
C2D NAI N . -25.01 18.03 -17.29
O2D NAI N . -24.90 19.48 -17.60
C1D NAI N . -26.11 17.76 -16.66
N1N NAI N . -26.07 18.15 -15.24
C2N NAI N . -27.28 18.69 -14.67
C3N NAI N . -27.27 19.33 -13.26
C7N NAI N . -28.59 19.93 -12.76
O7N NAI N . -28.68 20.38 -11.67
N7N NAI N . -29.73 19.95 -13.70
C4N NAI N . -26.02 19.28 -12.36
C5N NAI N . -24.92 18.36 -12.95
C6N NAI N . -24.87 18.03 -14.44
C21 9YA O . -25.92 25.60 -21.38
C20 9YA O . -25.90 25.54 -19.99
C19 9YA O . -25.04 24.67 -19.31
C22 9YA O . -25.06 24.78 -22.11
C23 9YA O . -24.19 23.93 -21.44
C12 9YA O . -25.46 25.70 -14.31
C13 9YA O . -24.27 26.51 -13.86
C18 9YA O . -25.03 24.62 -17.82
C15 9YA O . -23.05 25.86 -13.25
C14 9YA O . -24.01 26.65 -12.37
C05 9YA O . -30.07 27.25 -18.15
C06 9YA O . -29.61 26.07 -17.62
C07 9YA O . -28.28 25.99 -17.23
C08 9YA O . -27.43 27.08 -17.40
C09 9YA O . -25.96 27.01 -17.00
C10 9YA O . -25.43 25.61 -16.86
C11 9YA O . -25.19 25.03 -15.64
C24 9YA O . -24.18 23.87 -20.05
C25 9YA O . -26.87 26.53 -22.07
C26 9YA O . -27.19 26.35 -23.40
C27 9YA O . -28.07 27.21 -24.04
C28 9YA O . -28.64 28.27 -23.35
C29 9YA O . -28.32 28.46 -22.01
C30 9YA O . -27.44 27.59 -21.38
C31 9YA O . -24.31 22.86 -14.89
C33 9YA O . -24.06 21.94 -12.85
C34 9YA O . -23.20 21.14 -13.46
C36 9YA O . -24.39 21.88 -11.35
C39 9YA O . -27.93 28.25 -17.96
C40 9YA O . -29.25 28.33 -18.35
N01 9YA O . -32.58 28.22 -17.46
N16 9YA O . -24.73 23.77 -15.85
N17 9YA O . -24.60 23.53 -17.22
N32 9YA O . -24.66 22.90 -13.67
O03 9YA O . -32.30 25.92 -18.80
O04 9YA O . -31.83 28.28 -19.97
O37 9YA O . -25.23 22.72 -10.97
O38 9YA O . -23.73 21.01 -10.73
S02 9YA O . -31.79 27.38 -18.69
S35 9YA O . -23.09 21.57 -15.22
C1 EDO P . -21.11 24.97 -17.07
O1 EDO P . -21.14 25.87 -18.20
C2 EDO P . -20.19 23.79 -17.36
O2 EDO P . -20.83 22.81 -18.20
C1 EDO Q . -17.76 26.39 -16.96
O1 EDO Q . -17.23 25.08 -17.20
C2 EDO Q . -17.17 27.39 -17.96
O2 EDO Q . -17.88 28.63 -17.85
C1 EDO R . -19.30 32.30 1.87
O1 EDO R . -19.55 33.65 2.30
C2 EDO R . -20.63 31.62 1.59
O2 EDO R . -21.45 31.72 2.76
C1 EDO S . -36.09 21.22 -1.05
O1 EDO S . -36.25 20.72 0.29
C2 EDO S . -34.62 21.57 -1.30
O2 EDO S . -34.19 22.51 -0.31
PA NAI T . 26.92 -4.26 -17.47
O1A NAI T . 25.69 -3.38 -17.33
O2A NAI T . 28.19 -3.46 -17.28
O5B NAI T . 26.97 -4.94 -18.98
C5B NAI T . 25.75 -5.31 -19.59
C4B NAI T . 25.95 -5.01 -21.13
O4B NAI T . 24.65 -5.53 -21.84
C3B NAI T . 26.02 -3.76 -21.31
O3B NAI T . 27.20 -3.32 -22.07
C2B NAI T . 24.70 -3.37 -22.25
O2B NAI T . 25.01 -2.23 -23.10
C1B NAI T . 24.45 -4.43 -22.91
N9A NAI T . 23.03 -4.36 -23.27
C8A NAI T . 21.92 -3.80 -22.79
N7A NAI T . 20.93 -4.09 -23.66
C5A NAI T . 21.44 -4.81 -24.66
C6A NAI T . 20.81 -5.33 -25.78
N6A NAI T . 19.49 -5.45 -26.48
N1A NAI T . 21.52 -6.02 -26.66
C2A NAI T . 22.86 -6.21 -26.46
N3A NAI T . 23.48 -5.70 -25.35
C4A NAI T . 22.75 -4.99 -24.45
O3 NAI T . 26.74 -5.46 -16.38
PN NAI T . 27.81 -6.62 -15.99
O1N NAI T . 28.53 -6.24 -14.72
O2N NAI T . 28.74 -6.81 -17.14
O5D NAI T . 26.90 -7.99 -15.74
C5D NAI T . 26.02 -8.31 -16.79
C4D NAI T . 25.09 -9.40 -16.21
O4D NAI T . 25.85 -10.36 -15.70
C3D NAI T . 24.32 -8.82 -15.03
O3D NAI T . 22.98 -9.14 -15.17
C2D NAI T . 24.96 -9.56 -13.83
O2D NAI T . 24.07 -9.61 -12.64
C1D NAI T . 25.14 -10.74 -14.34
N1N NAI T . 26.03 -11.57 -13.53
C2N NAI T . 25.74 -12.97 -13.40
C3N NAI T . 26.51 -13.86 -12.41
C7N NAI T . 26.05 -15.31 -12.26
O7N NAI T . 26.62 -16.04 -11.52
N7N NAI T . 24.89 -15.79 -13.09
C4N NAI T . 27.74 -13.35 -11.64
C5N NAI T . 28.16 -11.92 -12.09
C6N NAI T . 27.20 -11.00 -12.86
C21 9YA U . 17.62 -9.59 -9.20
C20 9YA U . 18.73 -10.30 -8.73
C19 9YA U . 20.03 -9.88 -8.99
C22 9YA U . 17.83 -8.46 -9.96
C23 9YA U . 19.12 -8.03 -10.25
C12 9YA U . 23.17 -13.06 -6.52
C13 9YA U . 23.68 -12.46 -5.23
C18 9YA U . 21.18 -10.65 -8.48
C15 9YA U . 24.99 -11.72 -5.21
C14 9YA U . 24.90 -13.09 -4.58
C05 9YA U . 17.63 -14.91 -8.64
C06 9YA U . 17.25 -14.42 -7.40
C07 9YA U . 18.12 -13.58 -6.71
C08 9YA U . 19.35 -13.24 -7.27
C09 9YA U . 20.28 -12.29 -6.54
C10 9YA U . 21.28 -11.66 -7.46
C11 9YA U . 22.59 -12.02 -7.44
C24 9YA U . 20.21 -8.74 -9.76
C25 9YA U . 16.24 -10.07 -8.89
C26 9YA U . 16.05 -11.16 -8.05
C27 9YA U . 14.78 -11.62 -7.78
C28 9YA U . 13.67 -10.99 -8.33
C29 9YA U . 13.86 -9.91 -9.16
C30 9YA U . 15.13 -9.46 -9.45
C31 9YA U . 24.59 -11.28 -8.68
C33 9YA U . 26.71 -11.92 -8.69
C34 9YA U . 26.95 -10.71 -9.16
C36 9YA U . 27.79 -12.97 -8.43
C39 9YA U . 19.68 -13.73 -8.52
C40 9YA U . 18.83 -14.58 -9.21
N01 9YA U . 16.61 -17.48 -8.77
N16 9YA U . 23.23 -11.30 -8.40
N17 9YA U . 22.36 -10.42 -9.02
N32 9YA U . 25.37 -12.23 -8.41
O03 9YA U . 16.77 -15.93 -11.03
O04 9YA U . 14.99 -15.51 -9.10
O37 9YA U . 27.34 -14.06 -8.02
O38 9YA U . 28.95 -12.55 -8.63
S02 9YA U . 16.44 -15.97 -9.49
S35 9YA U . 25.40 -9.78 -9.28
C1 EDO V . 23.55 -7.59 -6.72
O1 EDO V . 23.91 -6.27 -7.13
C2 EDO V . 22.03 -7.72 -6.82
O2 EDO V . 21.42 -7.07 -5.70
C1 EDO W . 34.42 -18.27 6.89
O1 EDO W . 34.12 -18.87 8.16
C2 EDO W . 34.04 -19.24 5.76
O2 EDO W . 34.85 -20.41 5.84
C1 EDO X . 16.72 -18.75 2.47
O1 EDO X . 16.99 -20.09 2.03
C2 EDO X . 16.33 -17.88 1.28
O2 EDO X . 15.14 -18.37 0.66
C1 EDO Y . 13.15 -15.70 -6.25
O1 EDO Y . 12.48 -16.90 -6.69
C2 EDO Y . 12.51 -14.50 -6.93
O2 EDO Y . 11.49 -14.00 -6.05
#